data_6O6D
# 
_entry.id   6O6D 
# 
_audit_conform.dict_name       mmcif_pdbx.dic 
_audit_conform.dict_version    5.397 
_audit_conform.dict_location   http://mmcif.pdb.org/dictionaries/ascii/mmcif_pdbx.dic 
# 
loop_
_database_2.database_id 
_database_2.database_code 
_database_2.pdbx_database_accession 
_database_2.pdbx_DOI 
PDB   6O6D         pdb_00006o6d 10.2210/pdb6o6d/pdb 
WWPDB D_1000240115 ?            ?                   
# 
loop_
_pdbx_audit_revision_history.ordinal 
_pdbx_audit_revision_history.data_content_type 
_pdbx_audit_revision_history.major_revision 
_pdbx_audit_revision_history.minor_revision 
_pdbx_audit_revision_history.revision_date 
1 'Structure model' 1 0 2019-03-13 
2 'Structure model' 1 1 2019-12-18 
3 'Structure model' 1 2 2024-10-16 
# 
_pdbx_audit_revision_details.ordinal             1 
_pdbx_audit_revision_details.revision_ordinal    1 
_pdbx_audit_revision_details.data_content_type   'Structure model' 
_pdbx_audit_revision_details.provider            repository 
_pdbx_audit_revision_details.type                'Initial release' 
_pdbx_audit_revision_details.description         ? 
_pdbx_audit_revision_details.details             ? 
# 
loop_
_pdbx_audit_revision_group.ordinal 
_pdbx_audit_revision_group.revision_ordinal 
_pdbx_audit_revision_group.data_content_type 
_pdbx_audit_revision_group.group 
1 2 'Structure model' 'Author supporting evidence' 
2 3 'Structure model' 'Data collection'            
3 3 'Structure model' 'Database references'        
4 3 'Structure model' 'Structure summary'          
# 
loop_
_pdbx_audit_revision_category.ordinal 
_pdbx_audit_revision_category.revision_ordinal 
_pdbx_audit_revision_category.data_content_type 
_pdbx_audit_revision_category.category 
1 2 'Structure model' pdbx_audit_support        
2 3 'Structure model' chem_comp_atom            
3 3 'Structure model' chem_comp_bond            
4 3 'Structure model' database_2                
5 3 'Structure model' pdbx_entry_details        
6 3 'Structure model' pdbx_modification_feature 
# 
loop_
_pdbx_audit_revision_item.ordinal 
_pdbx_audit_revision_item.revision_ordinal 
_pdbx_audit_revision_item.data_content_type 
_pdbx_audit_revision_item.item 
1 2 'Structure model' '_pdbx_audit_support.funding_organization' 
2 3 'Structure model' '_database_2.pdbx_DOI'                     
3 3 'Structure model' '_database_2.pdbx_database_accession'      
# 
_pdbx_database_status.status_code                     REL 
_pdbx_database_status.status_code_sf                  REL 
_pdbx_database_status.status_code_mr                  ? 
_pdbx_database_status.entry_id                        6O6D 
_pdbx_database_status.recvd_initial_deposition_date   2019-03-06 
_pdbx_database_status.SG_entry                        Y 
_pdbx_database_status.deposit_site                    RCSB 
_pdbx_database_status.process_site                    RCSB 
_pdbx_database_status.status_code_cs                  ? 
_pdbx_database_status.methods_development_category    ? 
_pdbx_database_status.pdb_format_compatible           Y 
_pdbx_database_status.status_code_nmr_data            ? 
# 
_pdbx_database_related.content_type   unspecified 
_pdbx_database_related.db_id          CSGID-IDP06157 
_pdbx_database_related.db_name        TargetTrack 
_pdbx_database_related.details        . 
# 
loop_
_audit_author.name 
_audit_author.pdbx_ordinal 
_audit_author.identifier_ORCID 
'Osipiuk, J.'                                                   1 ? 
'Tesar, C.'                                                     2 ? 
'Endres, M.'                                                    3 ? 
'Joachimiak, A.'                                                4 ? 
'Center for Structural Genomics of Infectious Diseases (CSGID)' 5 ? 
# 
_citation.abstract                  ? 
_citation.abstract_id_CAS           ? 
_citation.book_id_ISBN              ? 
_citation.book_publisher            ? 
_citation.book_publisher_city       ? 
_citation.book_title                ? 
_citation.coordinate_linkage        ? 
_citation.country                   ? 
_citation.database_id_Medline       ? 
_citation.details                   ? 
_citation.id                        primary 
_citation.journal_abbrev            'to be published' 
_citation.journal_id_ASTM           ? 
_citation.journal_id_CSD            0353 
_citation.journal_id_ISSN           ? 
_citation.journal_full              ? 
_citation.journal_issue             ? 
_citation.journal_volume            ? 
_citation.language                  ? 
_citation.page_first                ? 
_citation.page_last                 ? 
_citation.title                     'N-terminal domain of translation initiation factor IF-3 from Helicobacter pylori' 
_citation.year                      ? 
_citation.database_id_CSD           ? 
_citation.pdbx_database_id_DOI      ? 
_citation.pdbx_database_id_PubMed   ? 
_citation.unpublished_flag          ? 
# 
loop_
_citation_author.citation_id 
_citation_author.name 
_citation_author.ordinal 
_citation_author.identifier_ORCID 
primary 'Osipiuk, J.'                                                   1 ? 
primary 'Tesar, C.'                                                     2 ? 
primary 'Endres, M.'                                                    3 ? 
primary 'Joachimiak, A.'                                                4 ? 
primary 'Center for Structural Genomics of Infectious Diseases (CSGID)' 5 ? 
# 
loop_
_entity.id 
_entity.type 
_entity.src_method 
_entity.pdbx_description 
_entity.formula_weight 
_entity.pdbx_number_of_molecules 
_entity.pdbx_ec 
_entity.pdbx_mutation 
_entity.pdbx_fragment 
_entity.details 
1 polymer man 'Translation initiation factor IF-3' 8931.118 1  ? ? ? ? 
2 water   nat water                                18.015   32 ? ? ? ? 
# 
_entity_poly.entity_id                      1 
_entity_poly.type                           'polypeptide(L)' 
_entity_poly.nstd_linkage                   no 
_entity_poly.nstd_monomer                   yes 
_entity_poly.pdbx_seq_one_letter_code       
;SNALSRNEVLLNGDINFKEVRCVGDNGEVYGIISSKEALKIAQNLGLDLVLISASAKPPVCKV(MSE)DYNKFRYQNEKK
IKEA
;
_entity_poly.pdbx_seq_one_letter_code_can   SNALSRNEVLLNGDINFKEVRCVGDNGEVYGIISSKEALKIAQNLGLDLVLISASAKPPVCKVMDYNKFRYQNEKKIKEA 
_entity_poly.pdbx_strand_id                 A 
_entity_poly.pdbx_target_identifier         CSGID-IDP06157 
# 
_pdbx_entity_nonpoly.entity_id   2 
_pdbx_entity_nonpoly.name        water 
_pdbx_entity_nonpoly.comp_id     HOH 
# 
loop_
_entity_poly_seq.entity_id 
_entity_poly_seq.num 
_entity_poly_seq.mon_id 
_entity_poly_seq.hetero 
1 1  SER n 
1 2  ASN n 
1 3  ALA n 
1 4  LEU n 
1 5  SER n 
1 6  ARG n 
1 7  ASN n 
1 8  GLU n 
1 9  VAL n 
1 10 LEU n 
1 11 LEU n 
1 12 ASN n 
1 13 GLY n 
1 14 ASP n 
1 15 ILE n 
1 16 ASN n 
1 17 PHE n 
1 18 LYS n 
1 19 GLU n 
1 20 VAL n 
1 21 ARG n 
1 22 CYS n 
1 23 VAL n 
1 24 GLY n 
1 25 ASP n 
1 26 ASN n 
1 27 GLY n 
1 28 GLU n 
1 29 VAL n 
1 30 TYR n 
1 31 GLY n 
1 32 ILE n 
1 33 ILE n 
1 34 SER n 
1 35 SER n 
1 36 LYS n 
1 37 GLU n 
1 38 ALA n 
1 39 LEU n 
1 40 LYS n 
1 41 ILE n 
1 42 ALA n 
1 43 GLN n 
1 44 ASN n 
1 45 LEU n 
1 46 GLY n 
1 47 LEU n 
1 48 ASP n 
1 49 LEU n 
1 50 VAL n 
1 51 LEU n 
1 52 ILE n 
1 53 SER n 
1 54 ALA n 
1 55 SER n 
1 56 ALA n 
1 57 LYS n 
1 58 PRO n 
1 59 PRO n 
1 60 VAL n 
1 61 CYS n 
1 62 LYS n 
1 63 VAL n 
1 64 MSE n 
1 65 ASP n 
1 66 TYR n 
1 67 ASN n 
1 68 LYS n 
1 69 PHE n 
1 70 ARG n 
1 71 TYR n 
1 72 GLN n 
1 73 ASN n 
1 74 GLU n 
1 75 LYS n 
1 76 LYS n 
1 77 ILE n 
1 78 LYS n 
1 79 GLU n 
1 80 ALA n 
# 
_entity_src_gen.entity_id                          1 
_entity_src_gen.pdbx_src_id                        1 
_entity_src_gen.pdbx_alt_source_flag               sample 
_entity_src_gen.pdbx_seq_type                      'Biological sequence' 
_entity_src_gen.pdbx_beg_seq_num                   1 
_entity_src_gen.pdbx_end_seq_num                   80 
_entity_src_gen.gene_src_common_name               ? 
_entity_src_gen.gene_src_genus                     ? 
_entity_src_gen.pdbx_gene_src_gene                 'infC, jhp_0114' 
_entity_src_gen.gene_src_species                   ? 
_entity_src_gen.gene_src_strain                    'J99 / ATCC 700824' 
_entity_src_gen.gene_src_tissue                    ? 
_entity_src_gen.gene_src_tissue_fraction           ? 
_entity_src_gen.gene_src_details                   ? 
_entity_src_gen.pdbx_gene_src_fragment             ? 
_entity_src_gen.pdbx_gene_src_scientific_name      'Helicobacter pylori J99' 
_entity_src_gen.pdbx_gene_src_ncbi_taxonomy_id     85963 
_entity_src_gen.pdbx_gene_src_variant              ? 
_entity_src_gen.pdbx_gene_src_cell_line            ? 
_entity_src_gen.pdbx_gene_src_atcc                 ? 
_entity_src_gen.pdbx_gene_src_organ                ? 
_entity_src_gen.pdbx_gene_src_organelle            ? 
_entity_src_gen.pdbx_gene_src_cell                 ? 
_entity_src_gen.pdbx_gene_src_cellular_location    ? 
_entity_src_gen.host_org_common_name               ? 
_entity_src_gen.pdbx_host_org_scientific_name      'Escherichia coli BL21' 
_entity_src_gen.pdbx_host_org_ncbi_taxonomy_id     511693 
_entity_src_gen.host_org_genus                     ? 
_entity_src_gen.pdbx_host_org_gene                 ? 
_entity_src_gen.pdbx_host_org_organ                ? 
_entity_src_gen.host_org_species                   ? 
_entity_src_gen.pdbx_host_org_tissue               ? 
_entity_src_gen.pdbx_host_org_tissue_fraction      ? 
_entity_src_gen.pdbx_host_org_strain               'BL21-Gold (DE3)' 
_entity_src_gen.pdbx_host_org_variant              ? 
_entity_src_gen.pdbx_host_org_cell_line            ? 
_entity_src_gen.pdbx_host_org_atcc                 ? 
_entity_src_gen.pdbx_host_org_culture_collection   ? 
_entity_src_gen.pdbx_host_org_cell                 ? 
_entity_src_gen.pdbx_host_org_organelle            ? 
_entity_src_gen.pdbx_host_org_cellular_location    ? 
_entity_src_gen.pdbx_host_org_vector_type          plasmid 
_entity_src_gen.pdbx_host_org_vector               ? 
_entity_src_gen.host_org_details                   ? 
_entity_src_gen.expression_system_id               ? 
_entity_src_gen.plasmid_name                       pMCSG53 
_entity_src_gen.plasmid_details                    ? 
_entity_src_gen.pdbx_description                   ? 
# 
loop_
_chem_comp.id 
_chem_comp.type 
_chem_comp.mon_nstd_flag 
_chem_comp.name 
_chem_comp.pdbx_synonyms 
_chem_comp.formula 
_chem_comp.formula_weight 
ALA 'L-peptide linking' y ALANINE          ? 'C3 H7 N O2'     89.093  
ARG 'L-peptide linking' y ARGININE         ? 'C6 H15 N4 O2 1' 175.209 
ASN 'L-peptide linking' y ASPARAGINE       ? 'C4 H8 N2 O3'    132.118 
ASP 'L-peptide linking' y 'ASPARTIC ACID'  ? 'C4 H7 N O4'     133.103 
CYS 'L-peptide linking' y CYSTEINE         ? 'C3 H7 N O2 S'   121.158 
GLN 'L-peptide linking' y GLUTAMINE        ? 'C5 H10 N2 O3'   146.144 
GLU 'L-peptide linking' y 'GLUTAMIC ACID'  ? 'C5 H9 N O4'     147.129 
GLY 'peptide linking'   y GLYCINE          ? 'C2 H5 N O2'     75.067  
HOH non-polymer         . WATER            ? 'H2 O'           18.015  
ILE 'L-peptide linking' y ISOLEUCINE       ? 'C6 H13 N O2'    131.173 
LEU 'L-peptide linking' y LEUCINE          ? 'C6 H13 N O2'    131.173 
LYS 'L-peptide linking' y LYSINE           ? 'C6 H15 N2 O2 1' 147.195 
MSE 'L-peptide linking' n SELENOMETHIONINE ? 'C5 H11 N O2 Se' 196.106 
PHE 'L-peptide linking' y PHENYLALANINE    ? 'C9 H11 N O2'    165.189 
PRO 'L-peptide linking' y PROLINE          ? 'C5 H9 N O2'     115.130 
SER 'L-peptide linking' y SERINE           ? 'C3 H7 N O3'     105.093 
TYR 'L-peptide linking' y TYROSINE         ? 'C9 H11 N O3'    181.189 
VAL 'L-peptide linking' y VALINE           ? 'C5 H11 N O2'    117.146 
# 
loop_
_pdbx_poly_seq_scheme.asym_id 
_pdbx_poly_seq_scheme.entity_id 
_pdbx_poly_seq_scheme.seq_id 
_pdbx_poly_seq_scheme.mon_id 
_pdbx_poly_seq_scheme.ndb_seq_num 
_pdbx_poly_seq_scheme.pdb_seq_num 
_pdbx_poly_seq_scheme.auth_seq_num 
_pdbx_poly_seq_scheme.pdb_mon_id 
_pdbx_poly_seq_scheme.auth_mon_id 
_pdbx_poly_seq_scheme.pdb_strand_id 
_pdbx_poly_seq_scheme.pdb_ins_code 
_pdbx_poly_seq_scheme.hetero 
A 1 1  SER 1  -2 ?  ?   ?   A . n 
A 1 2  ASN 2  -1 ?  ?   ?   A . n 
A 1 3  ALA 3  0  ?  ?   ?   A . n 
A 1 4  LEU 4  1  ?  ?   ?   A . n 
A 1 5  SER 5  2  ?  ?   ?   A . n 
A 1 6  ARG 6  3  ?  ?   ?   A . n 
A 1 7  ASN 7  4  ?  ?   ?   A . n 
A 1 8  GLU 8  5  5  GLU GLU A . n 
A 1 9  VAL 9  6  6  VAL VAL A . n 
A 1 10 LEU 10 7  7  LEU LEU A . n 
A 1 11 LEU 11 8  8  LEU LEU A . n 
A 1 12 ASN 12 9  9  ASN ASN A . n 
A 1 13 GLY 13 10 10 GLY GLY A . n 
A 1 14 ASP 14 11 11 ASP ASP A . n 
A 1 15 ILE 15 12 12 ILE ILE A . n 
A 1 16 ASN 16 13 13 ASN ASN A . n 
A 1 17 PHE 17 14 14 PHE PHE A . n 
A 1 18 LYS 18 15 15 LYS LYS A . n 
A 1 19 GLU 19 16 16 GLU GLU A . n 
A 1 20 VAL 20 17 17 VAL VAL A . n 
A 1 21 ARG 21 18 18 ARG ARG A . n 
A 1 22 CYS 22 19 19 CYS CYS A . n 
A 1 23 VAL 23 20 20 VAL VAL A . n 
A 1 24 GLY 24 21 21 GLY GLY A . n 
A 1 25 ASP 25 22 22 ASP ASP A . n 
A 1 26 ASN 26 23 23 ASN ASN A . n 
A 1 27 GLY 27 24 24 GLY GLY A . n 
A 1 28 GLU 28 25 25 GLU GLU A . n 
A 1 29 VAL 29 26 26 VAL VAL A . n 
A 1 30 TYR 30 27 27 TYR TYR A . n 
A 1 31 GLY 31 28 28 GLY GLY A . n 
A 1 32 ILE 32 29 29 ILE ILE A . n 
A 1 33 ILE 33 30 30 ILE ILE A . n 
A 1 34 SER 34 31 31 SER SER A . n 
A 1 35 SER 35 32 32 SER SER A . n 
A 1 36 LYS 36 33 33 LYS LYS A . n 
A 1 37 GLU 37 34 34 GLU GLU A . n 
A 1 38 ALA 38 35 35 ALA ALA A . n 
A 1 39 LEU 39 36 36 LEU LEU A . n 
A 1 40 LYS 40 37 37 LYS LYS A . n 
A 1 41 ILE 41 38 38 ILE ILE A . n 
A 1 42 ALA 42 39 39 ALA ALA A . n 
A 1 43 GLN 43 40 40 GLN GLN A . n 
A 1 44 ASN 44 41 41 ASN ASN A . n 
A 1 45 LEU 45 42 42 LEU LEU A . n 
A 1 46 GLY 46 43 43 GLY GLY A . n 
A 1 47 LEU 47 44 44 LEU LEU A . n 
A 1 48 ASP 48 45 45 ASP ASP A . n 
A 1 49 LEU 49 46 46 LEU LEU A . n 
A 1 50 VAL 50 47 47 VAL VAL A . n 
A 1 51 LEU 51 48 48 LEU LEU A . n 
A 1 52 ILE 52 49 49 ILE ILE A . n 
A 1 53 SER 53 50 50 SER SER A . n 
A 1 54 ALA 54 51 51 ALA ALA A . n 
A 1 55 SER 55 52 52 SER SER A . n 
A 1 56 ALA 56 53 53 ALA ALA A . n 
A 1 57 LYS 57 54 54 LYS LYS A . n 
A 1 58 PRO 58 55 55 PRO PRO A . n 
A 1 59 PRO 59 56 56 PRO PRO A . n 
A 1 60 VAL 60 57 57 VAL VAL A . n 
A 1 61 CYS 61 58 58 CYS CYS A . n 
A 1 62 LYS 62 59 59 LYS LYS A . n 
A 1 63 VAL 63 60 60 VAL VAL A . n 
A 1 64 MSE 64 61 61 MSE MSE A . n 
A 1 65 ASP 65 62 62 ASP ASP A . n 
A 1 66 TYR 66 63 63 TYR TYR A . n 
A 1 67 ASN 67 64 64 ASN ASN A . n 
A 1 68 LYS 68 65 65 LYS LYS A . n 
A 1 69 PHE 69 66 66 PHE PHE A . n 
A 1 70 ARG 70 67 67 ARG ARG A . n 
A 1 71 TYR 71 68 68 TYR TYR A . n 
A 1 72 GLN 72 69 69 GLN GLN A . n 
A 1 73 ASN 73 70 70 ASN ASN A . n 
A 1 74 GLU 74 71 ?  ?   ?   A . n 
A 1 75 LYS 75 72 ?  ?   ?   A . n 
A 1 76 LYS 76 73 ?  ?   ?   A . n 
A 1 77 ILE 77 74 ?  ?   ?   A . n 
A 1 78 LYS 78 75 ?  ?   ?   A . n 
A 1 79 GLU 79 76 ?  ?   ?   A . n 
A 1 80 ALA 80 77 ?  ?   ?   A . n 
# 
loop_
_pdbx_nonpoly_scheme.asym_id 
_pdbx_nonpoly_scheme.entity_id 
_pdbx_nonpoly_scheme.mon_id 
_pdbx_nonpoly_scheme.ndb_seq_num 
_pdbx_nonpoly_scheme.pdb_seq_num 
_pdbx_nonpoly_scheme.auth_seq_num 
_pdbx_nonpoly_scheme.pdb_mon_id 
_pdbx_nonpoly_scheme.auth_mon_id 
_pdbx_nonpoly_scheme.pdb_strand_id 
_pdbx_nonpoly_scheme.pdb_ins_code 
B 2 HOH 1  101 13 HOH HOH A . 
B 2 HOH 2  102 25 HOH HOH A . 
B 2 HOH 3  103 17 HOH HOH A . 
B 2 HOH 4  104 22 HOH HOH A . 
B 2 HOH 5  105 30 HOH HOH A . 
B 2 HOH 6  106 7  HOH HOH A . 
B 2 HOH 7  107 2  HOH HOH A . 
B 2 HOH 8  108 11 HOH HOH A . 
B 2 HOH 9  109 24 HOH HOH A . 
B 2 HOH 10 110 1  HOH HOH A . 
B 2 HOH 11 111 8  HOH HOH A . 
B 2 HOH 12 112 12 HOH HOH A . 
B 2 HOH 13 113 4  HOH HOH A . 
B 2 HOH 14 114 6  HOH HOH A . 
B 2 HOH 15 115 3  HOH HOH A . 
B 2 HOH 16 116 16 HOH HOH A . 
B 2 HOH 17 117 31 HOH HOH A . 
B 2 HOH 18 118 18 HOH HOH A . 
B 2 HOH 19 119 20 HOH HOH A . 
B 2 HOH 20 120 32 HOH HOH A . 
B 2 HOH 21 121 21 HOH HOH A . 
B 2 HOH 22 122 5  HOH HOH A . 
B 2 HOH 23 123 28 HOH HOH A . 
B 2 HOH 24 124 27 HOH HOH A . 
B 2 HOH 25 125 29 HOH HOH A . 
B 2 HOH 26 126 15 HOH HOH A . 
B 2 HOH 27 127 9  HOH HOH A . 
B 2 HOH 28 128 10 HOH HOH A . 
B 2 HOH 29 129 19 HOH HOH A . 
B 2 HOH 30 130 14 HOH HOH A . 
B 2 HOH 31 131 23 HOH HOH A . 
B 2 HOH 32 132 26 HOH HOH A . 
# 
loop_
_software.citation_id 
_software.classification 
_software.compiler_name 
_software.compiler_version 
_software.contact_author 
_software.contact_author_email 
_software.date 
_software.description 
_software.dependencies 
_software.hardware 
_software.language 
_software.location 
_software.mods 
_software.name 
_software.os 
_software.os_version 
_software.type 
_software.version 
_software.pdbx_ordinal 
? 'data scaling'    ? ? ? ? ? ? ? ? ? ? ? HKL-3000    ? ? ? .        1 
? refinement        ? ? ? ? ? ? ? ? ? ? ? REFMAC      ? ? ? 5.8.0232 2 
? 'data extraction' ? ? ? ? ? ? ? ? ? ? ? PDB_EXTRACT ? ? ? 3.24     3 
? 'data reduction'  ? ? ? ? ? ? ? ? ? ? ? HKL-3000    ? ? ? .        4 
? phasing           ? ? ? ? ? ? ? ? ? ? ? HKL-3000    ? ? ? .        5 
# 
_cell.angle_alpha                  90.000 
_cell.angle_alpha_esd              ? 
_cell.angle_beta                   90.000 
_cell.angle_beta_esd               ? 
_cell.angle_gamma                  90.000 
_cell.angle_gamma_esd              ? 
_cell.entry_id                     6O6D 
_cell.details                      ? 
_cell.formula_units_Z              ? 
_cell.length_a                     56.468 
_cell.length_a_esd                 ? 
_cell.length_b                     56.468 
_cell.length_b_esd                 ? 
_cell.length_c                     55.142 
_cell.length_c_esd                 ? 
_cell.volume                       ? 
_cell.volume_esd                   ? 
_cell.Z_PDB                        8 
_cell.reciprocal_angle_alpha       ? 
_cell.reciprocal_angle_beta        ? 
_cell.reciprocal_angle_gamma       ? 
_cell.reciprocal_angle_alpha_esd   ? 
_cell.reciprocal_angle_beta_esd    ? 
_cell.reciprocal_angle_gamma_esd   ? 
_cell.reciprocal_length_a          ? 
_cell.reciprocal_length_b          ? 
_cell.reciprocal_length_c          ? 
_cell.reciprocal_length_a_esd      ? 
_cell.reciprocal_length_b_esd      ? 
_cell.reciprocal_length_c_esd      ? 
_cell.pdbx_unique_axis             ? 
# 
_symmetry.entry_id                         6O6D 
_symmetry.cell_setting                     ? 
_symmetry.Int_Tables_number                92 
_symmetry.space_group_name_Hall            ? 
_symmetry.space_group_name_H-M             'P 41 21 2' 
_symmetry.pdbx_full_space_group_name_H-M   ? 
# 
_exptl.absorpt_coefficient_mu     ? 
_exptl.absorpt_correction_T_max   ? 
_exptl.absorpt_correction_T_min   ? 
_exptl.absorpt_correction_type    ? 
_exptl.absorpt_process_details    ? 
_exptl.entry_id                   6O6D 
_exptl.crystals_number            1 
_exptl.details                    ? 
_exptl.method                     'X-RAY DIFFRACTION' 
_exptl.method_details             ? 
# 
_exptl_crystal.colour                      ? 
_exptl_crystal.density_diffrn              ? 
_exptl_crystal.density_Matthews            2.46 
_exptl_crystal.density_method              ? 
_exptl_crystal.density_percent_sol         50.02 
_exptl_crystal.description                 ? 
_exptl_crystal.F_000                       ? 
_exptl_crystal.id                          1 
_exptl_crystal.preparation                 ? 
_exptl_crystal.size_max                    ? 
_exptl_crystal.size_mid                    ? 
_exptl_crystal.size_min                    ? 
_exptl_crystal.size_rad                    ? 
_exptl_crystal.colour_lustre               ? 
_exptl_crystal.colour_modifier             ? 
_exptl_crystal.colour_primary              ? 
_exptl_crystal.density_meas                ? 
_exptl_crystal.density_meas_esd            ? 
_exptl_crystal.density_meas_gt             ? 
_exptl_crystal.density_meas_lt             ? 
_exptl_crystal.density_meas_temp           ? 
_exptl_crystal.density_meas_temp_esd       ? 
_exptl_crystal.density_meas_temp_gt        ? 
_exptl_crystal.density_meas_temp_lt        ? 
_exptl_crystal.pdbx_crystal_image_url      ? 
_exptl_crystal.pdbx_crystal_image_format   ? 
_exptl_crystal.pdbx_mosaicity              ? 
_exptl_crystal.pdbx_mosaicity_esd          ? 
# 
_exptl_crystal_grow.apparatus       ? 
_exptl_crystal_grow.atmosphere      ? 
_exptl_crystal_grow.crystal_id      1 
_exptl_crystal_grow.details         ? 
_exptl_crystal_grow.method          'VAPOR DIFFUSION, SITTING DROP' 
_exptl_crystal_grow.method_ref      ? 
_exptl_crystal_grow.pH              7.5 
_exptl_crystal_grow.pressure        ? 
_exptl_crystal_grow.pressure_esd    ? 
_exptl_crystal_grow.seeding         ? 
_exptl_crystal_grow.seeding_ref     ? 
_exptl_crystal_grow.temp            289 
_exptl_crystal_grow.temp_details    ? 
_exptl_crystal_grow.temp_esd        ? 
_exptl_crystal_grow.time            ? 
_exptl_crystal_grow.pdbx_details    '0.09 M HEPES-NaOH buffer, 1.26 M sodium citrate, 10% glycerol' 
_exptl_crystal_grow.pdbx_pH_range   ? 
# 
_diffrn.ambient_environment              ? 
_diffrn.ambient_temp                     100 
_diffrn.ambient_temp_details             ? 
_diffrn.ambient_temp_esd                 ? 
_diffrn.crystal_id                       1 
_diffrn.crystal_support                  ? 
_diffrn.crystal_treatment                ? 
_diffrn.details                          ? 
_diffrn.id                               1 
_diffrn.ambient_pressure                 ? 
_diffrn.ambient_pressure_esd             ? 
_diffrn.ambient_pressure_gt              ? 
_diffrn.ambient_pressure_lt              ? 
_diffrn.ambient_temp_gt                  ? 
_diffrn.ambient_temp_lt                  ? 
_diffrn.pdbx_serial_crystal_experiment   N 
# 
_diffrn_detector.details                      ? 
_diffrn_detector.detector                     CCD 
_diffrn_detector.diffrn_id                    1 
_diffrn_detector.type                         'ADSC QUANTUM 210r' 
_diffrn_detector.area_resol_mean              ? 
_diffrn_detector.dtime                        ? 
_diffrn_detector.pdbx_frames_total            ? 
_diffrn_detector.pdbx_collection_time_total   ? 
_diffrn_detector.pdbx_collection_date         2019-02-27 
_diffrn_detector.pdbx_frequency               ? 
# 
_diffrn_radiation.collimation                      ? 
_diffrn_radiation.diffrn_id                        1 
_diffrn_radiation.filter_edge                      ? 
_diffrn_radiation.inhomogeneity                    ? 
_diffrn_radiation.monochromator                    ? 
_diffrn_radiation.polarisn_norm                    ? 
_diffrn_radiation.polarisn_ratio                   ? 
_diffrn_radiation.probe                            ? 
_diffrn_radiation.type                             ? 
_diffrn_radiation.xray_symbol                      ? 
_diffrn_radiation.wavelength_id                    1 
_diffrn_radiation.pdbx_monochromatic_or_laue_m_l   M 
_diffrn_radiation.pdbx_wavelength_list             ? 
_diffrn_radiation.pdbx_wavelength                  ? 
_diffrn_radiation.pdbx_diffrn_protocol             'SINGLE WAVELENGTH' 
_diffrn_radiation.pdbx_analyzer                    ? 
_diffrn_radiation.pdbx_scattering_type             x-ray 
# 
_diffrn_radiation_wavelength.id           1 
_diffrn_radiation_wavelength.wavelength   0.9792 
_diffrn_radiation_wavelength.wt           1.0 
# 
_diffrn_source.current                     ? 
_diffrn_source.details                     ? 
_diffrn_source.diffrn_id                   1 
_diffrn_source.power                       ? 
_diffrn_source.size                        ? 
_diffrn_source.source                      SYNCHROTRON 
_diffrn_source.target                      ? 
_diffrn_source.type                        'APS BEAMLINE 19-BM' 
_diffrn_source.voltage                     ? 
_diffrn_source.take-off_angle              ? 
_diffrn_source.pdbx_wavelength_list        0.9792 
_diffrn_source.pdbx_wavelength             ? 
_diffrn_source.pdbx_synchrotron_beamline   19-BM 
_diffrn_source.pdbx_synchrotron_site       APS 
# 
_reflns.B_iso_Wilson_estimate            ? 
_reflns.entry_id                         6O6D 
_reflns.data_reduction_details           ? 
_reflns.data_reduction_method            ? 
_reflns.d_resolution_high                1.820 
_reflns.d_resolution_low                 39.48 
_reflns.details                          ? 
_reflns.limit_h_max                      ? 
_reflns.limit_h_min                      ? 
_reflns.limit_k_max                      ? 
_reflns.limit_k_min                      ? 
_reflns.limit_l_max                      ? 
_reflns.limit_l_min                      ? 
_reflns.number_all                       ? 
_reflns.number_obs                       8462 
_reflns.observed_criterion               ? 
_reflns.observed_criterion_F_max         ? 
_reflns.observed_criterion_F_min         ? 
_reflns.observed_criterion_I_max         ? 
_reflns.observed_criterion_I_min         ? 
_reflns.observed_criterion_sigma_F       ? 
_reflns.observed_criterion_sigma_I       ? 
_reflns.percent_possible_obs             99.800 
_reflns.R_free_details                   ? 
_reflns.Rmerge_F_all                     ? 
_reflns.Rmerge_F_obs                     ? 
_reflns.Friedel_coverage                 ? 
_reflns.number_gt                        ? 
_reflns.threshold_expression             ? 
_reflns.pdbx_redundancy                  8.300 
_reflns.pdbx_Rmerge_I_obs                0.059 
_reflns.pdbx_Rmerge_I_all                ? 
_reflns.pdbx_Rsym_value                  ? 
_reflns.pdbx_netI_over_av_sigmaI         44.0 
_reflns.pdbx_netI_over_sigmaI            15.500 
_reflns.pdbx_res_netI_over_av_sigmaI_2   ? 
_reflns.pdbx_res_netI_over_sigmaI_2      ? 
_reflns.pdbx_chi_squared                 1.731 
_reflns.pdbx_scaling_rejects             ? 
_reflns.pdbx_d_res_high_opt              ? 
_reflns.pdbx_d_res_low_opt               ? 
_reflns.pdbx_d_res_opt_method            ? 
_reflns.phase_calculation_details        ? 
_reflns.pdbx_Rrim_I_all                  0.063 
_reflns.pdbx_Rpim_I_all                  0.021 
_reflns.pdbx_d_opt                       ? 
_reflns.pdbx_number_measured_all         ? 
_reflns.pdbx_diffrn_id                   1 
_reflns.pdbx_ordinal                     1 
_reflns.pdbx_CC_half                     0.997 
_reflns.pdbx_R_split                     ? 
# 
loop_
_reflns_shell.d_res_high 
_reflns_shell.d_res_low 
_reflns_shell.meanI_over_sigI_all 
_reflns_shell.meanI_over_sigI_obs 
_reflns_shell.number_measured_all 
_reflns_shell.number_measured_obs 
_reflns_shell.number_possible 
_reflns_shell.number_unique_all 
_reflns_shell.number_unique_obs 
_reflns_shell.percent_possible_all 
_reflns_shell.percent_possible_obs 
_reflns_shell.Rmerge_F_all 
_reflns_shell.Rmerge_F_obs 
_reflns_shell.Rmerge_I_all 
_reflns_shell.Rmerge_I_obs 
_reflns_shell.meanI_over_sigI_gt 
_reflns_shell.meanI_over_uI_all 
_reflns_shell.meanI_over_uI_gt 
_reflns_shell.number_measured_gt 
_reflns_shell.number_unique_gt 
_reflns_shell.percent_possible_gt 
_reflns_shell.Rmerge_F_gt 
_reflns_shell.Rmerge_I_gt 
_reflns_shell.pdbx_redundancy 
_reflns_shell.pdbx_Rsym_value 
_reflns_shell.pdbx_chi_squared 
_reflns_shell.pdbx_netI_over_sigmaI_all 
_reflns_shell.pdbx_netI_over_sigmaI_obs 
_reflns_shell.pdbx_Rrim_I_all 
_reflns_shell.pdbx_Rpim_I_all 
_reflns_shell.pdbx_rejects 
_reflns_shell.pdbx_ordinal 
_reflns_shell.pdbx_diffrn_id 
_reflns_shell.pdbx_CC_half 
_reflns_shell.pdbx_R_split 
1.820 1.850 ? 1.75 ? ? ? ? 397 99.500  ? ? ? ? 0.934 ? ? ? ? ? ? ? ? 7.700 ? 0.912 ? ? 0.998 0.339 ? 1  1 0.819 ? 
1.850 1.890 ? ?    ? ? ? ? 421 100.000 ? ? ? ? 0.827 ? ? ? ? ? ? ? ? 8.100 ? 0.906 ? ? 0.880 0.293 ? 2  1 0.829 ? 
1.890 1.920 ? ?    ? ? ? ? 399 100.000 ? ? ? ? 0.588 ? ? ? ? ? ? ? ? 8.500 ? 0.960 ? ? 0.625 0.207 ? 3  1 0.924 ? 
1.920 1.960 ? ?    ? ? ? ? 418 100.000 ? ? ? ? 0.503 ? ? ? ? ? ? ? ? 8.600 ? 0.957 ? ? 0.534 0.175 ? 4  1 0.939 ? 
1.960 2.000 ? ?    ? ? ? ? 413 100.000 ? ? ? ? 0.385 ? ? ? ? ? ? ? ? 8.600 ? 1.046 ? ? 0.409 0.135 ? 5  1 0.979 ? 
2.000 2.050 ? ?    ? ? ? ? 405 100.000 ? ? ? ? 0.321 ? ? ? ? ? ? ? ? 8.700 ? 1.058 ? ? 0.340 0.111 ? 6  1 0.978 ? 
2.050 2.100 ? ?    ? ? ? ? 430 100.000 ? ? ? ? 0.241 ? ? ? ? ? ? ? ? 8.500 ? 1.086 ? ? 0.256 0.084 ? 7  1 0.987 ? 
2.100 2.160 ? ?    ? ? ? ? 403 100.000 ? ? ? ? 0.218 ? ? ? ? ? ? ? ? 8.600 ? 1.167 ? ? 0.232 0.076 ? 8  1 0.986 ? 
2.160 2.220 ? ?    ? ? ? ? 416 100.000 ? ? ? ? 0.195 ? ? ? ? ? ? ? ? 8.600 ? 1.254 ? ? 0.207 0.068 ? 9  1 0.990 ? 
2.220 2.290 ? ?    ? ? ? ? 416 100.000 ? ? ? ? 0.140 ? ? ? ? ? ? ? ? 8.700 ? 1.288 ? ? 0.149 0.049 ? 10 1 0.995 ? 
2.290 2.370 ? ?    ? ? ? ? 421 100.000 ? ? ? ? 0.135 ? ? ? ? ? ? ? ? 8.400 ? 1.534 ? ? 0.144 0.048 ? 11 1 0.996 ? 
2.370 2.470 ? ?    ? ? ? ? 426 100.000 ? ? ? ? 0.108 ? ? ? ? ? ? ? ? 8.600 ? 1.634 ? ? 0.115 0.038 ? 12 1 0.997 ? 
2.470 2.580 ? ?    ? ? ? ? 409 100.000 ? ? ? ? 0.096 ? ? ? ? ? ? ? ? 8.500 ? 1.673 ? ? 0.102 0.033 ? 13 1 0.997 ? 
2.580 2.720 ? ?    ? ? ? ? 426 100.000 ? ? ? ? 0.082 ? ? ? ? ? ? ? ? 8.500 ? 1.818 ? ? 0.088 0.029 ? 14 1 0.997 ? 
2.720 2.890 ? ?    ? ? ? ? 422 100.000 ? ? ? ? 0.065 ? ? ? ? ? ? ? ? 8.500 ? 1.986 ? ? 0.069 0.022 ? 15 1 0.999 ? 
2.890 3.110 ? ?    ? ? ? ? 430 100.000 ? ? ? ? 0.063 ? ? ? ? ? ? ? ? 8.400 ? 1.971 ? ? 0.066 0.022 ? 16 1 0.998 ? 
3.110 3.430 ? ?    ? ? ? ? 435 100.000 ? ? ? ? 0.049 ? ? ? ? ? ? ? ? 8.400 ? 2.249 ? ? 0.052 0.017 ? 17 1 0.999 ? 
3.430 3.920 ? ?    ? ? ? ? 437 100.000 ? ? ? ? 0.043 ? ? ? ? ? ? ? ? 8.200 ? 2.665 ? ? 0.046 0.015 ? 18 1 0.999 ? 
3.920 4.940 ? ?    ? ? ? ? 449 99.800  ? ? ? ? 0.037 ? ? ? ? ? ? ? ? 8.000 ? 3.468 ? ? 0.040 0.013 ? 19 1 0.999 ? 
4.940 39.48 ? ?    ? ? ? ? 489 97.600  ? ? ? ? 0.050 ? ? ? ? ? ? ? ? 7.100 ? 4.945 ? ? 0.054 0.019 ? 20 1 0.997 ? 
# 
_refine.aniso_B[1][1]                            1.1900 
_refine.aniso_B[1][2]                            0.0000 
_refine.aniso_B[1][3]                            -0.0000 
_refine.aniso_B[2][2]                            1.1900 
_refine.aniso_B[2][3]                            -0.0000 
_refine.aniso_B[3][3]                            -2.3800 
_refine.B_iso_max                                120.100 
_refine.B_iso_mean                               43.9940 
_refine.B_iso_min                                28.150 
_refine.correlation_coeff_Fo_to_Fc               0.9680 
_refine.correlation_coeff_Fo_to_Fc_free          0.9480 
_refine.details                                  'HYDROGENS HAVE BEEN ADDED IN THE RIDING POSITIONS U VALUES      : WITH TLS ADDED' 
_refine.diff_density_max                         ? 
_refine.diff_density_max_esd                     ? 
_refine.diff_density_min                         ? 
_refine.diff_density_min_esd                     ? 
_refine.diff_density_rms                         ? 
_refine.diff_density_rms_esd                     ? 
_refine.entry_id                                 6O6D 
_refine.pdbx_refine_id                           'X-RAY DIFFRACTION' 
_refine.ls_abs_structure_details                 ? 
_refine.ls_abs_structure_Flack                   ? 
_refine.ls_abs_structure_Flack_esd               ? 
_refine.ls_abs_structure_Rogers                  ? 
_refine.ls_abs_structure_Rogers_esd              ? 
_refine.ls_d_res_high                            1.8200 
_refine.ls_d_res_low                             39.4800 
_refine.ls_extinction_coef                       ? 
_refine.ls_extinction_coef_esd                   ? 
_refine.ls_extinction_expression                 ? 
_refine.ls_extinction_method                     ? 
_refine.ls_goodness_of_fit_all                   ? 
_refine.ls_goodness_of_fit_all_esd               ? 
_refine.ls_goodness_of_fit_obs                   ? 
_refine.ls_goodness_of_fit_obs_esd               ? 
_refine.ls_hydrogen_treatment                    ? 
_refine.ls_matrix_type                           ? 
_refine.ls_number_constraints                    ? 
_refine.ls_number_parameters                     ? 
_refine.ls_number_reflns_all                     ? 
_refine.ls_number_reflns_obs                     7996 
_refine.ls_number_reflns_R_free                  427 
_refine.ls_number_reflns_R_work                  ? 
_refine.ls_number_restraints                     ? 
_refine.ls_percent_reflns_obs                    99.7200 
_refine.ls_percent_reflns_R_free                 5.1000 
_refine.ls_R_factor_all                          ? 
_refine.ls_R_factor_obs                          0.1769 
_refine.ls_R_factor_R_free                       0.2145 
_refine.ls_R_factor_R_free_error                 ? 
_refine.ls_R_factor_R_free_error_details         ? 
_refine.ls_R_factor_R_work                       0.1752 
_refine.ls_R_Fsqd_factor_obs                     ? 
_refine.ls_R_I_factor_obs                        ? 
_refine.ls_redundancy_reflns_all                 ? 
_refine.ls_redundancy_reflns_obs                 ? 
_refine.ls_restrained_S_all                      ? 
_refine.ls_restrained_S_obs                      ? 
_refine.ls_shift_over_esd_max                    ? 
_refine.ls_shift_over_esd_mean                   ? 
_refine.ls_structure_factor_coef                 ? 
_refine.ls_weighting_details                     ? 
_refine.ls_weighting_scheme                      ? 
_refine.ls_wR_factor_all                         ? 
_refine.ls_wR_factor_obs                         ? 
_refine.ls_wR_factor_R_free                      ? 
_refine.ls_wR_factor_R_work                      ? 
_refine.occupancy_max                            ? 
_refine.occupancy_min                            ? 
_refine.solvent_model_details                    ? 
_refine.solvent_model_param_bsol                 ? 
_refine.solvent_model_param_ksol                 ? 
_refine.ls_R_factor_gt                           ? 
_refine.ls_goodness_of_fit_gt                    ? 
_refine.ls_goodness_of_fit_ref                   ? 
_refine.ls_shift_over_su_max                     ? 
_refine.ls_shift_over_su_max_lt                  ? 
_refine.ls_shift_over_su_mean                    ? 
_refine.ls_shift_over_su_mean_lt                 ? 
_refine.pdbx_ls_sigma_I                          ? 
_refine.pdbx_ls_sigma_F                          0.000 
_refine.pdbx_ls_sigma_Fsqd                       ? 
_refine.pdbx_data_cutoff_high_absF               ? 
_refine.pdbx_data_cutoff_high_rms_absF           ? 
_refine.pdbx_data_cutoff_low_absF                ? 
_refine.pdbx_isotropic_thermal_model             ? 
_refine.pdbx_ls_cross_valid_method               THROUGHOUT 
_refine.pdbx_method_to_determine_struct          SAD 
_refine.pdbx_starting_model                      ? 
_refine.pdbx_stereochemistry_target_values       ? 
_refine.pdbx_R_Free_selection_details            RANDOM 
_refine.pdbx_stereochem_target_val_spec_case     ? 
_refine.pdbx_overall_ESU_R                       0.1010 
_refine.pdbx_overall_ESU_R_Free                  0.1050 
_refine.pdbx_solvent_vdw_probe_radii             1.2000 
_refine.pdbx_solvent_ion_probe_radii             0.8000 
_refine.pdbx_solvent_shrinkage_radii             0.8000 
_refine.pdbx_real_space_R                        ? 
_refine.pdbx_density_correlation                 ? 
_refine.pdbx_pd_number_of_powder_patterns        ? 
_refine.pdbx_pd_number_of_points                 ? 
_refine.pdbx_pd_meas_number_of_points            ? 
_refine.pdbx_pd_proc_ls_prof_R_factor            ? 
_refine.pdbx_pd_proc_ls_prof_wR_factor           ? 
_refine.pdbx_pd_Marquardt_correlation_coeff      ? 
_refine.pdbx_pd_Fsqrd_R_factor                   ? 
_refine.pdbx_pd_ls_matrix_band_width             ? 
_refine.pdbx_overall_phase_error                 ? 
_refine.pdbx_overall_SU_R_free_Cruickshank_DPI   ? 
_refine.pdbx_overall_SU_R_free_Blow_DPI          ? 
_refine.pdbx_overall_SU_R_Blow_DPI               ? 
_refine.pdbx_TLS_residual_ADP_flag               ? 
_refine.pdbx_diffrn_id                           1 
_refine.overall_SU_B                             4.9060 
_refine.overall_SU_ML                            0.0700 
_refine.overall_SU_R_Cruickshank_DPI             ? 
_refine.overall_SU_R_free                        ? 
_refine.overall_FOM_free_R_set                   ? 
_refine.overall_FOM_work_R_set                   ? 
_refine.pdbx_average_fsc_overall                 ? 
_refine.pdbx_average_fsc_work                    ? 
_refine.pdbx_average_fsc_free                    ? 
# 
_refine_hist.pdbx_refine_id                   'X-RAY DIFFRACTION' 
_refine_hist.cycle_id                         final 
_refine_hist.details                          ? 
_refine_hist.d_res_high                       1.8200 
_refine_hist.d_res_low                        39.4800 
_refine_hist.number_atoms_solvent             32 
_refine_hist.number_atoms_total               543 
_refine_hist.number_reflns_all                ? 
_refine_hist.number_reflns_obs                ? 
_refine_hist.number_reflns_R_free             ? 
_refine_hist.number_reflns_R_work             ? 
_refine_hist.R_factor_all                     ? 
_refine_hist.R_factor_obs                     ? 
_refine_hist.R_factor_R_free                  ? 
_refine_hist.R_factor_R_work                  ? 
_refine_hist.pdbx_number_residues_total       66 
_refine_hist.pdbx_B_iso_mean_ligand           ? 
_refine_hist.pdbx_B_iso_mean_solvent          50.44 
_refine_hist.pdbx_number_atoms_protein        511 
_refine_hist.pdbx_number_atoms_nucleic_acid   0 
_refine_hist.pdbx_number_atoms_ligand         0 
_refine_hist.pdbx_number_atoms_lipid          ? 
_refine_hist.pdbx_number_atoms_carb           ? 
_refine_hist.pdbx_pseudo_atom_details         ? 
# 
loop_
_refine_ls_restr.pdbx_refine_id 
_refine_ls_restr.criterion 
_refine_ls_restr.dev_ideal 
_refine_ls_restr.dev_ideal_target 
_refine_ls_restr.number 
_refine_ls_restr.rejects 
_refine_ls_restr.type 
_refine_ls_restr.weight 
_refine_ls_restr.pdbx_restraint_function 
'X-RAY DIFFRACTION' ? 0.012  0.013  536  ? r_bond_refined_d       ? ? 
'X-RAY DIFFRACTION' ? 0.001  0.017  514  ? r_bond_other_d         ? ? 
'X-RAY DIFFRACTION' ? 1.691  1.632  727  ? r_angle_refined_deg    ? ? 
'X-RAY DIFFRACTION' ? 1.414  1.584  1201 ? r_angle_other_deg      ? ? 
'X-RAY DIFFRACTION' ? 5.782  5.000  71   ? r_dihedral_angle_1_deg ? ? 
'X-RAY DIFFRACTION' ? 41.544 24.615 26   ? r_dihedral_angle_2_deg ? ? 
'X-RAY DIFFRACTION' ? 14.353 15.000 97   ? r_dihedral_angle_3_deg ? ? 
'X-RAY DIFFRACTION' ? 23.324 15.000 2    ? r_dihedral_angle_4_deg ? ? 
'X-RAY DIFFRACTION' ? 0.088  0.200  69   ? r_chiral_restr         ? ? 
'X-RAY DIFFRACTION' ? 0.010  0.020  600  ? r_gen_planes_refined   ? ? 
'X-RAY DIFFRACTION' ? 0.001  0.020  102  ? r_gen_planes_other     ? ? 
# 
_refine_ls_shell.pdbx_refine_id                   'X-RAY DIFFRACTION' 
_refine_ls_shell.d_res_high                       1.8190 
_refine_ls_shell.d_res_low                        1.8660 
_refine_ls_shell.number_reflns_all                588 
_refine_ls_shell.number_reflns_obs                ? 
_refine_ls_shell.number_reflns_R_free             33 
_refine_ls_shell.number_reflns_R_work             555 
_refine_ls_shell.percent_reflns_obs               98.3300 
_refine_ls_shell.percent_reflns_R_free            ? 
_refine_ls_shell.R_factor_all                     ? 
_refine_ls_shell.R_factor_obs                     ? 
_refine_ls_shell.R_factor_R_free                  0.3670 
_refine_ls_shell.R_factor_R_free_error            0.0000 
_refine_ls_shell.R_factor_R_work                  0.2680 
_refine_ls_shell.redundancy_reflns_all            ? 
_refine_ls_shell.redundancy_reflns_obs            ? 
_refine_ls_shell.wR_factor_all                    ? 
_refine_ls_shell.wR_factor_obs                    ? 
_refine_ls_shell.wR_factor_R_free                 ? 
_refine_ls_shell.wR_factor_R_work                 ? 
_refine_ls_shell.pdbx_total_number_of_bins_used   20 
_refine_ls_shell.pdbx_phase_error                 ? 
_refine_ls_shell.pdbx_fsc_work                    ? 
_refine_ls_shell.pdbx_fsc_free                    ? 
# 
_struct.entry_id                     6O6D 
_struct.title                        'N-terminal domain of translation initiation factor IF-3 from Helicobacter pylori' 
_struct.pdbx_model_details           ? 
_struct.pdbx_formula_weight          ? 
_struct.pdbx_formula_weight_method   ? 
_struct.pdbx_model_type_details      ? 
_struct.pdbx_CASP_flag               N 
# 
_struct_keywords.entry_id        6O6D 
_struct_keywords.text            
;translation initiation factor, IF-3, structural genomics, IDP06157, Center for Structural Genomics of Infectious Diseases, CSGID, LIGASE
;
_struct_keywords.pdbx_keywords   LIGASE 
# 
loop_
_struct_asym.id 
_struct_asym.pdbx_blank_PDB_chainid_flag 
_struct_asym.pdbx_modified 
_struct_asym.entity_id 
_struct_asym.details 
A N N 1 ? 
B N N 2 ? 
# 
_struct_ref.id                         1 
_struct_ref.db_name                    UNP 
_struct_ref.db_code                    IF3_HELPJ 
_struct_ref.pdbx_db_accession          Q9ZMV2 
_struct_ref.pdbx_db_isoform            ? 
_struct_ref.entity_id                  1 
_struct_ref.pdbx_seq_one_letter_code   SRNEVLLNGDINFKEVRCVGDNGEVYGIISSKEALKIAQNLGLDLVLISASAKPPVCKVMDYNKFRYQNEKKIKEA 
_struct_ref.pdbx_align_begin           2 
# 
_struct_ref_seq.align_id                      1 
_struct_ref_seq.ref_id                        1 
_struct_ref_seq.pdbx_PDB_id_code              6O6D 
_struct_ref_seq.pdbx_strand_id                A 
_struct_ref_seq.seq_align_beg                 5 
_struct_ref_seq.pdbx_seq_align_beg_ins_code   ? 
_struct_ref_seq.seq_align_end                 80 
_struct_ref_seq.pdbx_seq_align_end_ins_code   ? 
_struct_ref_seq.pdbx_db_accession             Q9ZMV2 
_struct_ref_seq.db_align_beg                  2 
_struct_ref_seq.pdbx_db_align_beg_ins_code    ? 
_struct_ref_seq.db_align_end                  77 
_struct_ref_seq.pdbx_db_align_end_ins_code    ? 
_struct_ref_seq.pdbx_auth_seq_align_beg       2 
_struct_ref_seq.pdbx_auth_seq_align_end       77 
# 
loop_
_struct_ref_seq_dif.align_id 
_struct_ref_seq_dif.pdbx_pdb_id_code 
_struct_ref_seq_dif.mon_id 
_struct_ref_seq_dif.pdbx_pdb_strand_id 
_struct_ref_seq_dif.seq_num 
_struct_ref_seq_dif.pdbx_pdb_ins_code 
_struct_ref_seq_dif.pdbx_seq_db_name 
_struct_ref_seq_dif.pdbx_seq_db_accession_code 
_struct_ref_seq_dif.db_mon_id 
_struct_ref_seq_dif.pdbx_seq_db_seq_num 
_struct_ref_seq_dif.details 
_struct_ref_seq_dif.pdbx_auth_seq_num 
_struct_ref_seq_dif.pdbx_ordinal 
1 6O6D SER A 1 ? UNP Q9ZMV2 ? ? 'expression tag' -2 1 
1 6O6D ASN A 2 ? UNP Q9ZMV2 ? ? 'expression tag' -1 2 
1 6O6D ALA A 3 ? UNP Q9ZMV2 ? ? 'expression tag' 0  3 
1 6O6D LEU A 4 ? UNP Q9ZMV2 ? ? 'expression tag' 1  4 
# 
_pdbx_struct_assembly.id                   1 
_pdbx_struct_assembly.details              author_and_software_defined_assembly 
_pdbx_struct_assembly.method_details       PISA 
_pdbx_struct_assembly.oligomeric_details   monomeric 
_pdbx_struct_assembly.oligomeric_count     1 
# 
_pdbx_struct_assembly_gen.assembly_id       1 
_pdbx_struct_assembly_gen.oper_expression   1 
_pdbx_struct_assembly_gen.asym_id_list      A,B 
# 
_pdbx_struct_assembly_auth_evidence.id                     1 
_pdbx_struct_assembly_auth_evidence.assembly_id            1 
_pdbx_struct_assembly_auth_evidence.experimental_support   none 
_pdbx_struct_assembly_auth_evidence.details                ? 
# 
_pdbx_struct_oper_list.id                   1 
_pdbx_struct_oper_list.type                 'identity operation' 
_pdbx_struct_oper_list.name                 1_555 
_pdbx_struct_oper_list.symmetry_operation   x,y,z 
_pdbx_struct_oper_list.matrix[1][1]         1.0000000000 
_pdbx_struct_oper_list.matrix[1][2]         0.0000000000 
_pdbx_struct_oper_list.matrix[1][3]         0.0000000000 
_pdbx_struct_oper_list.vector[1]            0.0000000000 
_pdbx_struct_oper_list.matrix[2][1]         0.0000000000 
_pdbx_struct_oper_list.matrix[2][2]         1.0000000000 
_pdbx_struct_oper_list.matrix[2][3]         0.0000000000 
_pdbx_struct_oper_list.vector[2]            0.0000000000 
_pdbx_struct_oper_list.matrix[3][1]         0.0000000000 
_pdbx_struct_oper_list.matrix[3][2]         0.0000000000 
_pdbx_struct_oper_list.matrix[3][3]         1.0000000000 
_pdbx_struct_oper_list.vector[3]            0.0000000000 
# 
loop_
_struct_conf.conf_type_id 
_struct_conf.id 
_struct_conf.pdbx_PDB_helix_id 
_struct_conf.beg_label_comp_id 
_struct_conf.beg_label_asym_id 
_struct_conf.beg_label_seq_id 
_struct_conf.pdbx_beg_PDB_ins_code 
_struct_conf.end_label_comp_id 
_struct_conf.end_label_asym_id 
_struct_conf.end_label_seq_id 
_struct_conf.pdbx_end_PDB_ins_code 
_struct_conf.beg_auth_comp_id 
_struct_conf.beg_auth_asym_id 
_struct_conf.beg_auth_seq_id 
_struct_conf.end_auth_comp_id 
_struct_conf.end_auth_asym_id 
_struct_conf.end_auth_seq_id 
_struct_conf.pdbx_PDB_helix_class 
_struct_conf.details 
_struct_conf.pdbx_PDB_helix_length 
HELX_P HELX_P1 AA1 LEU A 11 ? ILE A 15 ? LEU A 8  ILE A 12 5 ? 5  
HELX_P HELX_P2 AA2 SER A 34 ? GLY A 46 ? SER A 31 GLY A 43 1 ? 13 
HELX_P HELX_P3 AA3 ASP A 65 ? ASN A 73 ? ASP A 62 ASN A 70 1 ? 9  
# 
_struct_conf_type.id          HELX_P 
_struct_conf_type.criteria    ? 
_struct_conf_type.reference   ? 
# 
loop_
_struct_conn.id 
_struct_conn.conn_type_id 
_struct_conn.pdbx_leaving_atom_flag 
_struct_conn.pdbx_PDB_id 
_struct_conn.ptnr1_label_asym_id 
_struct_conn.ptnr1_label_comp_id 
_struct_conn.ptnr1_label_seq_id 
_struct_conn.ptnr1_label_atom_id 
_struct_conn.pdbx_ptnr1_label_alt_id 
_struct_conn.pdbx_ptnr1_PDB_ins_code 
_struct_conn.pdbx_ptnr1_standard_comp_id 
_struct_conn.ptnr1_symmetry 
_struct_conn.ptnr2_label_asym_id 
_struct_conn.ptnr2_label_comp_id 
_struct_conn.ptnr2_label_seq_id 
_struct_conn.ptnr2_label_atom_id 
_struct_conn.pdbx_ptnr2_label_alt_id 
_struct_conn.pdbx_ptnr2_PDB_ins_code 
_struct_conn.ptnr1_auth_asym_id 
_struct_conn.ptnr1_auth_comp_id 
_struct_conn.ptnr1_auth_seq_id 
_struct_conn.ptnr2_auth_asym_id 
_struct_conn.ptnr2_auth_comp_id 
_struct_conn.ptnr2_auth_seq_id 
_struct_conn.ptnr2_symmetry 
_struct_conn.pdbx_ptnr3_label_atom_id 
_struct_conn.pdbx_ptnr3_label_seq_id 
_struct_conn.pdbx_ptnr3_label_comp_id 
_struct_conn.pdbx_ptnr3_label_asym_id 
_struct_conn.pdbx_ptnr3_label_alt_id 
_struct_conn.pdbx_ptnr3_PDB_ins_code 
_struct_conn.details 
_struct_conn.pdbx_dist_value 
_struct_conn.pdbx_value_order 
_struct_conn.pdbx_role 
covale1 covale both ? A VAL 63 C ? ? ? 1_555 A MSE 64 N ? ? A VAL 60 A MSE 61 1_555 ? ? ? ? ? ? ? 1.323 ? ? 
covale2 covale both ? A MSE 64 C ? ? ? 1_555 A ASP 65 N ? ? A MSE 61 A ASP 62 1_555 ? ? ? ? ? ? ? 1.317 ? ? 
# 
_struct_conn_type.id          covale 
_struct_conn_type.criteria    ? 
_struct_conn_type.reference   ? 
# 
_pdbx_modification_feature.ordinal                            1 
_pdbx_modification_feature.label_comp_id                      MSE 
_pdbx_modification_feature.label_asym_id                      A 
_pdbx_modification_feature.label_seq_id                       64 
_pdbx_modification_feature.label_alt_id                       ? 
_pdbx_modification_feature.modified_residue_label_comp_id     . 
_pdbx_modification_feature.modified_residue_label_asym_id     . 
_pdbx_modification_feature.modified_residue_label_seq_id      . 
_pdbx_modification_feature.modified_residue_label_alt_id      . 
_pdbx_modification_feature.auth_comp_id                       MSE 
_pdbx_modification_feature.auth_asym_id                       A 
_pdbx_modification_feature.auth_seq_id                        61 
_pdbx_modification_feature.PDB_ins_code                       ? 
_pdbx_modification_feature.symmetry                           1_555 
_pdbx_modification_feature.modified_residue_auth_comp_id      . 
_pdbx_modification_feature.modified_residue_auth_asym_id      . 
_pdbx_modification_feature.modified_residue_auth_seq_id       . 
_pdbx_modification_feature.modified_residue_PDB_ins_code      . 
_pdbx_modification_feature.modified_residue_symmetry          . 
_pdbx_modification_feature.comp_id_linking_atom               . 
_pdbx_modification_feature.modified_residue_id_linking_atom   . 
_pdbx_modification_feature.modified_residue_id                MET 
_pdbx_modification_feature.ref_pcm_id                         1 
_pdbx_modification_feature.ref_comp_id                        MSE 
_pdbx_modification_feature.type                               Selenomethionine 
_pdbx_modification_feature.category                           'Named protein modification' 
# 
_struct_mon_prot_cis.pdbx_id                1 
_struct_mon_prot_cis.label_comp_id          LYS 
_struct_mon_prot_cis.label_seq_id           57 
_struct_mon_prot_cis.label_asym_id          A 
_struct_mon_prot_cis.label_alt_id           . 
_struct_mon_prot_cis.pdbx_PDB_ins_code      ? 
_struct_mon_prot_cis.auth_comp_id           LYS 
_struct_mon_prot_cis.auth_seq_id            54 
_struct_mon_prot_cis.auth_asym_id           A 
_struct_mon_prot_cis.pdbx_label_comp_id_2   PRO 
_struct_mon_prot_cis.pdbx_label_seq_id_2    58 
_struct_mon_prot_cis.pdbx_label_asym_id_2   A 
_struct_mon_prot_cis.pdbx_PDB_ins_code_2    ? 
_struct_mon_prot_cis.pdbx_auth_comp_id_2    PRO 
_struct_mon_prot_cis.pdbx_auth_seq_id_2     55 
_struct_mon_prot_cis.pdbx_auth_asym_id_2    A 
_struct_mon_prot_cis.pdbx_PDB_model_num     1 
_struct_mon_prot_cis.pdbx_omega_angle       -3.45 
# 
_struct_sheet.id               AA1 
_struct_sheet.type             ? 
_struct_sheet.number_strands   4 
_struct_sheet.details          ? 
# 
loop_
_struct_sheet_order.sheet_id 
_struct_sheet_order.range_id_1 
_struct_sheet_order.range_id_2 
_struct_sheet_order.offset 
_struct_sheet_order.sense 
AA1 1 2 ? anti-parallel 
AA1 2 3 ? parallel      
AA1 3 4 ? anti-parallel 
# 
loop_
_struct_sheet_range.sheet_id 
_struct_sheet_range.id 
_struct_sheet_range.beg_label_comp_id 
_struct_sheet_range.beg_label_asym_id 
_struct_sheet_range.beg_label_seq_id 
_struct_sheet_range.pdbx_beg_PDB_ins_code 
_struct_sheet_range.end_label_comp_id 
_struct_sheet_range.end_label_asym_id 
_struct_sheet_range.end_label_seq_id 
_struct_sheet_range.pdbx_end_PDB_ins_code 
_struct_sheet_range.beg_auth_comp_id 
_struct_sheet_range.beg_auth_asym_id 
_struct_sheet_range.beg_auth_seq_id 
_struct_sheet_range.end_auth_comp_id 
_struct_sheet_range.end_auth_asym_id 
_struct_sheet_range.end_auth_seq_id 
AA1 1 VAL A 29 ? ILE A 33 ? VAL A 26 ILE A 30 
AA1 2 VAL A 20 ? GLY A 24 ? VAL A 17 GLY A 21 
AA1 3 VAL A 60 ? MSE A 64 ? VAL A 57 MSE A 61 
AA1 4 ASP A 48 ? SER A 53 ? ASP A 45 SER A 50 
# 
loop_
_pdbx_struct_sheet_hbond.sheet_id 
_pdbx_struct_sheet_hbond.range_id_1 
_pdbx_struct_sheet_hbond.range_id_2 
_pdbx_struct_sheet_hbond.range_1_label_atom_id 
_pdbx_struct_sheet_hbond.range_1_label_comp_id 
_pdbx_struct_sheet_hbond.range_1_label_asym_id 
_pdbx_struct_sheet_hbond.range_1_label_seq_id 
_pdbx_struct_sheet_hbond.range_1_PDB_ins_code 
_pdbx_struct_sheet_hbond.range_1_auth_atom_id 
_pdbx_struct_sheet_hbond.range_1_auth_comp_id 
_pdbx_struct_sheet_hbond.range_1_auth_asym_id 
_pdbx_struct_sheet_hbond.range_1_auth_seq_id 
_pdbx_struct_sheet_hbond.range_2_label_atom_id 
_pdbx_struct_sheet_hbond.range_2_label_comp_id 
_pdbx_struct_sheet_hbond.range_2_label_asym_id 
_pdbx_struct_sheet_hbond.range_2_label_seq_id 
_pdbx_struct_sheet_hbond.range_2_PDB_ins_code 
_pdbx_struct_sheet_hbond.range_2_auth_atom_id 
_pdbx_struct_sheet_hbond.range_2_auth_comp_id 
_pdbx_struct_sheet_hbond.range_2_auth_asym_id 
_pdbx_struct_sheet_hbond.range_2_auth_seq_id 
AA1 1 2 O ILE A 33 ? O ILE A 30 N VAL A 20 ? N VAL A 17 
AA1 2 3 N ARG A 21 ? N ARG A 18 O CYS A 61 ? O CYS A 58 
AA1 3 4 O LYS A 62 ? O LYS A 59 N VAL A 50 ? N VAL A 47 
# 
_pdbx_entry_details.entry_id                   6O6D 
_pdbx_entry_details.compound_details           ? 
_pdbx_entry_details.source_details             ? 
_pdbx_entry_details.nonpolymer_details         ? 
_pdbx_entry_details.sequence_details           ? 
_pdbx_entry_details.has_ligand_of_interest     ? 
_pdbx_entry_details.has_protein_modification   Y 
# 
_pdbx_validate_torsion.id              1 
_pdbx_validate_torsion.PDB_model_num   1 
_pdbx_validate_torsion.auth_comp_id    ASN 
_pdbx_validate_torsion.auth_asym_id    A 
_pdbx_validate_torsion.auth_seq_id     9 
_pdbx_validate_torsion.PDB_ins_code    ? 
_pdbx_validate_torsion.label_alt_id    ? 
_pdbx_validate_torsion.phi             54.04 
_pdbx_validate_torsion.psi             -124.24 
# 
_pdbx_SG_project.full_name_of_center   'Center for Structural Genomics of Infectious Diseases' 
_pdbx_SG_project.id                    1 
_pdbx_SG_project.initial_of_center     CSGID 
_pdbx_SG_project.project_name          ? 
# 
_pdbx_struct_mod_residue.id               1 
_pdbx_struct_mod_residue.label_asym_id    A 
_pdbx_struct_mod_residue.label_comp_id    MSE 
_pdbx_struct_mod_residue.label_seq_id     64 
_pdbx_struct_mod_residue.auth_asym_id     A 
_pdbx_struct_mod_residue.auth_comp_id     MSE 
_pdbx_struct_mod_residue.auth_seq_id      61 
_pdbx_struct_mod_residue.PDB_ins_code     ? 
_pdbx_struct_mod_residue.parent_comp_id   MET 
_pdbx_struct_mod_residue.details          'modified residue' 
# 
_pdbx_refine_tls.id               1 
_pdbx_refine_tls.pdbx_refine_id   'X-RAY DIFFRACTION' 
_pdbx_refine_tls.details          ? 
_pdbx_refine_tls.method           refined 
_pdbx_refine_tls.origin_x         0.1084 
_pdbx_refine_tls.origin_y         -0.1546 
_pdbx_refine_tls.origin_z         0.0679 
_pdbx_refine_tls.T[1][1]          0.0139 
_pdbx_refine_tls.T[1][1]_esd      ? 
_pdbx_refine_tls.T[1][2]          -0.0197 
_pdbx_refine_tls.T[1][2]_esd      ? 
_pdbx_refine_tls.T[1][3]          0.0158 
_pdbx_refine_tls.T[1][3]_esd      ? 
_pdbx_refine_tls.T[2][2]          0.0400 
_pdbx_refine_tls.T[2][2]_esd      ? 
_pdbx_refine_tls.T[2][3]          -0.0227 
_pdbx_refine_tls.T[2][3]_esd      ? 
_pdbx_refine_tls.T[3][3]          0.0358 
_pdbx_refine_tls.T[3][3]_esd      ? 
_pdbx_refine_tls.L[1][1]          3.6076 
_pdbx_refine_tls.L[1][1]_esd      ? 
_pdbx_refine_tls.L[1][2]          -0.8279 
_pdbx_refine_tls.L[1][2]_esd      ? 
_pdbx_refine_tls.L[1][3]          -0.1672 
_pdbx_refine_tls.L[1][3]_esd      ? 
_pdbx_refine_tls.L[2][2]          3.8756 
_pdbx_refine_tls.L[2][2]_esd      ? 
_pdbx_refine_tls.L[2][3]          0.8721 
_pdbx_refine_tls.L[2][3]_esd      ? 
_pdbx_refine_tls.L[3][3]          4.4009 
_pdbx_refine_tls.L[3][3]_esd      ? 
_pdbx_refine_tls.S[1][1]          0.0094 
_pdbx_refine_tls.S[1][1]_esd      ? 
_pdbx_refine_tls.S[1][2]          -0.1146 
_pdbx_refine_tls.S[1][2]_esd      ? 
_pdbx_refine_tls.S[1][3]          0.2218 
_pdbx_refine_tls.S[1][3]_esd      ? 
_pdbx_refine_tls.S[2][1]          -0.1636 
_pdbx_refine_tls.S[2][1]_esd      ? 
_pdbx_refine_tls.S[2][2]          0.1300 
_pdbx_refine_tls.S[2][2]_esd      ? 
_pdbx_refine_tls.S[2][3]          -0.3219 
_pdbx_refine_tls.S[2][3]_esd      ? 
_pdbx_refine_tls.S[3][1]          -0.2011 
_pdbx_refine_tls.S[3][1]_esd      ? 
_pdbx_refine_tls.S[3][2]          0.3700 
_pdbx_refine_tls.S[3][2]_esd      ? 
_pdbx_refine_tls.S[3][3]          -0.1394 
_pdbx_refine_tls.S[3][3]_esd      ? 
# 
_pdbx_refine_tls_group.id                  1 
_pdbx_refine_tls_group.pdbx_refine_id      'X-RAY DIFFRACTION' 
_pdbx_refine_tls_group.refine_tls_id       1 
_pdbx_refine_tls_group.beg_label_asym_id   ? 
_pdbx_refine_tls_group.beg_label_seq_id    ? 
_pdbx_refine_tls_group.beg_auth_asym_id    A 
_pdbx_refine_tls_group.beg_auth_seq_id     5 
_pdbx_refine_tls_group.end_label_asym_id   ? 
_pdbx_refine_tls_group.end_label_seq_id    ? 
_pdbx_refine_tls_group.end_auth_asym_id    A 
_pdbx_refine_tls_group.end_auth_seq_id     70 
_pdbx_refine_tls_group.selection           ? 
_pdbx_refine_tls_group.selection_details   ? 
# 
loop_
_pdbx_unobs_or_zero_occ_residues.id 
_pdbx_unobs_or_zero_occ_residues.PDB_model_num 
_pdbx_unobs_or_zero_occ_residues.polymer_flag 
_pdbx_unobs_or_zero_occ_residues.occupancy_flag 
_pdbx_unobs_or_zero_occ_residues.auth_asym_id 
_pdbx_unobs_or_zero_occ_residues.auth_comp_id 
_pdbx_unobs_or_zero_occ_residues.auth_seq_id 
_pdbx_unobs_or_zero_occ_residues.PDB_ins_code 
_pdbx_unobs_or_zero_occ_residues.label_asym_id 
_pdbx_unobs_or_zero_occ_residues.label_comp_id 
_pdbx_unobs_or_zero_occ_residues.label_seq_id 
1  1 Y 1 A SER -2 ? A SER 1  
2  1 Y 1 A ASN -1 ? A ASN 2  
3  1 Y 1 A ALA 0  ? A ALA 3  
4  1 Y 1 A LEU 1  ? A LEU 4  
5  1 Y 1 A SER 2  ? A SER 5  
6  1 Y 1 A ARG 3  ? A ARG 6  
7  1 Y 1 A ASN 4  ? A ASN 7  
8  1 Y 1 A GLU 71 ? A GLU 74 
9  1 Y 1 A LYS 72 ? A LYS 75 
10 1 Y 1 A LYS 73 ? A LYS 76 
11 1 Y 1 A ILE 74 ? A ILE 77 
12 1 Y 1 A LYS 75 ? A LYS 78 
13 1 Y 1 A GLU 76 ? A GLU 79 
14 1 Y 1 A ALA 77 ? A ALA 80 
# 
loop_
_chem_comp_atom.comp_id 
_chem_comp_atom.atom_id 
_chem_comp_atom.type_symbol 
_chem_comp_atom.pdbx_aromatic_flag 
_chem_comp_atom.pdbx_stereo_config 
_chem_comp_atom.pdbx_ordinal 
ALA N    N  N N 1   
ALA CA   C  N S 2   
ALA C    C  N N 3   
ALA O    O  N N 4   
ALA CB   C  N N 5   
ALA OXT  O  N N 6   
ALA H    H  N N 7   
ALA H2   H  N N 8   
ALA HA   H  N N 9   
ALA HB1  H  N N 10  
ALA HB2  H  N N 11  
ALA HB3  H  N N 12  
ALA HXT  H  N N 13  
ARG N    N  N N 14  
ARG CA   C  N S 15  
ARG C    C  N N 16  
ARG O    O  N N 17  
ARG CB   C  N N 18  
ARG CG   C  N N 19  
ARG CD   C  N N 20  
ARG NE   N  N N 21  
ARG CZ   C  N N 22  
ARG NH1  N  N N 23  
ARG NH2  N  N N 24  
ARG OXT  O  N N 25  
ARG H    H  N N 26  
ARG H2   H  N N 27  
ARG HA   H  N N 28  
ARG HB2  H  N N 29  
ARG HB3  H  N N 30  
ARG HG2  H  N N 31  
ARG HG3  H  N N 32  
ARG HD2  H  N N 33  
ARG HD3  H  N N 34  
ARG HE   H  N N 35  
ARG HH11 H  N N 36  
ARG HH12 H  N N 37  
ARG HH21 H  N N 38  
ARG HH22 H  N N 39  
ARG HXT  H  N N 40  
ASN N    N  N N 41  
ASN CA   C  N S 42  
ASN C    C  N N 43  
ASN O    O  N N 44  
ASN CB   C  N N 45  
ASN CG   C  N N 46  
ASN OD1  O  N N 47  
ASN ND2  N  N N 48  
ASN OXT  O  N N 49  
ASN H    H  N N 50  
ASN H2   H  N N 51  
ASN HA   H  N N 52  
ASN HB2  H  N N 53  
ASN HB3  H  N N 54  
ASN HD21 H  N N 55  
ASN HD22 H  N N 56  
ASN HXT  H  N N 57  
ASP N    N  N N 58  
ASP CA   C  N S 59  
ASP C    C  N N 60  
ASP O    O  N N 61  
ASP CB   C  N N 62  
ASP CG   C  N N 63  
ASP OD1  O  N N 64  
ASP OD2  O  N N 65  
ASP OXT  O  N N 66  
ASP H    H  N N 67  
ASP H2   H  N N 68  
ASP HA   H  N N 69  
ASP HB2  H  N N 70  
ASP HB3  H  N N 71  
ASP HD2  H  N N 72  
ASP HXT  H  N N 73  
CYS N    N  N N 74  
CYS CA   C  N R 75  
CYS C    C  N N 76  
CYS O    O  N N 77  
CYS CB   C  N N 78  
CYS SG   S  N N 79  
CYS OXT  O  N N 80  
CYS H    H  N N 81  
CYS H2   H  N N 82  
CYS HA   H  N N 83  
CYS HB2  H  N N 84  
CYS HB3  H  N N 85  
CYS HG   H  N N 86  
CYS HXT  H  N N 87  
GLN N    N  N N 88  
GLN CA   C  N S 89  
GLN C    C  N N 90  
GLN O    O  N N 91  
GLN CB   C  N N 92  
GLN CG   C  N N 93  
GLN CD   C  N N 94  
GLN OE1  O  N N 95  
GLN NE2  N  N N 96  
GLN OXT  O  N N 97  
GLN H    H  N N 98  
GLN H2   H  N N 99  
GLN HA   H  N N 100 
GLN HB2  H  N N 101 
GLN HB3  H  N N 102 
GLN HG2  H  N N 103 
GLN HG3  H  N N 104 
GLN HE21 H  N N 105 
GLN HE22 H  N N 106 
GLN HXT  H  N N 107 
GLU N    N  N N 108 
GLU CA   C  N S 109 
GLU C    C  N N 110 
GLU O    O  N N 111 
GLU CB   C  N N 112 
GLU CG   C  N N 113 
GLU CD   C  N N 114 
GLU OE1  O  N N 115 
GLU OE2  O  N N 116 
GLU OXT  O  N N 117 
GLU H    H  N N 118 
GLU H2   H  N N 119 
GLU HA   H  N N 120 
GLU HB2  H  N N 121 
GLU HB3  H  N N 122 
GLU HG2  H  N N 123 
GLU HG3  H  N N 124 
GLU HE2  H  N N 125 
GLU HXT  H  N N 126 
GLY N    N  N N 127 
GLY CA   C  N N 128 
GLY C    C  N N 129 
GLY O    O  N N 130 
GLY OXT  O  N N 131 
GLY H    H  N N 132 
GLY H2   H  N N 133 
GLY HA2  H  N N 134 
GLY HA3  H  N N 135 
GLY HXT  H  N N 136 
HOH O    O  N N 137 
HOH H1   H  N N 138 
HOH H2   H  N N 139 
ILE N    N  N N 140 
ILE CA   C  N S 141 
ILE C    C  N N 142 
ILE O    O  N N 143 
ILE CB   C  N S 144 
ILE CG1  C  N N 145 
ILE CG2  C  N N 146 
ILE CD1  C  N N 147 
ILE OXT  O  N N 148 
ILE H    H  N N 149 
ILE H2   H  N N 150 
ILE HA   H  N N 151 
ILE HB   H  N N 152 
ILE HG12 H  N N 153 
ILE HG13 H  N N 154 
ILE HG21 H  N N 155 
ILE HG22 H  N N 156 
ILE HG23 H  N N 157 
ILE HD11 H  N N 158 
ILE HD12 H  N N 159 
ILE HD13 H  N N 160 
ILE HXT  H  N N 161 
LEU N    N  N N 162 
LEU CA   C  N S 163 
LEU C    C  N N 164 
LEU O    O  N N 165 
LEU CB   C  N N 166 
LEU CG   C  N N 167 
LEU CD1  C  N N 168 
LEU CD2  C  N N 169 
LEU OXT  O  N N 170 
LEU H    H  N N 171 
LEU H2   H  N N 172 
LEU HA   H  N N 173 
LEU HB2  H  N N 174 
LEU HB3  H  N N 175 
LEU HG   H  N N 176 
LEU HD11 H  N N 177 
LEU HD12 H  N N 178 
LEU HD13 H  N N 179 
LEU HD21 H  N N 180 
LEU HD22 H  N N 181 
LEU HD23 H  N N 182 
LEU HXT  H  N N 183 
LYS N    N  N N 184 
LYS CA   C  N S 185 
LYS C    C  N N 186 
LYS O    O  N N 187 
LYS CB   C  N N 188 
LYS CG   C  N N 189 
LYS CD   C  N N 190 
LYS CE   C  N N 191 
LYS NZ   N  N N 192 
LYS OXT  O  N N 193 
LYS H    H  N N 194 
LYS H2   H  N N 195 
LYS HA   H  N N 196 
LYS HB2  H  N N 197 
LYS HB3  H  N N 198 
LYS HG2  H  N N 199 
LYS HG3  H  N N 200 
LYS HD2  H  N N 201 
LYS HD3  H  N N 202 
LYS HE2  H  N N 203 
LYS HE3  H  N N 204 
LYS HZ1  H  N N 205 
LYS HZ2  H  N N 206 
LYS HZ3  H  N N 207 
LYS HXT  H  N N 208 
MSE N    N  N N 209 
MSE CA   C  N S 210 
MSE C    C  N N 211 
MSE O    O  N N 212 
MSE OXT  O  N N 213 
MSE CB   C  N N 214 
MSE CG   C  N N 215 
MSE SE   SE N N 216 
MSE CE   C  N N 217 
MSE H    H  N N 218 
MSE H2   H  N N 219 
MSE HA   H  N N 220 
MSE HXT  H  N N 221 
MSE HB2  H  N N 222 
MSE HB3  H  N N 223 
MSE HG2  H  N N 224 
MSE HG3  H  N N 225 
MSE HE1  H  N N 226 
MSE HE2  H  N N 227 
MSE HE3  H  N N 228 
PHE N    N  N N 229 
PHE CA   C  N S 230 
PHE C    C  N N 231 
PHE O    O  N N 232 
PHE CB   C  N N 233 
PHE CG   C  Y N 234 
PHE CD1  C  Y N 235 
PHE CD2  C  Y N 236 
PHE CE1  C  Y N 237 
PHE CE2  C  Y N 238 
PHE CZ   C  Y N 239 
PHE OXT  O  N N 240 
PHE H    H  N N 241 
PHE H2   H  N N 242 
PHE HA   H  N N 243 
PHE HB2  H  N N 244 
PHE HB3  H  N N 245 
PHE HD1  H  N N 246 
PHE HD2  H  N N 247 
PHE HE1  H  N N 248 
PHE HE2  H  N N 249 
PHE HZ   H  N N 250 
PHE HXT  H  N N 251 
PRO N    N  N N 252 
PRO CA   C  N S 253 
PRO C    C  N N 254 
PRO O    O  N N 255 
PRO CB   C  N N 256 
PRO CG   C  N N 257 
PRO CD   C  N N 258 
PRO OXT  O  N N 259 
PRO H    H  N N 260 
PRO HA   H  N N 261 
PRO HB2  H  N N 262 
PRO HB3  H  N N 263 
PRO HG2  H  N N 264 
PRO HG3  H  N N 265 
PRO HD2  H  N N 266 
PRO HD3  H  N N 267 
PRO HXT  H  N N 268 
SER N    N  N N 269 
SER CA   C  N S 270 
SER C    C  N N 271 
SER O    O  N N 272 
SER CB   C  N N 273 
SER OG   O  N N 274 
SER OXT  O  N N 275 
SER H    H  N N 276 
SER H2   H  N N 277 
SER HA   H  N N 278 
SER HB2  H  N N 279 
SER HB3  H  N N 280 
SER HG   H  N N 281 
SER HXT  H  N N 282 
TYR N    N  N N 283 
TYR CA   C  N S 284 
TYR C    C  N N 285 
TYR O    O  N N 286 
TYR CB   C  N N 287 
TYR CG   C  Y N 288 
TYR CD1  C  Y N 289 
TYR CD2  C  Y N 290 
TYR CE1  C  Y N 291 
TYR CE2  C  Y N 292 
TYR CZ   C  Y N 293 
TYR OH   O  N N 294 
TYR OXT  O  N N 295 
TYR H    H  N N 296 
TYR H2   H  N N 297 
TYR HA   H  N N 298 
TYR HB2  H  N N 299 
TYR HB3  H  N N 300 
TYR HD1  H  N N 301 
TYR HD2  H  N N 302 
TYR HE1  H  N N 303 
TYR HE2  H  N N 304 
TYR HH   H  N N 305 
TYR HXT  H  N N 306 
VAL N    N  N N 307 
VAL CA   C  N S 308 
VAL C    C  N N 309 
VAL O    O  N N 310 
VAL CB   C  N N 311 
VAL CG1  C  N N 312 
VAL CG2  C  N N 313 
VAL OXT  O  N N 314 
VAL H    H  N N 315 
VAL H2   H  N N 316 
VAL HA   H  N N 317 
VAL HB   H  N N 318 
VAL HG11 H  N N 319 
VAL HG12 H  N N 320 
VAL HG13 H  N N 321 
VAL HG21 H  N N 322 
VAL HG22 H  N N 323 
VAL HG23 H  N N 324 
VAL HXT  H  N N 325 
# 
loop_
_chem_comp_bond.comp_id 
_chem_comp_bond.atom_id_1 
_chem_comp_bond.atom_id_2 
_chem_comp_bond.value_order 
_chem_comp_bond.pdbx_aromatic_flag 
_chem_comp_bond.pdbx_stereo_config 
_chem_comp_bond.pdbx_ordinal 
ALA N   CA   sing N N 1   
ALA N   H    sing N N 2   
ALA N   H2   sing N N 3   
ALA CA  C    sing N N 4   
ALA CA  CB   sing N N 5   
ALA CA  HA   sing N N 6   
ALA C   O    doub N N 7   
ALA C   OXT  sing N N 8   
ALA CB  HB1  sing N N 9   
ALA CB  HB2  sing N N 10  
ALA CB  HB3  sing N N 11  
ALA OXT HXT  sing N N 12  
ARG N   CA   sing N N 13  
ARG N   H    sing N N 14  
ARG N   H2   sing N N 15  
ARG CA  C    sing N N 16  
ARG CA  CB   sing N N 17  
ARG CA  HA   sing N N 18  
ARG C   O    doub N N 19  
ARG C   OXT  sing N N 20  
ARG CB  CG   sing N N 21  
ARG CB  HB2  sing N N 22  
ARG CB  HB3  sing N N 23  
ARG CG  CD   sing N N 24  
ARG CG  HG2  sing N N 25  
ARG CG  HG3  sing N N 26  
ARG CD  NE   sing N N 27  
ARG CD  HD2  sing N N 28  
ARG CD  HD3  sing N N 29  
ARG NE  CZ   sing N N 30  
ARG NE  HE   sing N N 31  
ARG CZ  NH1  sing N N 32  
ARG CZ  NH2  doub N N 33  
ARG NH1 HH11 sing N N 34  
ARG NH1 HH12 sing N N 35  
ARG NH2 HH21 sing N N 36  
ARG NH2 HH22 sing N N 37  
ARG OXT HXT  sing N N 38  
ASN N   CA   sing N N 39  
ASN N   H    sing N N 40  
ASN N   H2   sing N N 41  
ASN CA  C    sing N N 42  
ASN CA  CB   sing N N 43  
ASN CA  HA   sing N N 44  
ASN C   O    doub N N 45  
ASN C   OXT  sing N N 46  
ASN CB  CG   sing N N 47  
ASN CB  HB2  sing N N 48  
ASN CB  HB3  sing N N 49  
ASN CG  OD1  doub N N 50  
ASN CG  ND2  sing N N 51  
ASN ND2 HD21 sing N N 52  
ASN ND2 HD22 sing N N 53  
ASN OXT HXT  sing N N 54  
ASP N   CA   sing N N 55  
ASP N   H    sing N N 56  
ASP N   H2   sing N N 57  
ASP CA  C    sing N N 58  
ASP CA  CB   sing N N 59  
ASP CA  HA   sing N N 60  
ASP C   O    doub N N 61  
ASP C   OXT  sing N N 62  
ASP CB  CG   sing N N 63  
ASP CB  HB2  sing N N 64  
ASP CB  HB3  sing N N 65  
ASP CG  OD1  doub N N 66  
ASP CG  OD2  sing N N 67  
ASP OD2 HD2  sing N N 68  
ASP OXT HXT  sing N N 69  
CYS N   CA   sing N N 70  
CYS N   H    sing N N 71  
CYS N   H2   sing N N 72  
CYS CA  C    sing N N 73  
CYS CA  CB   sing N N 74  
CYS CA  HA   sing N N 75  
CYS C   O    doub N N 76  
CYS C   OXT  sing N N 77  
CYS CB  SG   sing N N 78  
CYS CB  HB2  sing N N 79  
CYS CB  HB3  sing N N 80  
CYS SG  HG   sing N N 81  
CYS OXT HXT  sing N N 82  
GLN N   CA   sing N N 83  
GLN N   H    sing N N 84  
GLN N   H2   sing N N 85  
GLN CA  C    sing N N 86  
GLN CA  CB   sing N N 87  
GLN CA  HA   sing N N 88  
GLN C   O    doub N N 89  
GLN C   OXT  sing N N 90  
GLN CB  CG   sing N N 91  
GLN CB  HB2  sing N N 92  
GLN CB  HB3  sing N N 93  
GLN CG  CD   sing N N 94  
GLN CG  HG2  sing N N 95  
GLN CG  HG3  sing N N 96  
GLN CD  OE1  doub N N 97  
GLN CD  NE2  sing N N 98  
GLN NE2 HE21 sing N N 99  
GLN NE2 HE22 sing N N 100 
GLN OXT HXT  sing N N 101 
GLU N   CA   sing N N 102 
GLU N   H    sing N N 103 
GLU N   H2   sing N N 104 
GLU CA  C    sing N N 105 
GLU CA  CB   sing N N 106 
GLU CA  HA   sing N N 107 
GLU C   O    doub N N 108 
GLU C   OXT  sing N N 109 
GLU CB  CG   sing N N 110 
GLU CB  HB2  sing N N 111 
GLU CB  HB3  sing N N 112 
GLU CG  CD   sing N N 113 
GLU CG  HG2  sing N N 114 
GLU CG  HG3  sing N N 115 
GLU CD  OE1  doub N N 116 
GLU CD  OE2  sing N N 117 
GLU OE2 HE2  sing N N 118 
GLU OXT HXT  sing N N 119 
GLY N   CA   sing N N 120 
GLY N   H    sing N N 121 
GLY N   H2   sing N N 122 
GLY CA  C    sing N N 123 
GLY CA  HA2  sing N N 124 
GLY CA  HA3  sing N N 125 
GLY C   O    doub N N 126 
GLY C   OXT  sing N N 127 
GLY OXT HXT  sing N N 128 
HOH O   H1   sing N N 129 
HOH O   H2   sing N N 130 
ILE N   CA   sing N N 131 
ILE N   H    sing N N 132 
ILE N   H2   sing N N 133 
ILE CA  C    sing N N 134 
ILE CA  CB   sing N N 135 
ILE CA  HA   sing N N 136 
ILE C   O    doub N N 137 
ILE C   OXT  sing N N 138 
ILE CB  CG1  sing N N 139 
ILE CB  CG2  sing N N 140 
ILE CB  HB   sing N N 141 
ILE CG1 CD1  sing N N 142 
ILE CG1 HG12 sing N N 143 
ILE CG1 HG13 sing N N 144 
ILE CG2 HG21 sing N N 145 
ILE CG2 HG22 sing N N 146 
ILE CG2 HG23 sing N N 147 
ILE CD1 HD11 sing N N 148 
ILE CD1 HD12 sing N N 149 
ILE CD1 HD13 sing N N 150 
ILE OXT HXT  sing N N 151 
LEU N   CA   sing N N 152 
LEU N   H    sing N N 153 
LEU N   H2   sing N N 154 
LEU CA  C    sing N N 155 
LEU CA  CB   sing N N 156 
LEU CA  HA   sing N N 157 
LEU C   O    doub N N 158 
LEU C   OXT  sing N N 159 
LEU CB  CG   sing N N 160 
LEU CB  HB2  sing N N 161 
LEU CB  HB3  sing N N 162 
LEU CG  CD1  sing N N 163 
LEU CG  CD2  sing N N 164 
LEU CG  HG   sing N N 165 
LEU CD1 HD11 sing N N 166 
LEU CD1 HD12 sing N N 167 
LEU CD1 HD13 sing N N 168 
LEU CD2 HD21 sing N N 169 
LEU CD2 HD22 sing N N 170 
LEU CD2 HD23 sing N N 171 
LEU OXT HXT  sing N N 172 
LYS N   CA   sing N N 173 
LYS N   H    sing N N 174 
LYS N   H2   sing N N 175 
LYS CA  C    sing N N 176 
LYS CA  CB   sing N N 177 
LYS CA  HA   sing N N 178 
LYS C   O    doub N N 179 
LYS C   OXT  sing N N 180 
LYS CB  CG   sing N N 181 
LYS CB  HB2  sing N N 182 
LYS CB  HB3  sing N N 183 
LYS CG  CD   sing N N 184 
LYS CG  HG2  sing N N 185 
LYS CG  HG3  sing N N 186 
LYS CD  CE   sing N N 187 
LYS CD  HD2  sing N N 188 
LYS CD  HD3  sing N N 189 
LYS CE  NZ   sing N N 190 
LYS CE  HE2  sing N N 191 
LYS CE  HE3  sing N N 192 
LYS NZ  HZ1  sing N N 193 
LYS NZ  HZ2  sing N N 194 
LYS NZ  HZ3  sing N N 195 
LYS OXT HXT  sing N N 196 
MSE N   CA   sing N N 197 
MSE N   H    sing N N 198 
MSE N   H2   sing N N 199 
MSE CA  C    sing N N 200 
MSE CA  CB   sing N N 201 
MSE CA  HA   sing N N 202 
MSE C   O    doub N N 203 
MSE C   OXT  sing N N 204 
MSE OXT HXT  sing N N 205 
MSE CB  CG   sing N N 206 
MSE CB  HB2  sing N N 207 
MSE CB  HB3  sing N N 208 
MSE CG  SE   sing N N 209 
MSE CG  HG2  sing N N 210 
MSE CG  HG3  sing N N 211 
MSE SE  CE   sing N N 212 
MSE CE  HE1  sing N N 213 
MSE CE  HE2  sing N N 214 
MSE CE  HE3  sing N N 215 
PHE N   CA   sing N N 216 
PHE N   H    sing N N 217 
PHE N   H2   sing N N 218 
PHE CA  C    sing N N 219 
PHE CA  CB   sing N N 220 
PHE CA  HA   sing N N 221 
PHE C   O    doub N N 222 
PHE C   OXT  sing N N 223 
PHE CB  CG   sing N N 224 
PHE CB  HB2  sing N N 225 
PHE CB  HB3  sing N N 226 
PHE CG  CD1  doub Y N 227 
PHE CG  CD2  sing Y N 228 
PHE CD1 CE1  sing Y N 229 
PHE CD1 HD1  sing N N 230 
PHE CD2 CE2  doub Y N 231 
PHE CD2 HD2  sing N N 232 
PHE CE1 CZ   doub Y N 233 
PHE CE1 HE1  sing N N 234 
PHE CE2 CZ   sing Y N 235 
PHE CE2 HE2  sing N N 236 
PHE CZ  HZ   sing N N 237 
PHE OXT HXT  sing N N 238 
PRO N   CA   sing N N 239 
PRO N   CD   sing N N 240 
PRO N   H    sing N N 241 
PRO CA  C    sing N N 242 
PRO CA  CB   sing N N 243 
PRO CA  HA   sing N N 244 
PRO C   O    doub N N 245 
PRO C   OXT  sing N N 246 
PRO CB  CG   sing N N 247 
PRO CB  HB2  sing N N 248 
PRO CB  HB3  sing N N 249 
PRO CG  CD   sing N N 250 
PRO CG  HG2  sing N N 251 
PRO CG  HG3  sing N N 252 
PRO CD  HD2  sing N N 253 
PRO CD  HD3  sing N N 254 
PRO OXT HXT  sing N N 255 
SER N   CA   sing N N 256 
SER N   H    sing N N 257 
SER N   H2   sing N N 258 
SER CA  C    sing N N 259 
SER CA  CB   sing N N 260 
SER CA  HA   sing N N 261 
SER C   O    doub N N 262 
SER C   OXT  sing N N 263 
SER CB  OG   sing N N 264 
SER CB  HB2  sing N N 265 
SER CB  HB3  sing N N 266 
SER OG  HG   sing N N 267 
SER OXT HXT  sing N N 268 
TYR N   CA   sing N N 269 
TYR N   H    sing N N 270 
TYR N   H2   sing N N 271 
TYR CA  C    sing N N 272 
TYR CA  CB   sing N N 273 
TYR CA  HA   sing N N 274 
TYR C   O    doub N N 275 
TYR C   OXT  sing N N 276 
TYR CB  CG   sing N N 277 
TYR CB  HB2  sing N N 278 
TYR CB  HB3  sing N N 279 
TYR CG  CD1  doub Y N 280 
TYR CG  CD2  sing Y N 281 
TYR CD1 CE1  sing Y N 282 
TYR CD1 HD1  sing N N 283 
TYR CD2 CE2  doub Y N 284 
TYR CD2 HD2  sing N N 285 
TYR CE1 CZ   doub Y N 286 
TYR CE1 HE1  sing N N 287 
TYR CE2 CZ   sing Y N 288 
TYR CE2 HE2  sing N N 289 
TYR CZ  OH   sing N N 290 
TYR OH  HH   sing N N 291 
TYR OXT HXT  sing N N 292 
VAL N   CA   sing N N 293 
VAL N   H    sing N N 294 
VAL N   H2   sing N N 295 
VAL CA  C    sing N N 296 
VAL CA  CB   sing N N 297 
VAL CA  HA   sing N N 298 
VAL C   O    doub N N 299 
VAL C   OXT  sing N N 300 
VAL CB  CG1  sing N N 301 
VAL CB  CG2  sing N N 302 
VAL CB  HB   sing N N 303 
VAL CG1 HG11 sing N N 304 
VAL CG1 HG12 sing N N 305 
VAL CG1 HG13 sing N N 306 
VAL CG2 HG21 sing N N 307 
VAL CG2 HG22 sing N N 308 
VAL CG2 HG23 sing N N 309 
VAL OXT HXT  sing N N 310 
# 
loop_
_pdbx_audit_support.funding_organization 
_pdbx_audit_support.country 
_pdbx_audit_support.grant_number 
_pdbx_audit_support.ordinal 
'National Institutes of Health/National Institute Of Allergy and Infectious Diseases (NIH/NIAID)' 'United States' 
HHSN272201200026C 1 
'National Institutes of Health/National Institute Of Allergy and Infectious Diseases (NIH/NIAID)' 'United States' 
HHSN272201700060C 2 
# 
_atom_sites.entry_id                    6O6D 
_atom_sites.fract_transf_matrix[1][1]   0.00760993 
_atom_sites.fract_transf_matrix[1][2]   -0.01225260 
_atom_sites.fract_transf_matrix[1][3]   0.01027480 
_atom_sites.fract_transf_matrix[2][1]   -0.01064121 
_atom_sites.fract_transf_matrix[2][2]   -0.01237394 
_atom_sites.fract_transf_matrix[2][3]   -0.00687450 
_atom_sites.fract_transf_matrix[3][1]   0.01222288 
_atom_sites.fract_transf_matrix[3][2]   -0.00329740 
_atom_sites.fract_transf_matrix[3][3]   -0.01298486 
_atom_sites.fract_transf_vector[1]      0.125573 
_atom_sites.fract_transf_vector[2]      0.348656 
_atom_sites.fract_transf_vector[3]      0.129744 
# 
loop_
_atom_type.symbol 
C  
N  
O  
S  
SE 
# 
loop_
_atom_site.group_PDB 
_atom_site.id 
_atom_site.type_symbol 
_atom_site.label_atom_id 
_atom_site.label_alt_id 
_atom_site.label_comp_id 
_atom_site.label_asym_id 
_atom_site.label_entity_id 
_atom_site.label_seq_id 
_atom_site.pdbx_PDB_ins_code 
_atom_site.Cartn_x 
_atom_site.Cartn_y 
_atom_site.Cartn_z 
_atom_site.occupancy 
_atom_site.B_iso_or_equiv 
_atom_site.pdbx_formal_charge 
_atom_site.auth_seq_id 
_atom_site.auth_comp_id 
_atom_site.auth_asym_id 
_atom_site.auth_atom_id 
_atom_site.pdbx_PDB_model_num 
ATOM   1   N  N   . GLU A 1 8  ? 7.832   8.767   8.581   1.00 82.87  ? 5   GLU A N   1 
ATOM   2   C  CA  . GLU A 1 8  ? 6.462   9.270   8.891   1.00 77.87  ? 5   GLU A CA  1 
ATOM   3   C  C   . GLU A 1 8  ? 5.388   8.324   8.321   1.00 67.88  ? 5   GLU A C   1 
ATOM   4   O  O   . GLU A 1 8  ? 4.249   8.219   8.897   1.00 68.05  ? 5   GLU A O   1 
ATOM   5   C  CB  . GLU A 1 8  ? 6.292   10.665  8.288   1.00 81.24  ? 5   GLU A CB  1 
ATOM   6   C  CG  . GLU A 1 8  ? 5.135   11.407  8.901   1.00 84.13  ? 5   GLU A CG  1 
ATOM   7   C  CD  . GLU A 1 8  ? 5.233   11.427  10.415  1.00 90.90  ? 5   GLU A CD  1 
ATOM   8   O  OE1 . GLU A 1 8  ? 6.021   12.243  10.935  1.00 90.15  ? 5   GLU A OE1 1 
ATOM   9   O  OE2 . GLU A 1 8  ? 4.569   10.581  11.061  1.00 88.29  ? 5   GLU A OE2 1 
ATOM   10  N  N   . VAL A 1 9  ? 5.677   7.725   7.175   1.00 63.05  ? 6   VAL A N   1 
ATOM   11  C  CA  . VAL A 1 9  ? 4.741   6.831   6.432   1.00 56.30  ? 6   VAL A CA  1 
ATOM   12  C  C   . VAL A 1 9  ? 5.234   5.400   6.567   1.00 49.10  ? 6   VAL A C   1 
ATOM   13  O  O   . VAL A 1 9  ? 6.402   5.211   6.361   1.00 52.54  ? 6   VAL A O   1 
ATOM   14  C  CB  . VAL A 1 9  ? 4.672   7.256   4.955   1.00 62.53  ? 6   VAL A CB  1 
ATOM   15  C  CG1 . VAL A 1 9  ? 3.751   6.342   4.161   1.00 57.04  ? 6   VAL A CG1 1 
ATOM   16  C  CG2 . VAL A 1 9  ? 4.244   8.725   4.848   1.00 66.44  ? 6   VAL A CG2 1 
ATOM   17  N  N   . LEU A 1 10 ? 4.379   4.444   6.900   1.00 43.76  ? 7   LEU A N   1 
ATOM   18  C  CA  . LEU A 1 10 ? 4.752   3.007   6.975   1.00 43.66  ? 7   LEU A CA  1 
ATOM   19  C  C   . LEU A 1 10 ? 4.893   2.430   5.558   1.00 41.33  ? 7   LEU A C   1 
ATOM   20  O  O   . LEU A 1 10 ? 3.993   2.705   4.726   1.00 37.01  ? 7   LEU A O   1 
ATOM   21  C  CB  . LEU A 1 10 ? 3.699   2.221   7.753   1.00 43.95  ? 7   LEU A CB  1 
ATOM   22  C  CG  . LEU A 1 10 ? 3.865   2.223   9.273   1.00 53.44  ? 7   LEU A CG  1 
ATOM   23  C  CD1 . LEU A 1 10 ? 3.756   3.632   9.800   1.00 58.51  ? 7   LEU A CD1 1 
ATOM   24  C  CD2 . LEU A 1 10 ? 2.843   1.305   9.914   1.00 53.49  ? 7   LEU A CD2 1 
ATOM   25  N  N   . LEU A 1 11 ? 5.926   1.596   5.356   1.00 40.10  ? 8   LEU A N   1 
ATOM   26  C  CA  . LEU A 1 11 ? 6.252   1.014   4.035   1.00 40.09  ? 8   LEU A CA  1 
ATOM   27  C  C   . LEU A 1 11 ? 6.465   -0.471  4.149   1.00 38.92  ? 8   LEU A C   1 
ATOM   28  O  O   . LEU A 1 11 ? 7.103   -0.910  5.125   1.00 37.85  ? 8   LEU A O   1 
ATOM   29  C  CB  . LEU A 1 11 ? 7.507   1.634   3.425   1.00 43.04  ? 8   LEU A CB  1 
ATOM   30  C  CG  . LEU A 1 11 ? 7.500   3.132   3.196   1.00 46.70  ? 8   LEU A CG  1 
ATOM   31  C  CD1 . LEU A 1 11 ? 8.905   3.604   2.771   1.00 51.12  ? 8   LEU A CD1 1 
ATOM   32  C  CD2 . LEU A 1 11 ? 6.448   3.535   2.180   1.00 45.27  ? 8   LEU A CD2 1 
ATOM   33  N  N   . ASN A 1 12 ? 6.079   -1.173  3.086   1.00 37.94  ? 9   ASN A N   1 
ATOM   34  C  CA  . ASN A 1 12 ? 6.595   -2.535  2.788   1.00 38.37  ? 9   ASN A CA  1 
ATOM   35  C  C   . ASN A 1 12 ? 6.357   -3.394  4.046   1.00 40.73  ? 9   ASN A C   1 
ATOM   36  O  O   . ASN A 1 12 ? 5.178   -3.494  4.452   1.00 39.70  ? 9   ASN A O   1 
ATOM   37  C  CB  . ASN A 1 12 ? 8.046   -2.422  2.287   1.00 40.46  ? 9   ASN A CB  1 
ATOM   38  C  CG  . ASN A 1 12 ? 8.071   -1.719  0.937   1.00 40.74  ? 9   ASN A CG  1 
ATOM   39  O  OD1 . ASN A 1 12 ? 7.223   -1.993  0.076   1.00 36.67  ? 9   ASN A OD1 1 
ATOM   40  N  ND2 . ASN A 1 12 ? 9.013   -0.838  0.738   1.00 41.84  ? 9   ASN A ND2 1 
ATOM   41  N  N   . GLY A 1 13 ? 7.403   -4.015  4.606   1.00 42.13  ? 10  GLY A N   1 
ATOM   42  C  CA  . GLY A 1 13 ? 7.295   -5.087  5.626   1.00 43.53  ? 10  GLY A CA  1 
ATOM   43  C  C   . GLY A 1 13 ? 6.812   -4.565  6.973   1.00 43.38  ? 10  GLY A C   1 
ATOM   44  O  O   . GLY A 1 13 ? 6.476   -5.398  7.854   1.00 46.55  ? 10  GLY A O   1 
ATOM   45  N  N   . ASP A 1 14 ? 6.777   -3.241  7.145   1.00 41.18  ? 11  ASP A N   1 
ATOM   46  C  CA  . ASP A 1 14 ? 6.341   -2.556  8.392   1.00 41.82  ? 11  ASP A CA  1 
ATOM   47  C  C   . ASP A 1 14 ? 4.809   -2.446  8.448   1.00 39.95  ? 11  ASP A C   1 
ATOM   48  O  O   . ASP A 1 14 ? 4.284   -1.975  9.477   1.00 40.11  ? 11  ASP A O   1 
ATOM   49  C  CB  . ASP A 1 14 ? 6.926   -1.159  8.450   1.00 43.81  ? 11  ASP A CB  1 
ATOM   50  C  CG  . ASP A 1 14 ? 8.422   -1.164  8.791   1.00 53.56  ? 11  ASP A CG  1 
ATOM   51  O  OD1 . ASP A 1 14 ? 8.937   -2.230  9.217   1.00 50.34  ? 11  ASP A OD1 1 
ATOM   52  O  OD2 . ASP A 1 14 ? 9.049   -0.100  8.636   1.00 53.89  ? 11  ASP A OD2 1 
ATOM   53  N  N   . ILE A 1 15 ? 4.119   -2.828  7.374   1.00 37.88  ? 12  ILE A N   1 
ATOM   54  C  CA  . ILE A 1 15 ? 2.618   -2.728  7.276   1.00 35.00  ? 12  ILE A CA  1 
ATOM   55  C  C   . ILE A 1 15 ? 2.060   -4.117  7.617   1.00 37.73  ? 12  ILE A C   1 
ATOM   56  O  O   . ILE A 1 15 ? 2.200   -5.032  6.794   1.00 35.44  ? 12  ILE A O   1 
ATOM   57  C  CB  . ILE A 1 15 ? 2.163   -2.267  5.869   1.00 35.28  ? 12  ILE A CB  1 
ATOM   58  C  CG1 . ILE A 1 15 ? 2.702   -0.879  5.501   1.00 32.98  ? 12  ILE A CG1 1 
ATOM   59  C  CG2 . ILE A 1 15 ? 0.623   -2.246  5.780   1.00 35.77  ? 12  ILE A CG2 1 
ATOM   60  C  CD1 . ILE A 1 15 ? 2.556   -0.526  4.028   1.00 33.80  ? 12  ILE A CD1 1 
ATOM   61  N  N   . ASN A 1 16 ? 1.489   -4.275  8.816   1.00 36.89  ? 13  ASN A N   1 
ATOM   62  C  CA  . ASN A 1 16 ? 1.021   -5.566  9.363   1.00 37.70  ? 13  ASN A CA  1 
ATOM   63  C  C   . ASN A 1 16 ? -0.466  -5.382  9.712   1.00 39.14  ? 13  ASN A C   1 
ATOM   64  O  O   . ASN A 1 16 ? -0.799  -4.818  10.770  1.00 40.29  ? 13  ASN A O   1 
ATOM   65  C  CB  . ASN A 1 16 ? 1.839   -6.052  10.561  1.00 38.59  ? 13  ASN A CB  1 
ATOM   66  C  CG  . ASN A 1 16 ? 3.330   -6.187  10.300  1.00 41.89  ? 13  ASN A CG  1 
ATOM   67  O  OD1 . ASN A 1 16 ? 4.161   -5.700  11.088  1.00 44.22  ? 13  ASN A OD1 1 
ATOM   68  N  ND2 . ASN A 1 16 ? 3.675   -6.910  9.251   1.00 36.54  ? 13  ASN A ND2 1 
ATOM   69  N  N   . PHE A 1 17 ? -1.332  -5.831  8.831   1.00 36.88  ? 14  PHE A N   1 
ATOM   70  C  CA  . PHE A 1 17 ? -2.796  -5.865  9.042   1.00 37.33  ? 14  PHE A CA  1 
ATOM   71  C  C   . PHE A 1 17 ? -3.325  -7.151  8.402   1.00 37.46  ? 14  PHE A C   1 
ATOM   72  O  O   . PHE A 1 17 ? -2.906  -7.475  7.282   1.00 36.33  ? 14  PHE A O   1 
ATOM   73  C  CB  . PHE A 1 17 ? -3.457  -4.619  8.449   1.00 36.67  ? 14  PHE A CB  1 
ATOM   74  C  CG  . PHE A 1 17 ? -3.067  -3.306  9.086   1.00 35.17  ? 14  PHE A CG  1 
ATOM   75  C  CD1 . PHE A 1 17 ? -3.574  -2.923  10.309  1.00 37.17  ? 14  PHE A CD1 1 
ATOM   76  C  CD2 . PHE A 1 17 ? -2.151  -2.471  8.455   1.00 38.44  ? 14  PHE A CD2 1 
ATOM   77  C  CE1 . PHE A 1 17 ? -3.174  -1.740  10.912  1.00 40.46  ? 14  PHE A CE1 1 
ATOM   78  C  CE2 . PHE A 1 17 ? -1.728  -1.298  9.077   1.00 38.79  ? 14  PHE A CE2 1 
ATOM   79  C  CZ  . PHE A 1 17 ? -2.250  -0.923  10.284  1.00 38.85  ? 14  PHE A CZ  1 
ATOM   80  N  N   . LYS A 1 18 ? -4.334  -7.746  9.018   1.00 37.73  ? 15  LYS A N   1 
ATOM   81  C  CA  . LYS A 1 18 ? -5.015  -8.946  8.472   1.00 41.55  ? 15  LYS A CA  1 
ATOM   82  C  C   . LYS A 1 18 ? -5.707  -8.602  7.173   1.00 38.15  ? 15  LYS A C   1 
ATOM   83  O  O   . LYS A 1 18 ? -5.777  -9.449  6.309   1.00 36.05  ? 15  LYS A O   1 
ATOM   84  C  CB  . LYS A 1 18 ? -6.066  -9.462  9.463   1.00 47.79  ? 15  LYS A CB  1 
ATOM   85  C  CG  . LYS A 1 18 ? -5.467  -10.237 10.616  1.00 62.61  ? 15  LYS A CG  1 
ATOM   86  C  CD  . LYS A 1 18 ? -6.506  -10.720 11.610  1.00 68.29  ? 15  LYS A CD  1 
ATOM   87  C  CE  . LYS A 1 18 ? -5.878  -11.254 12.881  1.00 75.23  ? 15  LYS A CE  1 
ATOM   88  N  NZ  . LYS A 1 18 ? -6.774  -10.990 14.029  1.00 76.98  ? 15  LYS A NZ  1 
ATOM   89  N  N   . GLU A 1 19 ? -6.190  -7.365  7.040   1.00 35.83  ? 16  GLU A N   1 
ATOM   90  C  CA  . GLU A 1 19 ? -6.927  -6.884  5.863   1.00 33.90  ? 16  GLU A CA  1 
ATOM   91  C  C   . GLU A 1 19 ? -6.456  -5.469  5.564   1.00 33.34  ? 16  GLU A C   1 
ATOM   92  O  O   . GLU A 1 19 ? -6.465  -4.686  6.518   1.00 32.17  ? 16  GLU A O   1 
ATOM   93  C  CB  . GLU A 1 19 ? -8.432  -6.854  6.128   1.00 37.31  ? 16  GLU A CB  1 
ATOM   94  C  CG  . GLU A 1 19 ? -9.023  -8.248  6.144   1.00 47.00  ? 16  GLU A CG  1 
ATOM   95  C  CD  . GLU A 1 19 ? -10.547 -8.258  6.141   1.00 53.36  ? 16  GLU A CD  1 
ATOM   96  O  OE1 . GLU A 1 19 ? -11.137 -7.306  6.672   1.00 57.92  ? 16  GLU A OE1 1 
ATOM   97  O  OE2 . GLU A 1 19 ? -11.115 -9.188  5.546   1.00 63.29  ? 16  GLU A OE2 1 
ATOM   98  N  N   . VAL A 1 20 ? -6.190  -5.194  4.291   1.00 31.80  ? 17  VAL A N   1 
ATOM   99  C  CA  . VAL A 1 20 ? -5.973  -3.842  3.748   1.00 29.65  ? 17  VAL A CA  1 
ATOM   100 C  C   . VAL A 1 20 ? -6.739  -3.738  2.437   1.00 31.38  ? 17  VAL A C   1 
ATOM   101 O  O   . VAL A 1 20 ? -6.907  -4.745  1.758   1.00 31.70  ? 17  VAL A O   1 
ATOM   102 C  CB  . VAL A 1 20 ? -4.491  -3.525  3.547   1.00 29.57  ? 17  VAL A CB  1 
ATOM   103 C  CG1 . VAL A 1 20 ? -3.702  -3.591  4.859   1.00 32.69  ? 17  VAL A CG1 1 
ATOM   104 C  CG2 . VAL A 1 20 ? -3.792  -4.351  2.477   1.00 32.39  ? 17  VAL A CG2 1 
ATOM   105 N  N   . ARG A 1 21 ? -7.172  -2.533  2.126   1.00 28.15  ? 18  ARG A N   1 
ATOM   106 C  CA  . ARG A 1 21 ? -7.723  -2.208  0.803   1.00 28.82  ? 18  ARG A CA  1 
ATOM   107 C  C   . ARG A 1 21 ? -6.540  -1.792  -0.032  1.00 31.03  ? 18  ARG A C   1 
ATOM   108 O  O   . ARG A 1 21 ? -5.930  -0.741  0.281   1.00 33.59  ? 18  ARG A O   1 
ATOM   109 C  CB  . ARG A 1 21 ? -8.769  -1.093  0.870   1.00 32.66  ? 18  ARG A CB  1 
ATOM   110 C  CG  . ARG A 1 21 ? -9.343  -0.790  -0.506  1.00 34.45  ? 18  ARG A CG  1 
ATOM   111 C  CD  . ARG A 1 21 ? -10.441 0.237   -0.439  1.00 35.86  ? 18  ARG A CD  1 
ATOM   112 N  NE  . ARG A 1 21 ? -11.485 -0.039  0.565   1.00 36.83  ? 18  ARG A NE  1 
ATOM   113 C  CZ  . ARG A 1 21 ? -12.429 -0.960  0.416   1.00 39.36  ? 18  ARG A CZ  1 
ATOM   114 N  NH1 . ARG A 1 21 ? -12.495 -1.635  -0.732  1.00 37.26  ? 18  ARG A NH1 1 
ATOM   115 N  NH2 . ARG A 1 21 ? -13.290 -1.180  1.392   1.00 39.20  ? 18  ARG A NH2 1 
ATOM   116 N  N   . CYS A 1 22 ? -6.213  -2.573  -1.046  1.00 30.20  ? 19  CYS A N   1 
ATOM   117 C  CA  . CYS A 1 22 ? -4.960  -2.389  -1.841  1.00 31.54  ? 19  CYS A CA  1 
ATOM   118 C  C   . CYS A 1 22 ? -5.304  -1.783  -3.203  1.00 33.47  ? 19  CYS A C   1 
ATOM   119 O  O   . CYS A 1 22 ? -6.224  -2.308  -3.898  1.00 31.31  ? 19  CYS A O   1 
ATOM   120 C  CB  . CYS A 1 22 ? -4.228  -3.723  -1.873  1.00 36.16  ? 19  CYS A CB  1 
ATOM   121 S  SG  . CYS A 1 22 ? -2.639  -3.625  -2.747  1.00 39.70  ? 19  CYS A SG  1 
ATOM   122 N  N   . VAL A 1 23 ? -4.731  -0.611  -3.531  1.00 29.19  ? 20  VAL A N   1 
ATOM   123 C  CA  . VAL A 1 23 ? -5.042  0.109   -4.782  1.00 31.82  ? 20  VAL A CA  1 
ATOM   124 C  C   . VAL A 1 23 ? -3.706  0.396   -5.489  1.00 32.90  ? 20  VAL A C   1 
ATOM   125 O  O   . VAL A 1 23 ? -2.680  0.466   -4.815  1.00 34.37  ? 20  VAL A O   1 
ATOM   126 C  CB  . VAL A 1 23 ? -5.802  1.421   -4.480  1.00 37.02  ? 20  VAL A CB  1 
ATOM   127 C  CG1 . VAL A 1 23 ? -6.150  2.134   -5.765  1.00 46.50  ? 20  VAL A CG1 1 
ATOM   128 C  CG2 . VAL A 1 23 ? -7.084  1.179   -3.669  1.00 40.16  ? 20  VAL A CG2 1 
ATOM   129 N  N   . GLY A 1 24 ? -3.701  0.482   -6.790  1.00 34.10  ? 21  GLY A N   1 
ATOM   130 C  CA  . GLY A 1 24 ? -2.458  0.755   -7.530  1.00 35.76  ? 21  GLY A CA  1 
ATOM   131 C  C   . GLY A 1 24 ? -2.385  2.247   -7.822  1.00 38.66  ? 21  GLY A C   1 
ATOM   132 O  O   . GLY A 1 24 ? -3.278  3.009   -7.394  1.00 39.77  ? 21  GLY A O   1 
ATOM   133 N  N   . ASP A 1 25 ? -1.366  2.662   -8.530  1.00 41.80  ? 22  ASP A N   1 
ATOM   134 C  CA  . ASP A 1 25 ? -1.109  4.114   -8.732  1.00 44.34  ? 22  ASP A CA  1 
ATOM   135 C  C   . ASP A 1 25 ? -1.936  4.671   -9.897  1.00 50.33  ? 22  ASP A C   1 
ATOM   136 O  O   . ASP A 1 25 ? -1.870  5.922   -10.142 1.00 50.74  ? 22  ASP A O   1 
ATOM   137 C  CB  . ASP A 1 25 ? 0.394   4.312   -8.926  1.00 47.92  ? 22  ASP A CB  1 
ATOM   138 C  CG  . ASP A 1 25 ? 0.837   5.751   -8.697  1.00 52.55  ? 22  ASP A CG  1 
ATOM   139 O  OD1 . ASP A 1 25 ? 0.102   6.523   -8.010  1.00 51.66  ? 22  ASP A OD1 1 
ATOM   140 O  OD2 . ASP A 1 25 ? 1.918   6.083   -9.190  1.00 59.47  ? 22  ASP A OD2 1 
ATOM   141 N  N   . ASN A 1 26 ? -2.635  3.848   -10.684 1.00 48.45  ? 23  ASN A N   1 
ATOM   142 C  CA  . ASN A 1 26 ? -3.472  4.431   -11.775 1.00 54.68  ? 23  ASN A CA  1 
ATOM   143 C  C   . ASN A 1 26 ? -4.882  3.885   -11.695 1.00 52.81  ? 23  ASN A C   1 
ATOM   144 O  O   . ASN A 1 26 ? -5.383  3.503   -12.737 1.00 56.17  ? 23  ASN A O   1 
ATOM   145 C  CB  . ASN A 1 26 ? -2.935  4.116   -13.158 1.00 63.11  ? 23  ASN A CB  1 
ATOM   146 C  CG  . ASN A 1 26 ? -1.424  4.131   -13.185 1.00 71.54  ? 23  ASN A CG  1 
ATOM   147 O  OD1 . ASN A 1 26 ? -0.817  5.196   -13.330 1.00 69.09  ? 23  ASN A OD1 1 
ATOM   148 N  ND2 . ASN A 1 26 ? -0.830  2.952   -13.014 1.00 74.58  ? 23  ASN A ND2 1 
ATOM   149 N  N   . GLY A 1 27 ? -5.437  3.784   -10.503 1.00 49.45  ? 24  GLY A N   1 
ATOM   150 C  CA  . GLY A 1 27 ? -6.825  3.330   -10.295 1.00 52.81  ? 24  GLY A CA  1 
ATOM   151 C  C   . GLY A 1 27 ? -6.951  1.807   -10.270 1.00 48.18  ? 24  GLY A C   1 
ATOM   152 O  O   . GLY A 1 27 ? -8.072  1.324   -10.201 1.00 49.01  ? 24  GLY A O   1 
ATOM   153 N  N   . GLU A 1 28 ? -5.868  1.050   -10.270 1.00 42.06  ? 25  GLU A N   1 
ATOM   154 C  CA  . GLU A 1 28 ? -5.992  -0.443  -10.256 1.00 37.23  ? 25  GLU A CA  1 
ATOM   155 C  C   . GLU A 1 28 ? -6.603  -0.884  -8.929  1.00 35.44  ? 25  GLU A C   1 
ATOM   156 O  O   . GLU A 1 28 ? -6.157  -0.435  -7.883  1.00 37.10  ? 25  GLU A O   1 
ATOM   157 C  CB  . GLU A 1 28 ? -4.669  -1.146  -10.442 1.00 39.17  ? 25  GLU A CB  1 
ATOM   158 C  CG  . GLU A 1 28 ? -4.032  -0.769  -11.775 1.00 43.65  ? 25  GLU A CG  1 
ATOM   159 C  CD  . GLU A 1 28 ? -3.057  0.394   -11.723 1.00 47.63  ? 25  GLU A CD  1 
ATOM   160 O  OE1 . GLU A 1 28 ? -3.181  1.230   -10.785 1.00 42.49  ? 25  GLU A OE1 1 
ATOM   161 O  OE2 . GLU A 1 28 ? -2.238  0.514   -12.681 1.00 51.91  ? 25  GLU A OE2 1 
ATOM   162 N  N   . VAL A 1 29 ? -7.598  -1.746  -8.997  1.00 37.08  ? 26  VAL A N   1 
ATOM   163 C  CA  . VAL A 1 29 ? -8.267  -2.329  -7.798  1.00 38.71  ? 26  VAL A CA  1 
ATOM   164 C  C   . VAL A 1 29 ? -7.613  -3.693  -7.537  1.00 36.76  ? 26  VAL A C   1 
ATOM   165 O  O   . VAL A 1 29 ? -7.602  -4.492  -8.466  1.00 34.94  ? 26  VAL A O   1 
ATOM   166 C  CB  . VAL A 1 29 ? -9.760  -2.549  -8.138  1.00 47.22  ? 26  VAL A CB  1 
ATOM   167 C  CG1 . VAL A 1 29 ? -10.455 -3.493  -7.158  1.00 50.77  ? 26  VAL A CG1 1 
ATOM   168 C  CG2 . VAL A 1 29 ? -10.511 -1.235  -8.287  1.00 51.10  ? 26  VAL A CG2 1 
ATOM   169 N  N   . TYR A 1 30 ? -7.001  -3.918  -6.382  1.00 34.79  ? 27  TYR A N   1 
ATOM   170 C  CA  . TYR A 1 30 ? -6.554  -5.270  -5.982  1.00 35.57  ? 27  TYR A CA  1 
ATOM   171 C  C   . TYR A 1 30 ? -7.550  -5.920  -4.997  1.00 36.94  ? 27  TYR A C   1 
ATOM   172 O  O   . TYR A 1 30 ? -7.521  -7.122  -4.858  1.00 38.99  ? 27  TYR A O   1 
ATOM   173 C  CB  . TYR A 1 30 ? -5.126  -5.243  -5.458  1.00 34.50  ? 27  TYR A CB  1 
ATOM   174 C  CG  . TYR A 1 30 ? -4.139  -4.760  -6.475  1.00 35.20  ? 27  TYR A CG  1 
ATOM   175 C  CD1 . TYR A 1 30 ? -3.673  -5.616  -7.441  1.00 38.15  ? 27  TYR A CD1 1 
ATOM   176 C  CD2 . TYR A 1 30 ? -3.736  -3.444  -6.516  1.00 39.60  ? 27  TYR A CD2 1 
ATOM   177 C  CE1 . TYR A 1 30 ? -2.760  -5.203  -8.382  1.00 36.85  ? 27  TYR A CE1 1 
ATOM   178 C  CE2 . TYR A 1 30 ? -2.828  -3.003  -7.463  1.00 41.51  ? 27  TYR A CE2 1 
ATOM   179 C  CZ  . TYR A 1 30 ? -2.370  -3.892  -8.414  1.00 38.99  ? 27  TYR A CZ  1 
ATOM   180 O  OH  . TYR A 1 30 ? -1.476  -3.517  -9.354  1.00 41.46  ? 27  TYR A OH  1 
ATOM   181 N  N   . GLY A 1 31 ? -8.446  -5.149  -4.384  1.00 33.83  ? 28  GLY A N   1 
ATOM   182 C  CA  . GLY A 1 31 ? -9.486  -5.585  -3.430  1.00 34.44  ? 28  GLY A CA  1 
ATOM   183 C  C   . GLY A 1 31 ? -8.961  -5.495  -1.998  1.00 31.98  ? 28  GLY A C   1 
ATOM   184 O  O   . GLY A 1 31 ? -7.852  -4.992  -1.746  1.00 31.80  ? 28  GLY A O   1 
ATOM   185 N  N   . ILE A 1 32 ? -9.637  -6.237  -1.128  1.00 30.50  ? 29  ILE A N   1 
ATOM   186 C  CA  . ILE A 1 32 ? -9.260  -6.348  0.305   1.00 32.77  ? 29  ILE A CA  1 
ATOM   187 C  C   . ILE A 1 32 ? -8.455  -7.645  0.429   1.00 34.11  ? 29  ILE A C   1 
ATOM   188 O  O   . ILE A 1 32 ? -8.995  -8.714  0.084   1.00 32.90  ? 29  ILE A O   1 
ATOM   189 C  CB  . ILE A 1 32 ? -10.519 -6.329  1.175   1.00 34.64  ? 29  ILE A CB  1 
ATOM   190 C  CG1 . ILE A 1 32 ? -11.269 -4.988  1.015   1.00 37.56  ? 29  ILE A CG1 1 
ATOM   191 C  CG2 . ILE A 1 32 ? -10.108 -6.591  2.628   1.00 35.48  ? 29  ILE A CG2 1 
ATOM   192 C  CD1 . ILE A 1 32 ? -12.629 -4.947  1.743   1.00 39.53  ? 29  ILE A CD1 1 
ATOM   193 N  N   . ILE A 1 33 ? -7.217  -7.558  0.847   1.00 30.53  ? 30  ILE A N   1 
ATOM   194 C  CA  . ILE A 1 33 ? -6.310  -8.730  0.934   1.00 32.85  ? 30  ILE A CA  1 
ATOM   195 C  C   . ILE A 1 33 ? -5.497  -8.533  2.219   1.00 33.08  ? 30  ILE A C   1 
ATOM   196 O  O   . ILE A 1 33 ? -5.510  -7.432  2.755   1.00 31.02  ? 30  ILE A O   1 
ATOM   197 C  CB  . ILE A 1 33 ? -5.443  -8.771  -0.350  1.00 32.07  ? 30  ILE A CB  1 
ATOM   198 C  CG1 . ILE A 1 33 ? -4.711  -7.451  -0.570  1.00 30.97  ? 30  ILE A CG1 1 
ATOM   199 C  CG2 . ILE A 1 33 ? -6.301  -9.156  -1.560  1.00 33.18  ? 30  ILE A CG2 1 
ATOM   200 C  CD1 . ILE A 1 33 ? -3.785  -7.488  -1.786  1.00 32.85  ? 30  ILE A CD1 1 
ATOM   201 N  N   . SER A 1 34 ? -4.744  -9.511  2.631   1.00 31.71  ? 31  SER A N   1 
ATOM   202 C  CA  . SER A 1 34 ? -3.828  -9.358  3.774   1.00 36.88  ? 31  SER A CA  1 
ATOM   203 C  C   . SER A 1 34 ? -2.697  -8.399  3.403   1.00 34.74  ? 31  SER A C   1 
ATOM   204 O  O   . SER A 1 34 ? -2.337  -8.263  2.230   1.00 32.52  ? 31  SER A O   1 
ATOM   205 C  CB  . SER A 1 34 ? -3.307  -10.681 4.257   1.00 40.15  ? 31  SER A CB  1 
ATOM   206 O  OG  . SER A 1 34 ? -2.330  -11.167 3.372   1.00 36.84  ? 31  SER A OG  1 
ATOM   207 N  N   . SER A 1 35 ? -2.057  -7.795  4.397   1.00 35.19  ? 32  SER A N   1 
ATOM   208 C  CA  . SER A 1 35 ? -0.871  -6.946  4.140   1.00 35.57  ? 32  SER A CA  1 
ATOM   209 C  C   . SER A 1 35 ? 0.244   -7.834  3.532   1.00 35.96  ? 32  SER A C   1 
ATOM   210 O  O   . SER A 1 35 ? 0.980   -7.333  2.686   1.00 35.78  ? 32  SER A O   1 
ATOM   211 C  CB  . SER A 1 35 ? -0.368  -6.186  5.359   1.00 36.44  ? 32  SER A CB  1 
ATOM   212 O  OG  . SER A 1 35 ? -0.142  -7.093  6.435   1.00 38.42  ? 32  SER A OG  1 
ATOM   213 N  N   . LYS A 1 36 ? 0.337   -9.094  3.929   1.00 37.64  ? 33  LYS A N   1 
ATOM   214 C  CA  . LYS A 1 36 ? 1.337   -10.036 3.388   1.00 41.42  ? 33  LYS A CA  1 
ATOM   215 C  C   . LYS A 1 36 ? 1.106   -10.219 1.883   1.00 37.79  ? 33  LYS A C   1 
ATOM   216 O  O   . LYS A 1 36 ? 2.090   -10.312 1.105   1.00 36.45  ? 33  LYS A O   1 
ATOM   217 C  CB  . LYS A 1 36 ? 1.295   -11.367 4.136   1.00 49.39  ? 33  LYS A CB  1 
ATOM   218 C  CG  . LYS A 1 36 ? 2.196   -11.399 5.358   1.00 61.55  ? 33  LYS A CG  1 
ATOM   219 C  CD  . LYS A 1 36 ? 2.212   -12.716 6.139   1.00 71.75  ? 33  LYS A CD  1 
ATOM   220 C  CE  . LYS A 1 36 ? 2.827   -12.569 7.528   1.00 78.09  ? 33  LYS A CE  1 
ATOM   221 N  NZ  . LYS A 1 36 ? 2.081   -13.345 8.551   1.00 83.27  ? 33  LYS A NZ  1 
ATOM   222 N  N   . GLU A 1 37 ? -0.131  -10.415 1.484   1.00 36.49  ? 34  GLU A N   1 
ATOM   223 C  CA  . GLU A 1 37 ? -0.484  -10.589 0.066   1.00 36.95  ? 34  GLU A CA  1 
ATOM   224 C  C   . GLU A 1 37 ? -0.202  -9.270  -0.660  1.00 33.05  ? 34  GLU A C   1 
ATOM   225 O  O   . GLU A 1 37 ? 0.284   -9.314  -1.781  1.00 34.03  ? 34  GLU A O   1 
ATOM   226 C  CB  . GLU A 1 37 ? -1.937  -11.058 -0.078  1.00 41.12  ? 34  GLU A CB  1 
ATOM   227 C  CG  . GLU A 1 37 ? -2.276  -11.497 -1.479  1.00 44.22  ? 34  GLU A CG  1 
ATOM   228 C  CD  . GLU A 1 37 ? -1.901  -12.946 -1.786  1.00 49.83  ? 34  GLU A CD  1 
ATOM   229 O  OE1 . GLU A 1 37 ? -1.371  -13.625 -0.893  1.00 50.83  ? 34  GLU A OE1 1 
ATOM   230 O  OE2 . GLU A 1 37 ? -2.224  -13.418 -2.869  1.00 47.82  ? 34  GLU A OE2 1 
ATOM   231 N  N   . ALA A 1 38 ? -0.530  -8.118  -0.079  1.00 32.38  ? 35  ALA A N   1 
ATOM   232 C  CA  . ALA A 1 38 ? -0.333  -6.821  -0.756  1.00 31.16  ? 35  ALA A CA  1 
ATOM   233 C  C   . ALA A 1 38 ? 1.172   -6.605  -0.987  1.00 30.97  ? 35  ALA A C   1 
ATOM   234 O  O   . ALA A 1 38 ? 1.595   -6.180  -2.088  1.00 33.63  ? 35  ALA A O   1 
ATOM   235 C  CB  . ALA A 1 38 ? -0.946  -5.713  0.060   1.00 32.28  ? 35  ALA A CB  1 
ATOM   236 N  N   . LEU A 1 39 ? 1.959   -6.961  0.013   1.00 32.63  ? 36  LEU A N   1 
ATOM   237 C  CA  . LEU A 1 39 ? 3.441   -6.848  -0.079  1.00 33.94  ? 36  LEU A CA  1 
ATOM   238 C  C   . LEU A 1 39 ? 3.958   -7.801  -1.171  1.00 33.29  ? 36  LEU A C   1 
ATOM   239 O  O   . LEU A 1 39 ? 4.799   -7.388  -1.940  1.00 35.03  ? 36  LEU A O   1 
ATOM   240 C  CB  . LEU A 1 39 ? 4.099   -7.099  1.269   1.00 36.06  ? 36  LEU A CB  1 
ATOM   241 C  CG  . LEU A 1 39 ? 5.630   -7.007  1.229   1.00 39.09  ? 36  LEU A CG  1 
ATOM   242 C  CD1 . LEU A 1 39 ? 6.037   -5.597  0.842   1.00 40.46  ? 36  LEU A CD1 1 
ATOM   243 C  CD2 . LEU A 1 39 ? 6.274   -7.458  2.564   1.00 42.48  ? 36  LEU A CD2 1 
ATOM   244 N  N   . LYS A 1 40 ? 3.487   -9.046  -1.246  1.00 34.31  ? 37  LYS A N   1 
ATOM   245 C  CA  . LYS A 1 40 ? 3.872   -9.987  -2.306  1.00 36.41  ? 37  LYS A CA  1 
ATOM   246 C  C   . LYS A 1 40 ? 3.532   -9.365  -3.662  1.00 35.16  ? 37  LYS A C   1 
ATOM   247 O  O   . LYS A 1 40 ? 4.376   -9.429  -4.573  1.00 37.77  ? 37  LYS A O   1 
ATOM   248 C  CB  . LYS A 1 40 ? 3.229   -11.355 -2.084  1.00 38.17  ? 37  LYS A CB  1 
ATOM   249 C  CG  . LYS A 1 40 ? 3.385   -12.326 -3.249  1.00 43.13  ? 37  LYS A CG  1 
ATOM   250 C  CD  . LYS A 1 40 ? 2.698   -13.671 -3.031  1.00 48.13  ? 37  LYS A CD  1 
ATOM   251 C  CE  . LYS A 1 40 ? 1.196   -13.517 -2.889  1.00 50.03  ? 37  LYS A CE  1 
ATOM   252 N  NZ  . LYS A 1 40 ? 0.462   -14.803 -3.057  1.00 54.06  ? 37  LYS A NZ  1 
ATOM   253 N  N   . ILE A 1 41 ? 2.372   -8.736  -3.806  1.00 34.66  ? 38  ILE A N   1 
ATOM   254 C  CA  . ILE A 1 41 ? 2.009   -8.132  -5.116  1.00 34.29  ? 38  ILE A CA  1 
ATOM   255 C  C   . ILE A 1 41 ? 2.980   -6.982  -5.383  1.00 34.87  ? 38  ILE A C   1 
ATOM   256 O  O   . ILE A 1 41 ? 3.548   -6.928  -6.470  1.00 34.09  ? 38  ILE A O   1 
ATOM   257 C  CB  . ILE A 1 41 ? 0.540   -7.674  -5.151  1.00 36.02  ? 38  ILE A CB  1 
ATOM   258 C  CG1 . ILE A 1 41 ? -0.386  -8.895  -5.105  1.00 36.68  ? 38  ILE A CG1 1 
ATOM   259 C  CG2 . ILE A 1 41 ? 0.306   -6.734  -6.335  1.00 36.47  ? 38  ILE A CG2 1 
ATOM   260 C  CD1 . ILE A 1 41 ? -1.817  -8.529  -4.763  1.00 36.71  ? 38  ILE A CD1 1 
ATOM   261 N  N   . ALA A 1 42 ? 3.219   -6.102  -4.427  1.00 34.15  ? 39  ALA A N   1 
ATOM   262 C  CA  . ALA A 1 42 ? 4.101   -4.931  -4.647  1.00 35.25  ? 39  ALA A CA  1 
ATOM   263 C  C   . ALA A 1 42 ? 5.496   -5.418  -5.067  1.00 34.65  ? 39  ALA A C   1 
ATOM   264 O  O   . ALA A 1 42 ? 6.065   -4.893  -6.040  1.00 37.33  ? 39  ALA A O   1 
ATOM   265 C  CB  . ALA A 1 42 ? 4.176   -4.109  -3.398  1.00 36.31  ? 39  ALA A CB  1 
ATOM   266 N  N   . GLN A 1 43 ? 6.039   -6.414  -4.363  1.00 37.26  ? 40  GLN A N   1 
ATOM   267 C  CA  . GLN A 1 43 ? 7.414   -6.921  -4.639  1.00 40.68  ? 40  GLN A CA  1 
ATOM   268 C  C   . GLN A 1 43 ? 7.471   -7.501  -6.034  1.00 41.32  ? 40  GLN A C   1 
ATOM   269 O  O   . GLN A 1 43 ? 8.430   -7.232  -6.759  1.00 42.22  ? 40  GLN A O   1 
ATOM   270 C  CB  . GLN A 1 43 ? 7.845   -7.974  -3.622  1.00 44.99  ? 40  GLN A CB  1 
ATOM   271 C  CG  . GLN A 1 43 ? 8.086   -7.373  -2.238  1.00 47.43  ? 40  GLN A CG  1 
ATOM   272 C  CD  . GLN A 1 43 ? 8.285   -8.419  -1.170  1.00 51.24  ? 40  GLN A CD  1 
ATOM   273 O  OE1 . GLN A 1 43 ? 7.841   -9.557  -1.306  1.00 56.51  ? 40  GLN A OE1 1 
ATOM   274 N  NE2 . GLN A 1 43 ? 8.925   -8.025  -0.082  1.00 51.97  ? 40  GLN A NE2 1 
ATOM   275 N  N   . ASN A 1 44 ? 6.456   -8.274  -6.430  1.00 38.60  ? 41  ASN A N   1 
ATOM   276 C  CA  . ASN A 1 44 ? 6.445   -8.939  -7.756  1.00 40.21  ? 41  ASN A CA  1 
ATOM   277 C  C   . ASN A 1 44 ? 6.248   -7.895  -8.851  1.00 40.16  ? 41  ASN A C   1 
ATOM   278 O  O   . ASN A 1 44 ? 6.576   -8.186  -10.020 1.00 43.23  ? 41  ASN A O   1 
ATOM   279 C  CB  . ASN A 1 44 ? 5.388   -10.061 -7.791  1.00 40.74  ? 41  ASN A CB  1 
ATOM   280 C  CG  . ASN A 1 44 ? 5.921   -11.333 -7.193  1.00 41.99  ? 41  ASN A CG  1 
ATOM   281 O  OD1 . ASN A 1 44 ? 6.720   -12.007 -7.846  1.00 44.79  ? 41  ASN A OD1 1 
ATOM   282 N  ND2 . ASN A 1 44 ? 5.653   -11.551 -5.915  1.00 41.82  ? 41  ASN A ND2 1 
ATOM   283 N  N   . LEU A 1 45 ? 5.678   -6.730  -8.528  1.00 39.76  ? 42  LEU A N   1 
ATOM   284 C  CA  . LEU A 1 45 ? 5.501   -5.627  -9.509  1.00 41.39  ? 42  LEU A CA  1 
ATOM   285 C  C   . LEU A 1 45 ? 6.683   -4.620  -9.453  1.00 43.81  ? 42  LEU A C   1 
ATOM   286 O  O   . LEU A 1 45 ? 6.715   -3.730  -10.276 1.00 45.21  ? 42  LEU A O   1 
ATOM   287 C  CB  . LEU A 1 45 ? 4.162   -4.935  -9.271  1.00 42.09  ? 42  LEU A CB  1 
ATOM   288 C  CG  . LEU A 1 45 ? 2.938   -5.479  -9.994  1.00 49.10  ? 42  LEU A CG  1 
ATOM   289 C  CD1 . LEU A 1 45 ? 2.866   -6.983  -9.960  1.00 52.08  ? 42  LEU A CD1 1 
ATOM   290 C  CD2 . LEU A 1 45 ? 1.680   -4.863  -9.399  1.00 49.95  ? 42  LEU A CD2 1 
ATOM   291 N  N   . GLY A 1 46 ? 7.713   -4.837  -8.625  1.00 45.52  ? 43  GLY A N   1 
ATOM   292 C  CA  . GLY A 1 46 ? 8.880   -3.936  -8.552  1.00 47.79  ? 43  GLY A CA  1 
ATOM   293 C  C   . GLY A 1 46 ? 8.504   -2.637  -7.849  1.00 45.48  ? 43  GLY A C   1 
ATOM   294 O  O   . GLY A 1 46 ? 9.127   -1.615  -8.120  1.00 45.76  ? 43  GLY A O   1 
ATOM   295 N  N   . LEU A 1 47 ? 7.473   -2.637  -7.021  1.00 42.44  ? 44  LEU A N   1 
ATOM   296 C  CA  . LEU A 1 47 ? 6.979   -1.385  -6.384  1.00 41.49  ? 44  LEU A CA  1 
ATOM   297 C  C   . LEU A 1 47 ? 7.034   -1.485  -4.863  1.00 39.77  ? 44  LEU A C   1 
ATOM   298 O  O   . LEU A 1 47 ? 7.381   -2.564  -4.260  1.00 40.78  ? 44  LEU A O   1 
ATOM   299 C  CB  . LEU A 1 47 ? 5.584   -1.045  -6.905  1.00 39.77  ? 44  LEU A CB  1 
ATOM   300 C  CG  . LEU A 1 47 ? 5.532   -0.668  -8.392  1.00 43.90  ? 44  LEU A CG  1 
ATOM   301 C  CD1 . LEU A 1 47 ? 4.119   -0.738  -8.910  1.00 46.32  ? 44  LEU A CD1 1 
ATOM   302 C  CD2 . LEU A 1 47 ? 6.124   0.706   -8.653  1.00 49.69  ? 44  LEU A CD2 1 
ATOM   303 N  N   . ASP A 1 48 ? 6.696   -0.367  -4.235  1.00 40.18  ? 45  ASP A N   1 
ATOM   304 C  CA  . ASP A 1 48 ? 6.530   -0.302  -2.759  1.00 38.08  ? 45  ASP A CA  1 
ATOM   305 C  C   . ASP A 1 48 ? 5.074   -0.540  -2.403  1.00 38.15  ? 45  ASP A C   1 
ATOM   306 O  O   . ASP A 1 48 ? 4.169   -0.284  -3.249  1.00 37.77  ? 45  ASP A O   1 
ATOM   307 C  CB  . ASP A 1 48 ? 7.033   1.036   -2.238  1.00 39.97  ? 45  ASP A CB  1 
ATOM   308 C  CG  . ASP A 1 48 ? 8.519   1.211   -2.517  1.00 47.95  ? 45  ASP A CG  1 
ATOM   309 O  OD1 . ASP A 1 48 ? 9.294   0.465   -1.915  1.00 46.26  ? 45  ASP A OD1 1 
ATOM   310 O  OD2 . ASP A 1 48 ? 8.883   2.016   -3.424  1.00 46.75  ? 45  ASP A OD2 1 
ATOM   311 N  N   . LEU A 1 49 ? 4.871   -0.952  -1.155  1.00 36.33  ? 46  LEU A N   1 
ATOM   312 C  CA  . LEU A 1 49 ? 3.556   -0.901  -0.499  1.00 31.13  ? 46  LEU A CA  1 
ATOM   313 C  C   . LEU A 1 49 ? 3.590   0.291   0.457   1.00 34.03  ? 46  LEU A C   1 
ATOM   314 O  O   . LEU A 1 49 ? 4.459   0.333   1.335   1.00 34.80  ? 46  LEU A O   1 
ATOM   315 C  CB  . LEU A 1 49 ? 3.299   -2.242  0.171   1.00 34.21  ? 46  LEU A CB  1 
ATOM   316 C  CG  . LEU A 1 49 ? 1.885   -2.373  0.718   1.00 31.90  ? 46  LEU A CG  1 
ATOM   317 C  CD1 . LEU A 1 49 ? 0.898   -2.450  -0.420  1.00 34.61  ? 46  LEU A CD1 1 
ATOM   318 C  CD2 . LEU A 1 49 ? 1.806   -3.537  1.681   1.00 34.97  ? 46  LEU A CD2 1 
ATOM   319 N  N   . VAL A 1 50 ? 2.670   1.240   0.263   1.00 32.34  ? 47  VAL A N   1 
ATOM   320 C  CA  . VAL A 1 50 ? 2.607   2.514   1.008   1.00 32.27  ? 47  VAL A CA  1 
ATOM   321 C  C   . VAL A 1 50 ? 1.288   2.611   1.770   1.00 31.00  ? 47  VAL A C   1 
ATOM   322 O  O   . VAL A 1 50 ? 0.198   2.486   1.134   1.00 32.56  ? 47  VAL A O   1 
ATOM   323 C  CB  . VAL A 1 50 ? 2.743   3.704   0.055   1.00 33.72  ? 47  VAL A CB  1 
ATOM   324 C  CG1 . VAL A 1 50 ? 2.830   4.988   0.851   1.00 36.69  ? 47  VAL A CG1 1 
ATOM   325 C  CG2 . VAL A 1 50 ? 3.924   3.563   -0.898  1.00 37.26  ? 47  VAL A CG2 1 
ATOM   326 N  N   . LEU A 1 51 ? 1.382   2.781   3.079   1.00 33.97  ? 48  LEU A N   1 
ATOM   327 C  CA  . LEU A 1 51 ? 0.197   2.941   3.942   1.00 31.85  ? 48  LEU A CA  1 
ATOM   328 C  C   . LEU A 1 51 ? -0.341  4.363   3.769   1.00 31.28  ? 48  LEU A C   1 
ATOM   329 O  O   . LEU A 1 51 ? 0.295   5.323   4.172   1.00 34.99  ? 48  LEU A O   1 
ATOM   330 C  CB  . LEU A 1 51 ? 0.519   2.597   5.388   1.00 34.79  ? 48  LEU A CB  1 
ATOM   331 C  CG  . LEU A 1 51 ? -0.649  2.736   6.365   1.00 34.79  ? 48  LEU A CG  1 
ATOM   332 C  CD1 . LEU A 1 51 ? -1.768  1.769   5.975   1.00 34.95  ? 48  LEU A CD1 1 
ATOM   333 C  CD2 . LEU A 1 51 ? -0.152  2.509   7.796   1.00 40.23  ? 48  LEU A CD2 1 
ATOM   334 N  N   . ILE A 1 52 ? -1.506  4.510   3.152   1.00 33.75  ? 49  ILE A N   1 
ATOM   335 C  CA  . ILE A 1 52 ? -2.131  5.850   2.941   1.00 32.77  ? 49  ILE A CA  1 
ATOM   336 C  C   . ILE A 1 52 ? -2.934  6.213   4.196   1.00 33.93  ? 49  ILE A C   1 
ATOM   337 O  O   . ILE A 1 52 ? -2.864  7.356   4.656   1.00 33.60  ? 49  ILE A O   1 
ATOM   338 C  CB  . ILE A 1 52 ? -3.039  5.794   1.685   1.00 34.50  ? 49  ILE A CB  1 
ATOM   339 C  CG1 . ILE A 1 52 ? -2.297  5.374   0.409   1.00 36.64  ? 49  ILE A CG1 1 
ATOM   340 C  CG2 . ILE A 1 52 ? -3.810  7.086   1.541   1.00 37.84  ? 49  ILE A CG2 1 
ATOM   341 C  CD1 . ILE A 1 52 ? -1.014  6.157   0.178   1.00 37.77  ? 49  ILE A CD1 1 
ATOM   342 N  N   . SER A 1 53 ? -3.719  5.272   4.731   1.00 31.69  ? 50  SER A N   1 
ATOM   343 C  CA  . SER A 1 53 ? -4.569  5.509   5.910   1.00 33.98  ? 50  SER A CA  1 
ATOM   344 C  C   . SER A 1 53 ? -4.707  4.277   6.773   1.00 34.49  ? 50  SER A C   1 
ATOM   345 O  O   . SER A 1 53 ? -5.349  3.318   6.347   1.00 32.24  ? 50  SER A O   1 
ATOM   346 C  CB  . SER A 1 53 ? -5.976  6.038   5.508   1.00 35.56  ? 50  SER A CB  1 
ATOM   347 O  OG  . SER A 1 53 ? -6.764  6.274   6.674   1.00 38.57  ? 50  SER A OG  1 
ATOM   348 N  N   . ALA A 1 54 ? -4.283  4.364   8.031   1.00 35.35  ? 51  ALA A N   1 
ATOM   349 C  CA  . ALA A 1 54 ? -4.563  3.308   9.023   1.00 38.97  ? 51  ALA A CA  1 
ATOM   350 C  C   . ALA A 1 54 ? -5.911  3.578   9.678   1.00 38.60  ? 51  ALA A C   1 
ATOM   351 O  O   . ALA A 1 54 ? -6.424  2.652   10.327  1.00 43.51  ? 51  ALA A O   1 
ATOM   352 C  CB  . ALA A 1 54 ? -3.452  3.236   10.061  1.00 43.07  ? 51  ALA A CB  1 
ATOM   353 N  N   . SER A 1 55 ? -6.411  4.815   9.663   1.00 36.34  ? 52  SER A N   1 
ATOM   354 C  CA  A SER A 1 55 ? -7.715  5.190   10.271  0.70 39.37  ? 52  SER A CA  1 
ATOM   355 C  CA  B SER A 1 55 ? -7.710  5.159   10.296  0.30 37.60  ? 52  SER A CA  1 
ATOM   356 C  C   . SER A 1 55 ? -8.860  4.522   9.509   1.00 35.23  ? 52  SER A C   1 
ATOM   357 O  O   . SER A 1 55 ? -9.865  4.202   10.121  1.00 36.34  ? 52  SER A O   1 
ATOM   358 C  CB  A SER A 1 55 ? -7.904  6.673   10.237  0.70 42.01  ? 52  SER A CB  1 
ATOM   359 C  CB  B SER A 1 55 ? -7.903  6.639   10.394  0.30 38.96  ? 52  SER A CB  1 
ATOM   360 O  OG  A SER A 1 55 ? -6.887  7.302   10.982  0.70 51.69  ? 52  SER A OG  1 
ATOM   361 O  OG  B SER A 1 55 ? -9.102  6.923   11.092  0.30 41.57  ? 52  SER A OG  1 
ATOM   362 N  N   . ALA A 1 56 ? -8.736  4.465   8.188   1.00 34.03  ? 53  ALA A N   1 
ATOM   363 C  CA  . ALA A 1 56 ? -9.750  3.796   7.330   1.00 36.42  ? 53  ALA A CA  1 
ATOM   364 C  C   . ALA A 1 56 ? -9.863  2.337   7.765   1.00 35.19  ? 53  ALA A C   1 
ATOM   365 O  O   . ALA A 1 56 ? -8.861  1.763   8.195   1.00 34.81  ? 53  ALA A O   1 
ATOM   366 C  CB  . ALA A 1 56 ? -9.383  3.904   5.875   1.00 33.68  ? 53  ALA A CB  1 
ATOM   367 N  N   . LYS A 1 57 ? -11.027 1.742   7.587   1.00 34.65  ? 54  LYS A N   1 
ATOM   368 C  CA  . LYS A 1 57 ? -11.241 0.328   7.954   1.00 37.71  ? 54  LYS A CA  1 
ATOM   369 C  C   . LYS A 1 57 ? -11.883 -0.335  6.757   1.00 35.79  ? 54  LYS A C   1 
ATOM   370 O  O   . LYS A 1 57 ? -12.990 0.024   6.385   1.00 38.70  ? 54  LYS A O   1 
ATOM   371 C  CB  . LYS A 1 57 ? -12.050 0.255   9.269   1.00 47.96  ? 54  LYS A CB  1 
ATOM   372 C  CG  . LYS A 1 57 ? -11.206 0.578   10.520  1.00 51.71  ? 54  LYS A CG  1 
ATOM   373 C  CD  . LYS A 1 57 ? -10.064 -0.456  10.747  1.00 63.25  ? 54  LYS A CD  1 
ATOM   374 C  CE  . LYS A 1 57 ? -8.919  -0.017  11.652  1.00 68.61  ? 54  LYS A CE  1 
ATOM   375 N  NZ  . LYS A 1 57 ? -8.021  0.922   10.944  1.00 68.71  ? 54  LYS A NZ  1 
ATOM   376 N  N   . PRO A 1 58 ? -11.183 -1.259  6.095   1.00 35.61  ? 55  PRO A N   1 
ATOM   377 C  CA  . PRO A 1 58 ? -9.800  -1.599  6.436   1.00 34.34  ? 55  PRO A CA  1 
ATOM   378 C  C   . PRO A 1 58 ? -8.820  -0.523  5.970   1.00 32.60  ? 55  PRO A C   1 
ATOM   379 O  O   . PRO A 1 58 ? -9.165  0.307   5.103   1.00 31.66  ? 55  PRO A O   1 
ATOM   380 C  CB  . PRO A 1 58 ? -9.565  -2.891  5.651   1.00 38.88  ? 55  PRO A CB  1 
ATOM   381 C  CG  . PRO A 1 58 ? -10.473 -2.747  4.474   1.00 39.24  ? 55  PRO A CG  1 
ATOM   382 C  CD  . PRO A 1 58 ? -11.702 -2.046  4.965   1.00 41.96  ? 55  PRO A CD  1 
ATOM   383 N  N   . PRO A 1 59 ? -7.576  -0.543  6.473   1.00 33.10  ? 56  PRO A N   1 
ATOM   384 C  CA  . PRO A 1 59 ? -6.575  0.452   6.101   1.00 32.51  ? 56  PRO A CA  1 
ATOM   385 C  C   . PRO A 1 59 ? -6.303  0.479   4.605   1.00 31.63  ? 56  PRO A C   1 
ATOM   386 O  O   . PRO A 1 59 ? -6.412  -0.533  3.960   1.00 32.43  ? 56  PRO A O   1 
ATOM   387 C  CB  . PRO A 1 59 ? -5.283  0.015   6.813   1.00 32.91  ? 56  PRO A CB  1 
ATOM   388 C  CG  . PRO A 1 59 ? -5.810  -0.680  8.001   1.00 34.68  ? 56  PRO A CG  1 
ATOM   389 C  CD  . PRO A 1 59 ? -7.091  -1.389  7.586   1.00 35.86  ? 56  PRO A CD  1 
ATOM   390 N  N   . VAL A 1 60 ? -6.043  1.663   4.077   1.00 30.59  ? 57  VAL A N   1 
ATOM   391 C  CA  . VAL A 1 60 ? -5.827  1.833   2.631   1.00 29.96  ? 57  VAL A CA  1 
ATOM   392 C  C   . VAL A 1 60 ? -4.318  1.818   2.358   1.00 31.08  ? 57  VAL A C   1 
ATOM   393 O  O   . VAL A 1 60 ? -3.620  2.635   2.989   1.00 30.77  ? 57  VAL A O   1 
ATOM   394 C  CB  . VAL A 1 60 ? -6.482  3.116   2.137   1.00 29.53  ? 57  VAL A CB  1 
ATOM   395 C  CG1 . VAL A 1 60 ? -6.151  3.355   0.694   1.00 31.42  ? 57  VAL A CG1 1 
ATOM   396 C  CG2 . VAL A 1 60 ? -7.981  3.085   2.391   1.00 32.55  ? 57  VAL A CG2 1 
ATOM   397 N  N   . CYS A 1 61 ? -3.870  0.947   1.489   1.00 30.25  ? 58  CYS A N   1 
ATOM   398 C  CA  A CYS A 1 61 ? -2.451  0.871   1.028   0.70 30.57  ? 58  CYS A CA  1 
ATOM   399 C  CA  B CYS A 1 61 ? -2.452  0.916   1.042   0.30 33.30  ? 58  CYS A CA  1 
ATOM   400 C  C   . CYS A 1 61 ? -2.409  1.045   -0.482  1.00 35.34  ? 58  CYS A C   1 
ATOM   401 O  O   . CYS A 1 61 ? -3.381  0.617   -1.191  1.00 32.56  ? 58  CYS A O   1 
ATOM   402 C  CB  A CYS A 1 61 ? -1.818  -0.467  1.367   0.70 30.54  ? 58  CYS A CB  1 
ATOM   403 C  CB  B CYS A 1 61 ? -1.737  -0.335  1.539   0.30 35.19  ? 58  CYS A CB  1 
ATOM   404 S  SG  A CYS A 1 61 ? -1.690  -0.700  3.145   0.70 32.86  ? 58  CYS A SG  1 
ATOM   405 S  SG  B CYS A 1 61 ? -2.522  -1.868  0.989   0.30 40.95  ? 58  CYS A SG  1 
ATOM   406 N  N   . LYS A 1 62 ? -1.349  1.644   -0.992  1.00 33.24  ? 59  LYS A N   1 
ATOM   407 C  CA  . LYS A 1 62 ? -1.172  1.779   -2.444  1.00 33.60  ? 59  LYS A CA  1 
ATOM   408 C  C   . LYS A 1 62 ? 0.096   1.039   -2.820  1.00 33.61  ? 59  LYS A C   1 
ATOM   409 O  O   . LYS A 1 62 ? 1.093   1.139   -2.076  1.00 33.84  ? 59  LYS A O   1 
ATOM   410 C  CB  . LYS A 1 62 ? -1.015  3.236   -2.844  1.00 35.67  ? 59  LYS A CB  1 
ATOM   411 C  CG  . LYS A 1 62 ? -2.283  4.000   -3.186  1.00 44.32  ? 59  LYS A CG  1 
ATOM   412 C  CD  . LYS A 1 62 ? -1.972  5.359   -3.750  1.00 42.25  ? 59  LYS A CD  1 
ATOM   413 C  CE  . LYS A 1 62 ? -1.826  5.445   -5.251  1.00 41.93  ? 59  LYS A CE  1 
ATOM   414 N  NZ  . LYS A 1 62 ? -1.569  6.856   -5.599  1.00 41.38  ? 59  LYS A NZ  1 
ATOM   415 N  N   . VAL A 1 63 ? 0.054   0.420   -3.979  1.00 33.07  ? 60  VAL A N   1 
ATOM   416 C  CA  . VAL A 1 63 ? 1.216   -0.226  -4.655  1.00 33.99  ? 60  VAL A CA  1 
ATOM   417 C  C   . VAL A 1 63 ? 1.720   0.816   -5.621  1.00 35.11  ? 60  VAL A C   1 
ATOM   418 O  O   . VAL A 1 63 ? 1.066   1.129   -6.615  1.00 37.41  ? 60  VAL A O   1 
ATOM   419 C  CB  . VAL A 1 63 ? 0.848   -1.551  -5.331  1.00 35.81  ? 60  VAL A CB  1 
ATOM   420 C  CG1 . VAL A 1 63 ? 2.042   -2.103  -6.113  1.00 39.90  ? 60  VAL A CG1 1 
ATOM   421 C  CG2 . VAL A 1 63 ? 0.379   -2.544  -4.299  1.00 39.34  ? 60  VAL A CG2 1 
HETATM 422 N  N   . MSE A 1 64 ? 2.863   1.400   -5.301  1.00 36.45  ? 61  MSE A N   1 
HETATM 423 C  CA  . MSE A 1 64 ? 3.376   2.509   -6.108  1.00 38.77  ? 61  MSE A CA  1 
HETATM 424 C  C   . MSE A 1 64 ? 4.862   2.691   -5.797  1.00 40.35  ? 61  MSE A C   1 
HETATM 425 O  O   . MSE A 1 64 ? 5.370   2.060   -4.861  1.00 41.94  ? 61  MSE A O   1 
HETATM 426 C  CB  . MSE A 1 64 ? 2.672   3.822   -5.781  1.00 41.05  ? 61  MSE A CB  1 
HETATM 427 C  CG  . MSE A 1 64 ? 2.895   4.229   -4.369  1.00 42.29  ? 61  MSE A CG  1 
HETATM 428 SE SE  . MSE A 1 64 ? 1.890   5.859   -3.940  0.65 42.34  ? 61  MSE A SE  1 
HETATM 429 C  CE  . MSE A 1 64 ? 2.573   7.034   -5.308  1.00 48.11  ? 61  MSE A CE  1 
ATOM   430 N  N   . ASP A 1 65 ? 5.510   3.537   -6.571  1.00 44.75  ? 62  ASP A N   1 
ATOM   431 C  CA  . ASP A 1 65 ? 6.924   3.937   -6.341  1.00 49.57  ? 62  ASP A CA  1 
ATOM   432 C  C   . ASP A 1 65 ? 6.905   4.954   -5.200  1.00 48.52  ? 62  ASP A C   1 
ATOM   433 O  O   . ASP A 1 65 ? 6.307   6.048   -5.376  1.00 49.60  ? 62  ASP A O   1 
ATOM   434 C  CB  . ASP A 1 65 ? 7.538   4.448   -7.647  1.00 54.13  ? 62  ASP A CB  1 
ATOM   435 C  CG  . ASP A 1 65 ? 8.937   5.018   -7.527  1.00 63.59  ? 62  ASP A CG  1 
ATOM   436 O  OD1 . ASP A 1 65 ? 9.598   4.818   -6.481  1.00 63.18  ? 62  ASP A OD1 1 
ATOM   437 O  OD2 . ASP A 1 65 ? 9.334   5.697   -8.485  1.00 73.46  ? 62  ASP A OD2 1 
ATOM   438 N  N   . TYR A 1 66 ? 7.509   4.594   -4.071  1.00 48.45  ? 63  TYR A N   1 
ATOM   439 C  CA  . TYR A 1 66 ? 7.561   5.443   -2.859  1.00 53.24  ? 63  TYR A CA  1 
ATOM   440 C  C   . TYR A 1 66 ? 8.234   6.787   -3.174  1.00 56.29  ? 63  TYR A C   1 
ATOM   441 O  O   . TYR A 1 66 ? 7.859   7.840   -2.604  1.00 57.71  ? 63  TYR A O   1 
ATOM   442 C  CB  . TYR A 1 66 ? 8.318   4.761   -1.718  1.00 57.05  ? 63  TYR A CB  1 
ATOM   443 C  CG  . TYR A 1 66 ? 8.486   5.702   -0.557  1.00 61.69  ? 63  TYR A CG  1 
ATOM   444 C  CD1 . TYR A 1 66 ? 7.368   6.191   0.097   1.00 62.27  ? 63  TYR A CD1 1 
ATOM   445 C  CD2 . TYR A 1 66 ? 9.727   6.223   -0.214  1.00 70.97  ? 63  TYR A CD2 1 
ATOM   446 C  CE1 . TYR A 1 66 ? 7.482   7.109   1.130   1.00 66.47  ? 63  TYR A CE1 1 
ATOM   447 C  CE2 . TYR A 1 66 ? 9.860   7.152   0.808   1.00 74.65  ? 63  TYR A CE2 1 
ATOM   448 C  CZ  . TYR A 1 66 ? 8.729   7.582   1.490   1.00 72.50  ? 63  TYR A CZ  1 
ATOM   449 O  OH  . TYR A 1 66 ? 8.820   8.503   2.494   1.00 80.38  ? 63  TYR A OH  1 
ATOM   450 N  N   . ASN A 1 67 ? 9.228   6.789   -4.045  1.00 60.20  ? 64  ASN A N   1 
ATOM   451 C  CA  . ASN A 1 67 ? 9.897   8.060   -4.437  1.00 69.23  ? 64  ASN A CA  1 
ATOM   452 C  C   . ASN A 1 67 ? 8.860   9.021   -5.027  1.00 67.16  ? 64  ASN A C   1 
ATOM   453 O  O   . ASN A 1 67 ? 8.941   10.222  -4.740  1.00 69.55  ? 64  ASN A O   1 
ATOM   454 C  CB  . ASN A 1 67 ? 11.089  7.807   -5.353  1.00 76.51  ? 64  ASN A CB  1 
ATOM   455 C  CG  . ASN A 1 67 ? 12.184  7.055   -4.629  1.00 81.73  ? 64  ASN A CG  1 
ATOM   456 O  OD1 . ASN A 1 67 ? 12.542  7.413   -3.505  1.00 81.93  ? 64  ASN A OD1 1 
ATOM   457 N  ND2 . ASN A 1 67 ? 12.706  6.009   -5.256  1.00 85.97  ? 64  ASN A ND2 1 
ATOM   458 N  N   . LYS A 1 68 ? 7.874   8.507   -5.756  1.00 64.71  ? 65  LYS A N   1 
ATOM   459 C  CA  . LYS A 1 68 ? 6.790   9.334   -6.351  1.00 64.99  ? 65  LYS A CA  1 
ATOM   460 C  C   . LYS A 1 68 ? 5.852   9.841   -5.238  1.00 65.38  ? 65  LYS A C   1 
ATOM   461 O  O   . LYS A 1 68 ? 5.419   10.999  -5.315  1.00 65.68  ? 65  LYS A O   1 
ATOM   462 C  CB  . LYS A 1 68 ? 6.042   8.525   -7.407  1.00 63.84  ? 65  LYS A CB  1 
ATOM   463 C  CG  . LYS A 1 68 ? 4.825   9.207   -8.001  1.00 66.84  ? 65  LYS A CG  1 
ATOM   464 C  CD  . LYS A 1 68 ? 4.302   8.493   -9.220  1.00 69.23  ? 65  LYS A CD  1 
ATOM   465 C  CE  . LYS A 1 68 ? 2.896   8.934   -9.566  1.00 73.12  ? 65  LYS A CE  1 
ATOM   466 N  NZ  . LYS A 1 68 ? 2.456   8.340   -10.850 1.00 76.60  ? 65  LYS A NZ  1 
ATOM   467 N  N   . PHE A 1 69 ? 5.546   9.000   -4.243  1.00 60.66  ? 66  PHE A N   1 
ATOM   468 C  CA  . PHE A 1 69 ? 4.694   9.383   -3.085  1.00 59.58  ? 66  PHE A CA  1 
ATOM   469 C  C   . PHE A 1 69 ? 5.346   10.574  -2.375  1.00 63.74  ? 66  PHE A C   1 
ATOM   470 O  O   . PHE A 1 69 ? 4.662   11.573  -2.103  1.00 62.18  ? 66  PHE A O   1 
ATOM   471 C  CB  . PHE A 1 69 ? 4.494   8.222   -2.101  1.00 55.83  ? 66  PHE A CB  1 
ATOM   472 C  CG  . PHE A 1 69 ? 3.607   8.567   -0.928  1.00 53.01  ? 66  PHE A CG  1 
ATOM   473 C  CD1 . PHE A 1 69 ? 2.233   8.689   -1.084  1.00 53.43  ? 66  PHE A CD1 1 
ATOM   474 C  CD2 . PHE A 1 69 ? 4.136   8.760   0.332   1.00 56.93  ? 66  PHE A CD2 1 
ATOM   475 C  CE1 . PHE A 1 69 ? 1.416   9.011   -0.011  1.00 52.88  ? 66  PHE A CE1 1 
ATOM   476 C  CE2 . PHE A 1 69 ? 3.323   9.107   1.404   1.00 58.94  ? 66  PHE A CE2 1 
ATOM   477 C  CZ  . PHE A 1 69 ? 1.963   9.218   1.236   1.00 57.66  ? 66  PHE A CZ  1 
ATOM   478 N  N   . ARG A 1 70 ? 6.628   10.402  -2.057  1.00 67.65  ? 67  ARG A N   1 
ATOM   479 C  CA  . ARG A 1 70 ? 7.474   11.329  -1.265  1.00 75.89  ? 67  ARG A CA  1 
ATOM   480 C  C   . ARG A 1 70 ? 7.458   12.695  -1.960  1.00 79.41  ? 67  ARG A C   1 
ATOM   481 O  O   . ARG A 1 70 ? 7.270   13.704  -1.249  1.00 78.19  ? 67  ARG A O   1 
ATOM   482 C  CB  . ARG A 1 70 ? 8.859   10.694  -1.094  1.00 80.37  ? 67  ARG A CB  1 
ATOM   483 C  CG  . ARG A 1 70 ? 9.980   11.695  -0.906  1.00 94.53  ? 67  ARG A CG  1 
ATOM   484 C  CD  . ARG A 1 70 ? 11.252  11.036  -0.436  1.00 100.27 ? 67  ARG A CD  1 
ATOM   485 N  NE  . ARG A 1 70 ? 12.422  11.841  -0.750  1.00 108.81 ? 67  ARG A NE  1 
ATOM   486 C  CZ  . ARG A 1 70 ? 12.657  13.080  -0.311  1.00 113.93 ? 67  ARG A CZ  1 
ATOM   487 N  NH1 . ARG A 1 70 ? 11.787  13.710  0.466   1.00 113.46 ? 67  ARG A NH1 1 
ATOM   488 N  NH2 . ARG A 1 70 ? 13.777  13.692  -0.655  1.00 120.10 ? 67  ARG A NH2 1 
ATOM   489 N  N   . TYR A 1 71 ? 7.555   12.720  -3.297  1.00 82.40  ? 68  TYR A N   1 
ATOM   490 C  CA  A TYR A 1 71 ? 7.610   13.999  -4.056  0.50 87.52  ? 68  TYR A CA  1 
ATOM   491 C  CA  B TYR A 1 71 ? 7.600   13.949  -4.139  0.50 87.02  ? 68  TYR A CA  1 
ATOM   492 C  C   . TYR A 1 71 ? 6.195   14.568  -4.260  1.00 86.74  ? 68  TYR A C   1 
ATOM   493 O  O   . TYR A 1 71 ? 6.080   15.796  -4.253  1.00 90.04  ? 68  TYR A O   1 
ATOM   494 C  CB  A TYR A 1 71 ? 8.476   13.850  -5.310  0.50 90.77  ? 68  TYR A CB  1 
ATOM   495 C  CB  B TYR A 1 71 ? 8.234   13.621  -5.500  0.50 88.84  ? 68  TYR A CB  1 
ATOM   496 C  CG  A TYR A 1 71 ? 9.935   14.071  -5.007  0.50 92.90  ? 68  TYR A CG  1 
ATOM   497 C  CG  B TYR A 1 71 ? 7.758   14.468  -6.652  0.50 89.57  ? 68  TYR A CG  1 
ATOM   498 C  CD1 A TYR A 1 71 ? 10.370  15.297  -4.530  0.50 98.10  ? 68  TYR A CD1 1 
ATOM   499 C  CD1 B TYR A 1 71 ? 8.497   15.553  -7.098  0.50 94.39  ? 68  TYR A CD1 1 
ATOM   500 C  CD2 A TYR A 1 71 ? 10.864  13.053  -5.136  0.50 92.94  ? 68  TYR A CD2 1 
ATOM   501 C  CD2 B TYR A 1 71 ? 6.563   14.183  -7.293  0.50 87.15  ? 68  TYR A CD2 1 
ATOM   502 C  CE1 A TYR A 1 71 ? 11.703  15.524  -4.233  0.50 102.12 ? 68  TYR A CE1 1 
ATOM   503 C  CE1 B TYR A 1 71 ? 8.055   16.337  -8.149  0.50 96.24  ? 68  TYR A CE1 1 
ATOM   504 C  CE2 A TYR A 1 71 ? 12.200  13.260  -4.838  0.50 96.99  ? 68  TYR A CE2 1 
ATOM   505 C  CE2 B TYR A 1 71 ? 6.106   14.960  -8.342  0.50 89.33  ? 68  TYR A CE2 1 
ATOM   506 C  CZ  A TYR A 1 71 ? 12.619  14.500  -4.388  0.50 101.46 ? 68  TYR A CZ  1 
ATOM   507 C  CZ  B TYR A 1 71 ? 6.858   16.035  -8.772  0.50 93.89  ? 68  TYR A CZ  1 
ATOM   508 O  OH  A TYR A 1 71 ? 13.927  14.722  -4.083  0.50 103.14 ? 68  TYR A OH  1 
ATOM   509 O  OH  B TYR A 1 71 ? 6.412   16.800  -9.805  0.50 98.17  ? 68  TYR A OH  1 
ATOM   510 N  N   . GLN A 1 72 ? 5.148   13.743  -4.377  1.00 82.57  ? 69  GLN A N   1 
ATOM   511 C  CA  . GLN A 1 72 ? 3.747   14.265  -4.402  1.00 84.95  ? 69  GLN A CA  1 
ATOM   512 C  C   . GLN A 1 72 ? 3.515   15.122  -3.150  1.00 91.51  ? 69  GLN A C   1 
ATOM   513 O  O   . GLN A 1 72 ? 2.993   16.252  -3.283  1.00 91.95  ? 69  GLN A O   1 
ATOM   514 C  CB  . GLN A 1 72 ? 2.696   13.152  -4.419  1.00 83.53  ? 69  GLN A CB  1 
ATOM   515 C  CG  . GLN A 1 72 ? 2.460   12.553  -5.797  1.00 81.70  ? 69  GLN A CG  1 
ATOM   516 C  CD  . GLN A 1 72 ? 1.810   11.190  -5.770  1.00 80.15  ? 69  GLN A CD  1 
ATOM   517 O  OE1 . GLN A 1 72 ? 1.442   10.651  -4.717  1.00 67.07  ? 69  GLN A OE1 1 
ATOM   518 N  NE2 . GLN A 1 72 ? 1.685   10.610  -6.955  1.00 80.90  ? 69  GLN A NE2 1 
ATOM   519 N  N   . ASN A 1 73 ? 3.900   14.596  -1.981  1.00 91.39  ? 70  ASN A N   1 
ATOM   520 C  CA  . ASN A 1 73 ? 3.805   15.281  -0.662  1.00 93.66  ? 70  ASN A CA  1 
ATOM   521 C  C   . ASN A 1 73 ? 4.837   16.417  -0.618  1.00 97.31  ? 70  ASN A C   1 
ATOM   522 O  O   . ASN A 1 73 ? 5.642   16.496  0.297   1.00 98.61  ? 70  ASN A O   1 
ATOM   523 C  CB  . ASN A 1 73 ? 3.943   14.269  0.478   1.00 90.46  ? 70  ASN A CB  1 
ATOM   524 C  CG  . ASN A 1 73 ? 2.864   13.209  0.414   1.00 87.97  ? 70  ASN A CG  1 
ATOM   525 O  OD1 . ASN A 1 73 ? 1.795   13.382  0.976   1.00 89.74  ? 70  ASN A OD1 1 
ATOM   526 N  ND2 . ASN A 1 73 ? 3.104   12.125  -0.306  1.00 88.58  ? 70  ASN A ND2 1 
HETATM 527 O  O   . HOH B 2 .  ? 5.754   -7.501  8.445   1.00 47.13  ? 101 HOH A O   1 
HETATM 528 O  O   . HOH B 2 .  ? -4.757  5.003   -7.650  1.00 57.57  ? 102 HOH A O   1 
HETATM 529 O  O   . HOH B 2 .  ? -2.136  -13.663 3.615   1.00 61.72  ? 103 HOH A O   1 
HETATM 530 O  O   . HOH B 2 .  ? 4.487   -11.077 1.651   1.00 46.97  ? 104 HOH A O   1 
HETATM 531 O  O   . HOH B 2 .  ? -3.020  0.406   -15.160 1.00 60.07  ? 105 HOH A O   1 
HETATM 532 O  O   . HOH B 2 .  ? 4.023   4.563   -9.012  1.00 47.22  ? 106 HOH A O   1 
HETATM 533 O  O   . HOH B 2 .  ? -11.054 0.908   3.412   1.00 37.15  ? 107 HOH A O   1 
HETATM 534 O  O   . HOH B 2 .  ? -8.845  -2.277  -4.018  1.00 39.84  ? 108 HOH A O   1 
HETATM 535 O  O   . HOH B 2 .  ? -10.271 3.586   12.640  1.00 62.33  ? 109 HOH A O   1 
HETATM 536 O  O   . HOH B 2 .  ? 8.057   1.951   7.305   1.00 47.58  ? 110 HOH A O   1 
HETATM 537 O  O   . HOH B 2 .  ? 7.583   -3.869  -1.788  1.00 43.27  ? 111 HOH A O   1 
HETATM 538 O  O   . HOH B 2 .  ? 3.591   -5.933  4.683   1.00 41.64  ? 112 HOH A O   1 
HETATM 539 O  O   . HOH B 2 .  ? 1.948   -2.299  10.760  1.00 48.54  ? 113 HOH A O   1 
HETATM 540 O  O   . HOH B 2 .  ? -0.138  8.623   -3.929  1.00 43.90  ? 114 HOH A O   1 
HETATM 541 O  O   . HOH B 2 .  ? -7.355  -4.756  9.056   1.00 43.54  ? 115 HOH A O   1 
HETATM 542 O  O   . HOH B 2 .  ? 0.378   0.629   -9.169  1.00 45.74  ? 116 HOH A O   1 
HETATM 543 O  O   . HOH B 2 .  ? 9.925   -3.395  -4.842  1.00 60.61  ? 117 HOH A O   1 
HETATM 544 O  O   . HOH B 2 .  ? -12.589 4.124   10.418  1.00 45.18  ? 118 HOH A O   1 
HETATM 545 O  O   . HOH B 2 .  ? -11.165 -1.754  -3.145  1.00 50.64  ? 119 HOH A O   1 
HETATM 546 O  O   . HOH B 2 .  ? -15.671 -2.611  1.322   1.00 45.76  ? 120 HOH A O   1 
HETATM 547 O  O   . HOH B 2 .  ? 1.739   5.317   6.970   1.00 59.87  ? 121 HOH A O   1 
HETATM 548 O  O   . HOH B 2 .  ? 2.280   -8.341  7.284   1.00 46.37  ? 122 HOH A O   1 
HETATM 549 O  O   . HOH B 2 .  ? -9.583  9.674   10.777  1.00 40.61  ? 123 HOH A O   1 
HETATM 550 O  O   . HOH B 2 .  ? 9.934   -0.666  5.271   1.00 55.35  ? 124 HOH A O   1 
HETATM 551 O  O   . HOH B 2 .  ? -0.735  12.072  0.893   1.00 63.96  ? 125 HOH A O   1 
HETATM 552 O  O   . HOH B 2 .  ? 6.884   -6.521  10.667  1.00 56.29  ? 126 HOH A O   1 
HETATM 553 O  O   . HOH B 2 .  ? -2.570  6.674   8.700   1.00 53.51  ? 127 HOH A O   1 
HETATM 554 O  O   . HOH B 2 .  ? -5.209  -6.494  11.562  1.00 48.90  ? 128 HOH A O   1 
HETATM 555 O  O   . HOH B 2 .  ? 11.002  -0.373  2.948   1.00 54.47  ? 129 HOH A O   1 
HETATM 556 O  O   . HOH B 2 .  ? -0.974  -9.971  6.801   1.00 42.39  ? 130 HOH A O   1 
HETATM 557 O  O   . HOH B 2 .  ? 4.497   -8.042  5.647   1.00 58.32  ? 131 HOH A O   1 
HETATM 558 O  O   . HOH B 2 .  ? -12.605 -3.472  -4.476  1.00 57.76  ? 132 HOH A O   1 
# 
loop_
_atom_site_anisotrop.id 
_atom_site_anisotrop.type_symbol 
_atom_site_anisotrop.pdbx_label_atom_id 
_atom_site_anisotrop.pdbx_label_alt_id 
_atom_site_anisotrop.pdbx_label_comp_id 
_atom_site_anisotrop.pdbx_label_asym_id 
_atom_site_anisotrop.pdbx_label_seq_id 
_atom_site_anisotrop.pdbx_PDB_ins_code 
_atom_site_anisotrop.U[1][1] 
_atom_site_anisotrop.U[2][2] 
_atom_site_anisotrop.U[3][3] 
_atom_site_anisotrop.U[1][2] 
_atom_site_anisotrop.U[1][3] 
_atom_site_anisotrop.U[2][3] 
_atom_site_anisotrop.pdbx_auth_seq_id 
_atom_site_anisotrop.pdbx_auth_comp_id 
_atom_site_anisotrop.pdbx_auth_asym_id 
_atom_site_anisotrop.pdbx_auth_atom_id 
1   N  N   . GLU A 8  ? 0.9280 1.0881 1.1323 -0.1471 -0.0612 -0.2291 5  GLU A N   
2   C  CA  . GLU A 8  ? 0.8977 1.0039 1.0567 -0.1344 -0.0579 -0.2248 5  GLU A CA  
3   C  C   . GLU A 8  ? 0.7860 0.8779 0.9152 -0.1105 -0.0470 -0.1940 5  GLU A C   
4   O  O   . GLU A 8  ? 0.8069 0.8790 0.8997 -0.0907 -0.0492 -0.1898 5  GLU A O   
5   C  CB  . GLU A 8  ? 0.9571 1.0082 1.1213 -0.1578 -0.0434 -0.2293 5  GLU A CB  
6   C  CG  . GLU A 8  ? 1.0225 1.0252 1.1486 -0.1451 -0.0454 -0.2367 5  GLU A CG  
7   C  CD  . GLU A 8  ? 1.1046 1.1317 1.2173 -0.1354 -0.0678 -0.2650 5  GLU A CD  
8   O  OE1 . GLU A 8  ? 1.0874 1.1177 1.2200 -0.1561 -0.0787 -0.2946 5  GLU A OE1 
9   O  OE2 . GLU A 8  ? 1.0757 1.1208 1.1580 -0.1083 -0.0744 -0.2574 5  GLU A OE2 
10  N  N   . VAL A 9  ? 0.7171 0.8167 0.8616 -0.1137 -0.0338 -0.1741 6  VAL A N   
11  C  CA  . VAL A 9  ? 0.6443 0.7297 0.7652 -0.0954 -0.0235 -0.1466 6  VAL A CA  
12  C  C   . VAL A 9  ? 0.5361 0.6655 0.6640 -0.0804 -0.0309 -0.1395 6  VAL A C   
13  O  O   . VAL A 9  ? 0.5573 0.7212 0.7176 -0.0898 -0.0325 -0.1467 6  VAL A O   
14  C  CB  . VAL A 9  ? 0.7320 0.7861 0.8575 -0.1086 -0.0031 -0.1306 6  VAL A CB  
15  C  CG1 . VAL A 9  ? 0.6740 0.7167 0.7764 -0.0907 0.0042  -0.1064 6  VAL A CG1 
16  C  CG2 . VAL A 9  ? 0.8011 0.8048 0.9185 -0.1220 0.0035  -0.1364 6  VAL A CG2 
17  N  N   . LEU A 10 ? 0.4785 0.6055 0.5784 -0.0585 -0.0345 -0.1261 7  LEU A N   
18  C  CA  . LEU A 10 ? 0.4666 0.6240 0.5681 -0.0422 -0.0405 -0.1161 7  LEU A CA  
19  C  C   . LEU A 10 ? 0.4352 0.5875 0.5474 -0.0444 -0.0256 -0.1005 7  LEU A C   
20  O  O   . LEU A 10 ? 0.3971 0.5148 0.4941 -0.0474 -0.0132 -0.0885 7  LEU A O   
21  C  CB  . LEU A 10 ? 0.4853 0.6331 0.5513 -0.0217 -0.0455 -0.1049 7  LEU A CB  
22  C  CG  . LEU A 10 ? 0.6047 0.7715 0.6543 -0.0115 -0.0626 -0.1177 7  LEU A CG  
23  C  CD1 . LEU A 10 ? 0.6733 0.8284 0.7214 -0.0236 -0.0654 -0.1387 7  LEU A CD1 
24  C  CD2 . LEU A 10 ? 0.6209 0.7772 0.6343 0.0074  -0.0621 -0.1013 7  LEU A CD2 
25  N  N   . LEU A 11 ? 0.4006 0.5877 0.5353 -0.0393 -0.0286 -0.1015 8  LEU A N   
26  C  CA  . LEU A 11 ? 0.3964 0.5844 0.5423 -0.0399 -0.0138 -0.0908 8  LEU A CA  
27  C  C   . LEU A 11 ? 0.3772 0.5817 0.5197 -0.0176 -0.0206 -0.0835 8  LEU A C   
28  O  O   . LEU A 11 ? 0.3506 0.5856 0.5019 -0.0057 -0.0368 -0.0911 8  LEU A O   
29  C  CB  . LEU A 11 ? 0.4114 0.6268 0.5971 -0.0588 -0.0044 -0.1021 8  LEU A CB  
30  C  CG  . LEU A 11 ? 0.4623 0.6567 0.6552 -0.0848 0.0050  -0.1090 8  LEU A CG  
31  C  CD1 . LEU A 11 ? 0.4902 0.7216 0.7302 -0.1059 0.0144  -0.1214 8  LEU A CD1 
32  C  CD2 . LEU A 11 ? 0.4714 0.6147 0.6339 -0.0885 0.0208  -0.0919 8  LEU A CD2 
33  N  N   . ASN A 12 ? 0.3749 0.5602 0.5065 -0.0124 -0.0088 -0.0707 9  ASN A N   
34  C  CA  . ASN A 12 ? 0.3739 0.5733 0.5106 0.0062  -0.0102 -0.0667 9  ASN A CA  
35  C  C   . ASN A 12 ? 0.4088 0.6095 0.5289 0.0260  -0.0281 -0.0624 9  ASN A C   
36  O  O   . ASN A 12 ? 0.4161 0.5860 0.5061 0.0274  -0.0295 -0.0523 9  ASN A O   
37  C  CB  . ASN A 12 ? 0.3725 0.6147 0.5499 0.0020  -0.0040 -0.0788 9  ASN A CB  
38  C  CG  . ASN A 12 ? 0.3789 0.6087 0.5603 -0.0170 0.0186  -0.0768 9  ASN A CG  
39  O  OD1 . ASN A 12 ? 0.3487 0.5428 0.5014 -0.0153 0.0280  -0.0653 9  ASN A OD1 
40  N  ND2 . ASN A 12 ? 0.3722 0.6305 0.5870 -0.0353 0.0271  -0.0875 9  ASN A ND2 
41  N  N   . GLY A 13 ? 0.4091 0.6441 0.5473 0.0418  -0.0403 -0.0686 10 GLY A N   
42  C  CA  . GLY A 13 ? 0.4353 0.6663 0.5522 0.0658  -0.0561 -0.0599 10 GLY A CA  
43  C  C   . GLY A 13 ? 0.4415 0.6709 0.5359 0.0652  -0.0691 -0.0607 10 GLY A C   
44  O  O   . GLY A 13 ? 0.4955 0.7121 0.5607 0.0834  -0.0790 -0.0489 10 GLY A O   
45  N  N   . ASP A 14 ? 0.4073 0.6458 0.5114 0.0455  -0.0681 -0.0739 11 ASP A N   
46  C  CA  . ASP A 14 ? 0.4230 0.6606 0.5051 0.0437  -0.0792 -0.0800 11 ASP A CA  
47  C  C   . ASP A 14 ? 0.4253 0.6202 0.4724 0.0397  -0.0681 -0.0668 11 ASP A C   
48  O  O   . ASP A 14 ? 0.4366 0.6273 0.4600 0.0409  -0.0738 -0.0704 11 ASP A O   
49  C  CB  . ASP A 14 ? 0.4320 0.6911 0.5414 0.0229  -0.0815 -0.1023 11 ASP A CB  
50  C  CG  . ASP A 14 ? 0.5249 0.8379 0.6719 0.0261  -0.0976 -0.1200 11 ASP A CG  
51  O  OD1 . ASP A 14 ? 0.4781 0.8116 0.6228 0.0500  -0.1110 -0.1147 11 ASP A OD1 
52  O  OD2 . ASP A 14 ? 0.5115 0.8450 0.6909 0.0047  -0.0970 -0.1390 11 ASP A OD2 
53  N  N   . ILE A 15 ? 0.4087 0.5766 0.4539 0.0354  -0.0529 -0.0541 12 ILE A N   
54  C  CA  . ILE A 15 ? 0.3917 0.5255 0.4125 0.0307  -0.0422 -0.0427 12 ILE A CA  
55  C  C   . ILE A 15 ? 0.4394 0.5568 0.4371 0.0451  -0.0424 -0.0246 12 ILE A C   
56  O  O   . ILE A 15 ? 0.4119 0.5189 0.4156 0.0490  -0.0385 -0.0170 12 ILE A O   
57  C  CB  . ILE A 15 ? 0.3977 0.5130 0.4297 0.0169  -0.0283 -0.0409 12 ILE A CB  
58  C  CG1 . ILE A 15 ? 0.3597 0.4822 0.4111 0.0011  -0.0253 -0.0553 12 ILE A CG1 
59  C  CG2 . ILE A 15 ? 0.4193 0.5079 0.4319 0.0150  -0.0207 -0.0306 12 ILE A CG2 
60  C  CD1 . ILE A 15 ? 0.3733 0.4787 0.4322 -0.0098 -0.0117 -0.0512 12 ILE A CD1 
61  N  N   . ASN A 16 ? 0.4394 0.5528 0.4094 0.0524  -0.0459 -0.0184 13 ASN A N   
62  C  CA  . ASN A 16 ? 0.4645 0.5595 0.4084 0.0647  -0.0450 0.0011  13 ASN A CA  
63  C  C   . ASN A 16 ? 0.4946 0.5725 0.4202 0.0568  -0.0321 0.0097  13 ASN A C   
64  O  O   . ASN A 16 ? 0.5130 0.5991 0.4187 0.0593  -0.0327 0.0064  13 ASN A O   
65  C  CB  . ASN A 16 ? 0.4777 0.5867 0.4016 0.0837  -0.0603 0.0036  13 ASN A CB  
66  C  CG  . ASN A 16 ? 0.5019 0.6384 0.4512 0.0938  -0.0748 -0.0076 13 ASN A CG  
67  O  OD1 . ASN A 16 ? 0.5205 0.6878 0.4715 0.1007  -0.0907 -0.0206 13 ASN A OD1 
68  N  ND2 . ASN A 16 ? 0.4305 0.5585 0.3993 0.0960  -0.0702 -0.0037 13 ASN A ND2 
69  N  N   . PHE A 17 ? 0.4698 0.5279 0.4034 0.0480  -0.0210 0.0184  14 PHE A N   
70  C  CA  . PHE A 17 ? 0.4822 0.5291 0.4068 0.0400  -0.0079 0.0275  14 PHE A CA  
71  C  C   . PHE A 17 ? 0.4912 0.5135 0.4184 0.0357  -0.0016 0.0421  14 PHE A C   
72  O  O   . PHE A 17 ? 0.4741 0.4884 0.4175 0.0338  -0.0047 0.0382  14 PHE A O   
73  C  CB  . PHE A 17 ? 0.4656 0.5200 0.4076 0.0296  -0.0031 0.0150  14 PHE A CB  
74  C  CG  . PHE A 17 ? 0.4424 0.5126 0.3813 0.0316  -0.0080 -0.0011 14 PHE A CG  
75  C  CD1 . PHE A 17 ? 0.4723 0.5502 0.3898 0.0368  -0.0047 -0.0029 14 PHE A CD1 
76  C  CD2 . PHE A 17 ? 0.4757 0.5520 0.4326 0.0275  -0.0148 -0.0154 14 PHE A CD2 
77  C  CE1 . PHE A 17 ? 0.5119 0.6007 0.4244 0.0389  -0.0108 -0.0213 14 PHE A CE1 
78  C  CE2 . PHE A 17 ? 0.4770 0.5640 0.4325 0.0268  -0.0203 -0.0321 14 PHE A CE2 
79  C  CZ  . PHE A 17 ? 0.4837 0.5755 0.4170 0.0329  -0.0194 -0.0365 14 PHE A CZ  
80  N  N   . LYS A 18 ? 0.5028 0.5143 0.4162 0.0316  0.0091  0.0565  15 LYS A N   
81  C  CA  . LYS A 18 ? 0.5583 0.5437 0.4766 0.0225  0.0164  0.0692  15 LYS A CA  
82  C  C   . LYS A 18 ? 0.5046 0.4933 0.4515 0.0092  0.0179  0.0589  15 LYS A C   
83  O  O   . LYS A 18 ? 0.4817 0.4507 0.4373 0.0038  0.0166  0.0604  15 LYS A O   
84  C  CB  . LYS A 18 ? 0.6452 0.6236 0.5470 0.0161  0.0313  0.0862  15 LYS A CB  
85  C  CG  . LYS A 18 ? 0.8510 0.8120 0.7157 0.0297  0.0307  0.1033  15 LYS A CG  
86  C  CD  . LYS A 18 ? 0.9328 0.8853 0.7765 0.0219  0.0498  0.1228  15 LYS A CD  
87  C  CE  . LYS A 18 ? 1.0417 0.9788 0.8380 0.0391  0.0482  0.1407  15 LYS A CE  
88  N  NZ  . LYS A 18 ? 1.0684 1.0172 0.8394 0.0352  0.0669  0.1513  15 LYS A NZ  
89  N  N   . GLU A 19 ? 0.4636 0.4750 0.4224 0.0060  0.0191  0.0477  16 GLU A N   
90  C  CA  . GLU A 19 ? 0.4296 0.4465 0.4117 -0.0032 0.0184  0.0389  16 GLU A CA  
91  C  C   . GLU A 19 ? 0.4168 0.4469 0.4029 0.0020  0.0130  0.0255  16 GLU A C   
92  O  O   . GLU A 19 ? 0.4005 0.4432 0.3785 0.0070  0.0154  0.0221  16 GLU A O   
93  C  CB  . GLU A 19 ? 0.4643 0.4939 0.4592 -0.0128 0.0287  0.0427  16 GLU A CB  
94  C  CG  . GLU A 19 ? 0.5914 0.6046 0.5897 -0.0245 0.0354  0.0549  16 GLU A CG  
95  C  CD  . GLU A 19 ? 0.6572 0.6900 0.6801 -0.0383 0.0452  0.0558  16 GLU A CD  
96  O  OE1 . GLU A 19 ? 0.7039 0.7639 0.7328 -0.0343 0.0515  0.0518  16 GLU A OE1 
97  O  OE2 . GLU A 19 ? 0.7812 0.8033 0.8201 -0.0526 0.0456  0.0581  16 GLU A OE2 
98  N  N   . VAL A 20 ? 0.3959 0.4205 0.3917 -0.0002 0.0075  0.0185  17 VAL A N   
99  C  CA  . VAL A 20 ? 0.3654 0.3953 0.3658 0.0013  0.0047  0.0086  17 VAL A CA  
100 C  C   . VAL A 20 ? 0.3861 0.4108 0.3953 -0.0029 0.0021  0.0072  17 VAL A C   
101 O  O   . VAL A 20 ? 0.3923 0.4085 0.4035 -0.0070 -0.0001 0.0097  17 VAL A O   
102 C  CB  . VAL A 20 ? 0.3660 0.3943 0.3631 0.0041  0.0009  0.0027  17 VAL A CB  
103 C  CG1 . VAL A 20 ? 0.4048 0.4434 0.3938 0.0101  -0.0012 0.0017  17 VAL A CG1 
104 C  CG2 . VAL A 20 ? 0.4044 0.4229 0.4030 0.0037  -0.0009 0.0033  17 VAL A CG2 
105 N  N   . ARG A 21 ? 0.3431 0.3707 0.3555 -0.0004 0.0011  0.0025  18 ARG A N   
106 C  CA  . ARG A 21 ? 0.3530 0.3744 0.3675 -0.0003 -0.0043 0.0014  18 ARG A CA  
107 C  C   . ARG A 21 ? 0.3900 0.3965 0.3924 -0.0005 -0.0047 -0.0004 18 ARG A C   
108 O  O   . ARG A 21 ? 0.4247 0.4272 0.4242 0.0006  -0.0016 -0.0033 18 ARG A O   
109 C  CB  . ARG A 21 ? 0.3968 0.4257 0.4184 0.0063  -0.0057 -0.0009 18 ARG A CB  
110 C  CG  . ARG A 21 ? 0.4221 0.4447 0.4420 0.0098  -0.0144 -0.0006 18 ARG A CG  
111 C  CD  . ARG A 21 ? 0.4338 0.4653 0.4632 0.0207  -0.0178 -0.0024 18 ARG A CD  
112 N  NE  . ARG A 21 ? 0.4291 0.4889 0.4812 0.0216  -0.0134 -0.0046 18 ARG A NE  
113 C  CZ  . ARG A 21 ? 0.4468 0.5292 0.5193 0.0155  -0.0161 -0.0043 18 ARG A CZ  
114 N  NH1 . ARG A 21 ? 0.4224 0.4998 0.4931 0.0102  -0.0266 -0.0044 18 ARG A NH1 
115 N  NH2 . ARG A 21 ? 0.4286 0.5381 0.5223 0.0141  -0.0076 -0.0052 18 ARG A NH2 
116 N  N   . CYS A 22 ? 0.3843 0.3827 0.3805 -0.0028 -0.0069 0.0000  19 CYS A N   
117 C  CA  . CYS A 22 ? 0.4081 0.3967 0.3934 -0.0034 -0.0030 -0.0016 19 CYS A CA  
118 C  C   . CYS A 22 ? 0.4421 0.4175 0.4119 -0.0018 -0.0053 0.0001  19 CYS A C   
119 O  O   . CYS A 22 ? 0.4166 0.3908 0.3822 0.0000  -0.0135 -0.0003 19 CYS A O   
120 C  CB  . CYS A 22 ? 0.4665 0.4552 0.4521 -0.0034 -0.0019 -0.0032 19 CYS A CB  
121 S  SG  . CYS A 22 ? 0.5141 0.5011 0.4933 -0.0028 0.0063  -0.0071 19 CYS A SG  
122 N  N   . VAL A 23 ? 0.3945 0.3591 0.3555 -0.0025 0.0006  0.0024  20 VAL A N   
123 C  CA  . VAL A 23 ? 0.4413 0.3875 0.3801 0.0009  -0.0006 0.0079  20 VAL A CA  
124 C  C   . VAL A 23 ? 0.4626 0.3988 0.3883 -0.0052 0.0127  0.0099  20 VAL A C   
125 O  O   . VAL A 23 ? 0.4727 0.4188 0.4144 -0.0121 0.0211  0.0060  20 VAL A O   
126 C  CB  . VAL A 23 ? 0.5107 0.4462 0.4493 0.0065  -0.0037 0.0119  20 VAL A CB  
127 C  CG1 . VAL A 23 ? 0.6480 0.5600 0.5585 0.0134  -0.0067 0.0205  20 VAL A CG1 
128 C  CG2 . VAL A 23 ? 0.5382 0.4918 0.4957 0.0128  -0.0132 0.0084  20 VAL A CG2 
129 N  N   . GLY A 24 ? 0.4920 0.4132 0.3903 -0.0026 0.0147  0.0150  21 GLY A N   
130 C  CA  . GLY A 24 ? 0.5198 0.4340 0.4048 -0.0093 0.0316  0.0180  21 GLY A CA  
131 C  C   . GLY A 24 ? 0.5702 0.4583 0.4403 -0.0132 0.0394  0.0293  21 GLY A C   
132 O  O   . GLY A 24 ? 0.5883 0.4636 0.4593 -0.0077 0.0300  0.0329  21 GLY A O   
133 N  N   . ASP A 25 ? 0.6175 0.4960 0.4744 -0.0220 0.0576  0.0350  22 ASP A N   
134 C  CA  . ASP A 25 ? 0.6642 0.5116 0.5086 -0.0303 0.0692  0.0470  22 ASP A CA  
135 C  C   . ASP A 25 ? 0.7678 0.5797 0.5648 -0.0185 0.0651  0.0629  22 ASP A C   
136 O  O   . ASP A 25 ? 0.7911 0.5663 0.5705 -0.0226 0.0737  0.0767  22 ASP A O   
137 C  CB  . ASP A 25 ? 0.7028 0.5590 0.5588 -0.0484 0.0932  0.0465  22 ASP A CB  
138 C  CG  . ASP A 25 ? 0.7691 0.5977 0.6296 -0.0643 0.1059  0.0541  22 ASP A CG  
139 O  OD1 . ASP A 25 ? 0.7640 0.5709 0.6279 -0.0605 0.0942  0.0545  22 ASP A OD1 
140 O  OD2 . ASP A 25 ? 0.8562 0.6849 0.7183 -0.0808 0.1284  0.0584  22 ASP A OD2 
141 N  N   . ASN A 26 ? 0.7501 0.5676 0.5229 -0.0046 0.0526  0.0622  23 ASN A N   
142 C  CA  . ASN A 26 ? 0.8557 0.6414 0.5804 0.0098  0.0444  0.0772  23 ASN A CA  
143 C  C   . ASN A 26 ? 0.8259 0.6261 0.5543 0.0269  0.0163  0.0700  23 ASN A C   
144 O  O   . ASN A 26 ? 0.8813 0.6779 0.5748 0.0384  0.0057  0.0721  23 ASN A O   
145 C  CB  . ASN A 26 ? 0.9809 0.7572 0.6598 0.0107  0.0567  0.0844  23 ASN A CB  
146 C  CG  . ASN A 26 ? 1.0817 0.8653 0.7713 -0.0085 0.0865  0.0842  23 ASN A CG  
147 O  OD1 . ASN A 26 ? 1.0621 0.8200 0.7426 -0.0204 0.1059  0.0985  23 ASN A OD1 
148 N  ND2 . ASN A 26 ? 1.1006 0.9198 0.8132 -0.0115 0.0901  0.0676  23 ASN A ND2 
149 N  N   . GLY A 27 ? 0.7632 0.5826 0.5328 0.0272  0.0058  0.0603  24 GLY A N   
150 C  CA  . GLY A 27 ? 0.7948 0.6338 0.5778 0.0407  -0.0182 0.0531  24 GLY A CA  
151 C  C   . GLY A 27 ? 0.7203 0.5907 0.5194 0.0366  -0.0257 0.0380  24 GLY A C   
152 O  O   . GLY A 27 ? 0.7202 0.6092 0.5326 0.0437  -0.0444 0.0309  24 GLY A O   
153 N  N   . GLU A 28 ? 0.6396 0.5166 0.4418 0.0254  -0.0117 0.0320  25 GLU A N   
154 C  CA  . GLU A 28 ? 0.5672 0.4653 0.3820 0.0230  -0.0190 0.0174  25 GLU A CA  
155 C  C   . GLU A 28 ? 0.5229 0.4427 0.3810 0.0192  -0.0263 0.0105  25 GLU A C   
156 O  O   . GLU A 28 ? 0.5354 0.4590 0.4151 0.0140  -0.0171 0.0126  25 GLU A O   
157 C  CB  . GLU A 28 ? 0.5919 0.4923 0.4038 0.0157  -0.0020 0.0120  25 GLU A CB  
158 C  CG  . GLU A 28 ? 0.6697 0.5517 0.4368 0.0185  0.0098  0.0188  25 GLU A CG  
159 C  CD  . GLU A 28 ? 0.7259 0.5949 0.4887 0.0107  0.0315  0.0319  25 GLU A CD  
160 O  OE1 . GLU A 28 ? 0.6536 0.5202 0.4406 0.0061  0.0315  0.0369  25 GLU A OE1 
161 O  OE2 . GLU A 28 ? 0.7934 0.6529 0.5260 0.0089  0.0489  0.0367  25 GLU A OE2 
162 N  N   . VAL A 29 ? 0.5353 0.4692 0.4041 0.0206  -0.0421 0.0019  26 VAL A N   
163 C  CA  . VAL A 29 ? 0.5358 0.4909 0.4439 0.0150  -0.0466 -0.0035 26 VAL A CA  
164 C  C   . VAL A 29 ? 0.5080 0.4641 0.4244 0.0064  -0.0409 -0.0115 26 VAL A C   
165 O  O   . VAL A 29 ? 0.4929 0.4419 0.3926 0.0065  -0.0467 -0.0195 26 VAL A O   
166 C  CB  . VAL A 29 ? 0.6344 0.6063 0.5535 0.0189  -0.0665 -0.0088 26 VAL A CB  
167 C  CG1 . VAL A 29 ? 0.6592 0.6530 0.6168 0.0087  -0.0686 -0.0156 26 VAL A CG1 
168 C  CG2 . VAL A 29 ? 0.6843 0.6575 0.5996 0.0323  -0.0743 -0.0011 26 VAL A CG2 
169 N  N   . TYR A 30 ? 0.4750 0.4359 0.4110 0.0015  -0.0304 -0.0098 27 TYR A N   
170 C  CA  . TYR A 30 ? 0.4822 0.4415 0.4276 -0.0034 -0.0275 -0.0154 27 TYR A CA  
171 C  C   . TYR A 30 ? 0.4874 0.4573 0.4590 -0.0102 -0.0323 -0.0153 27 TYR A C   
172 O  O   . TYR A 30 ? 0.5144 0.4760 0.4909 -0.0152 -0.0328 -0.0192 27 TYR A O   
173 C  CB  . TYR A 30 ? 0.4688 0.4266 0.4151 -0.0019 -0.0141 -0.0134 27 TYR A CB  
174 C  CG  . TYR A 30 ? 0.4870 0.4383 0.4122 0.0016  -0.0057 -0.0141 27 TYR A CG  
175 C  CD1 . TYR A 30 ? 0.5331 0.4751 0.4411 0.0050  -0.0039 -0.0220 27 TYR A CD1 
176 C  CD2 . TYR A 30 ? 0.5442 0.4958 0.4645 0.0008  0.0018  -0.0073 27 TYR A CD2 
177 C  CE1 . TYR A 30 ? 0.5247 0.4634 0.4118 0.0080  0.0077  -0.0223 27 TYR A CE1 
178 C  CE2 . TYR A 30 ? 0.5771 0.5219 0.4779 0.0010  0.0134  -0.0059 27 TYR A CE2 
179 C  CZ  . TYR A 30 ? 0.5524 0.4931 0.4358 0.0050  0.0170  -0.0130 27 TYR A CZ  
180 O  OH  . TYR A 30 ? 0.5917 0.5288 0.4545 0.0054  0.0318  -0.0116 27 TYR A OH  
181 N  N   . GLY A 31 ? 0.4373 0.4235 0.4244 -0.0101 -0.0345 -0.0109 28 GLY A N   
182 C  CA  . GLY A 31 ? 0.4307 0.4333 0.4444 -0.0173 -0.0351 -0.0096 28 GLY A CA  
183 C  C   . GLY A 31 ? 0.3965 0.4022 0.4162 -0.0172 -0.0229 -0.0025 28 GLY A C   
184 O  O   . GLY A 31 ? 0.4004 0.3993 0.4082 -0.0117 -0.0171 -0.0007 28 GLY A O   
185 N  N   . ILE A 32 ? 0.3696 0.3833 0.4057 -0.0252 -0.0190 0.0007  29 ILE A N   
186 C  CA  . ILE A 32 ? 0.3975 0.4137 0.4337 -0.0246 -0.0081 0.0087  29 ILE A CA  
187 C  C   . ILE A 32 ? 0.4256 0.4186 0.4517 -0.0272 -0.0059 0.0121  29 ILE A C   
188 O  O   . ILE A 32 ? 0.4119 0.3934 0.4446 -0.0369 -0.0080 0.0113  29 ILE A O   
189 C  CB  . ILE A 32 ? 0.4071 0.4452 0.4636 -0.0306 -0.0018 0.0124  29 ILE A CB  
190 C  CG1 . ILE A 32 ? 0.4330 0.4937 0.5001 -0.0227 -0.0049 0.0074  29 ILE A CG1 
191 C  CG2 . ILE A 32 ? 0.4214 0.4581 0.4684 -0.0295 0.0100  0.0218  29 ILE A CG2 
192 C  CD1 . ILE A 32 ? 0.4388 0.5302 0.5326 -0.0269 0.0022  0.0083  29 ILE A CD1 
193 N  N   . ILE A 33 ? 0.3873 0.3730 0.3997 -0.0183 -0.0034 0.0142  30 ILE A N   
194 C  CA  . ILE A 33 ? 0.4273 0.3912 0.4296 -0.0147 -0.0029 0.0170  30 ILE A CA  
195 C  C   . ILE A 33 ? 0.4308 0.4011 0.4247 -0.0055 0.0007  0.0241  30 ILE A C   
196 O  O   . ILE A 33 ? 0.3981 0.3875 0.3929 -0.0033 0.0021  0.0226  30 ILE A O   
197 C  CB  . ILE A 33 ? 0.4227 0.3777 0.4181 -0.0091 -0.0073 0.0071  30 ILE A CB  
198 C  CG1 . ILE A 33 ? 0.4040 0.3755 0.3971 -0.0035 -0.0061 0.0032  30 ILE A CG1 
199 C  CG2 . ILE A 33 ? 0.4392 0.3851 0.4361 -0.0172 -0.0134 -0.0009 30 ILE A CG2 
200 C  CD1 . ILE A 33 ? 0.4328 0.3980 0.4174 0.0012  -0.0056 -0.0048 30 ILE A CD1 
201 N  N   . SER A 34 ? 0.4223 0.3760 0.4066 0.0019  0.0004  0.0297  31 SER A N   
202 C  CA  . SER A 34 ? 0.4882 0.4507 0.4622 0.0141  -0.0005 0.0350  31 SER A CA  
203 C  C   . SER A 34 ? 0.4521 0.4353 0.4324 0.0211  -0.0048 0.0234  31 SER A C   
204 O  O   . SER A 34 ? 0.4221 0.4043 0.4093 0.0198  -0.0052 0.0147  31 SER A O   
205 C  CB  . SER A 34 ? 0.5423 0.4798 0.5032 0.0237  -0.0017 0.0453  31 SER A CB  
206 O  OG  . SER A 34 ? 0.5022 0.4307 0.4668 0.0333  -0.0064 0.0371  31 SER A OG  
207 N  N   . SER A 35 ? 0.4526 0.4544 0.4296 0.0281  -0.0078 0.0227  32 SER A N   
208 C  CA  . SER A 35 ? 0.4465 0.4700 0.4347 0.0317  -0.0117 0.0106  32 SER A CA  
209 C  C   . SER A 35 ? 0.4502 0.4714 0.4447 0.0425  -0.0143 0.0079  32 SER A C   
210 O  O   . SER A 35 ? 0.4386 0.4734 0.4472 0.0407  -0.0120 -0.0023 32 SER A O   
211 C  CB  . SER A 35 ? 0.4513 0.4968 0.4364 0.0361  -0.0172 0.0067  32 SER A CB  
212 O  OG  . SER A 35 ? 0.4831 0.5250 0.4515 0.0490  -0.0227 0.0166  32 SER A OG  
213 N  N   . LYS A 36 ? 0.4811 0.4838 0.4649 0.0538  -0.0172 0.0170  33 LYS A N   
214 C  CA  . LYS A 36 ? 0.5293 0.5260 0.5184 0.0685  -0.0198 0.0138  33 LYS A CA  
215 C  C   . LYS A 36 ? 0.4861 0.4691 0.4803 0.0612  -0.0127 0.0057  33 LYS A C   
216 O  O   . LYS A 36 ? 0.4617 0.4561 0.4671 0.0694  -0.0106 -0.0046 33 LYS A O   
217 C  CB  . LYS A 36 ? 0.6459 0.6137 0.6170 0.0827  -0.0241 0.0276  33 LYS A CB  
218 C  CG  . LYS A 36 ? 0.7954 0.7823 0.7609 0.1011  -0.0349 0.0322  33 LYS A CG  
219 C  CD  . LYS A 36 ? 0.9443 0.8969 0.8851 0.1187  -0.0398 0.0498  33 LYS A CD  
220 C  CE  . LYS A 36 ? 1.0231 0.9953 0.9486 0.1359  -0.0523 0.0569  33 LYS A CE  
221 N  NZ  . LYS A 36 ? 1.1136 1.0484 1.0015 0.1395  -0.0500 0.0807  33 LYS A NZ  
222 N  N   . GLU A 37 ? 0.4802 0.4402 0.4659 0.0482  -0.0094 0.0094  34 GLU A N   
223 C  CA  . GLU A 37 ? 0.4908 0.4371 0.4758 0.0414  -0.0058 0.0006  34 GLU A CA  
224 C  C   . GLU A 37 ? 0.4307 0.4021 0.4227 0.0347  -0.0017 -0.0077 34 GLU A C   
225 O  O   . GLU A 37 ? 0.4437 0.4148 0.4342 0.0370  0.0028  -0.0164 34 GLU A O   
226 C  CB  . GLU A 37 ? 0.5539 0.4759 0.5323 0.0277  -0.0064 0.0052  34 GLU A CB  
227 C  CG  . GLU A 37 ? 0.6004 0.5051 0.5743 0.0230  -0.0068 -0.0059 34 GLU A CG  
228 C  CD  . GLU A 37 ? 0.6855 0.5562 0.6516 0.0321  -0.0080 -0.0098 34 GLU A CD  
229 O  OE1 . GLU A 37 ? 0.7026 0.5614 0.6672 0.0437  -0.0084 -0.0012 34 GLU A OE1 
230 O  OE2 . GLU A 37 ? 0.6682 0.5210 0.6275 0.0284  -0.0096 -0.0213 34 GLU A OE2 
231 N  N   . ALA A 38 ? 0.4151 0.4036 0.4114 0.0267  -0.0017 -0.0048 35 ALA A N   
232 C  CA  . ALA A 38 ? 0.3935 0.3962 0.3940 0.0191  0.0032  -0.0103 35 ALA A CA  
233 C  C   . ALA A 38 ? 0.3798 0.4037 0.3929 0.0248  0.0079  -0.0178 35 ALA A C   
234 O  O   . ALA A 38 ? 0.4127 0.4398 0.4253 0.0210  0.0165  -0.0228 35 ALA A O   
235 C  CB  . ALA A 38 ? 0.4040 0.4155 0.4068 0.0120  0.0015  -0.0071 35 ALA A CB  
236 N  N   . LEU A 39 ? 0.3918 0.4317 0.4159 0.0344  0.0027  -0.0182 36 LEU A N   
237 C  CA  . LEU A 39 ? 0.3914 0.4614 0.4366 0.0411  0.0055  -0.0271 36 LEU A CA  
238 C  C   . LEU A 39 ? 0.3857 0.4491 0.4300 0.0516  0.0123  -0.0323 36 LEU A C   
239 O  O   . LEU A 39 ? 0.3967 0.4803 0.4538 0.0495  0.0228  -0.0401 36 LEU A O   
240 C  CB  . LEU A 39 ? 0.4079 0.4985 0.4635 0.0528  -0.0060 -0.0271 36 LEU A CB  
241 C  CG  . LEU A 39 ? 0.4229 0.5539 0.5083 0.0607  -0.0059 -0.0384 36 LEU A CG  
242 C  CD1 . LEU A 39 ? 0.4264 0.5802 0.5304 0.0410  0.0028  -0.0469 36 LEU A CD1 
243 C  CD2 . LEU A 39 ? 0.4566 0.6086 0.5489 0.0779  -0.0224 -0.0384 36 LEU A CD2 
244 N  N   . LYS A 40 ? 0.4132 0.4475 0.4426 0.0619  0.0081  -0.0289 37 LYS A N   
245 C  CA  . LYS A 40 ? 0.4461 0.4672 0.4700 0.0730  0.0141  -0.0368 37 LYS A CA  
246 C  C   . LYS A 40 ? 0.4360 0.4524 0.4475 0.0604  0.0250  -0.0419 37 LYS A C   
247 O  O   . LYS A 40 ? 0.4635 0.4929 0.4783 0.0664  0.0364  -0.0513 37 LYS A O   
248 C  CB  . LYS A 40 ? 0.4873 0.4681 0.4947 0.0821  0.0066  -0.0322 37 LYS A CB  
249 C  CG  . LYS A 40 ? 0.5619 0.5188 0.5580 0.0916  0.0118  -0.0433 37 LYS A CG  
250 C  CD  . LYS A 40 ? 0.6463 0.5554 0.6268 0.0970  0.0044  -0.0398 37 LYS A CD  
251 C  CE  . LYS A 40 ? 0.6815 0.5690 0.6505 0.0753  -0.0001 -0.0318 37 LYS A CE  
252 N  NZ  . LYS A 40 ? 0.7529 0.5920 0.7088 0.0738  -0.0044 -0.0327 37 LYS A NZ  
253 N  N   . ILE A 41 ? 0.4392 0.4408 0.4366 0.0454  0.0223  -0.0358 38 ILE A N   
254 C  CA  . ILE A 41 ? 0.4429 0.4375 0.4222 0.0366  0.0300  -0.0387 38 ILE A CA  
255 C  C   . ILE A 41 ? 0.4370 0.4596 0.4283 0.0305  0.0431  -0.0396 38 ILE A C   
256 O  O   . ILE A 41 ? 0.4287 0.4554 0.4112 0.0320  0.0562  -0.0449 38 ILE A O   
257 C  CB  . ILE A 41 ? 0.4756 0.4523 0.4407 0.0249  0.0216  -0.0318 38 ILE A CB  
258 C  CG1 . ILE A 41 ? 0.4952 0.4461 0.4521 0.0269  0.0113  -0.0334 38 ILE A CG1 
259 C  CG2 . ILE A 41 ? 0.4888 0.4625 0.4345 0.0181  0.0280  -0.0316 38 ILE A CG2 
260 C  CD1 . ILE A 41 ? 0.4980 0.4426 0.4540 0.0156  0.0023  -0.0268 38 ILE A CD1 
261 N  N   . ALA A 42 ? 0.4152 0.4563 0.4260 0.0230  0.0412  -0.0354 39 ALA A N   
262 C  CA  . ALA A 42 ? 0.4164 0.4808 0.4421 0.0122  0.0539  -0.0368 39 ALA A CA  
263 C  C   . ALA A 42 ? 0.3924 0.4861 0.4380 0.0205  0.0661  -0.0466 39 ALA A C   
264 O  O   . ALA A 42 ? 0.4239 0.5268 0.4677 0.0132  0.0841  -0.0482 39 ALA A O   
265 C  CB  . ALA A 42 ? 0.4184 0.4972 0.4640 0.0044  0.0463  -0.0356 39 ALA A CB  
266 N  N   . GLN A 43 ? 0.4145 0.5231 0.4780 0.0368  0.0576  -0.0521 40 GLN A N   
267 C  CA  . GLN A 43 ? 0.4373 0.5812 0.5272 0.0495  0.0673  -0.0632 40 GLN A CA  
268 C  C   . GLN A 43 ? 0.4574 0.5873 0.5253 0.0567  0.0821  -0.0685 40 GLN A C   
269 O  O   . GLN A 43 ? 0.4545 0.6133 0.5364 0.0555  0.1013  -0.0754 40 GLN A O   
270 C  CB  . GLN A 43 ? 0.4827 0.6372 0.5894 0.0713  0.0518  -0.0665 40 GLN A CB  
271 C  CG  . GLN A 43 ? 0.4979 0.6771 0.6268 0.0668  0.0377  -0.0645 40 GLN A CG  
272 C  CD  . GLN A 43 ? 0.5448 0.7247 0.6773 0.0901  0.0196  -0.0627 40 GLN A CD  
273 O  OE1 . GLN A 43 ? 0.6299 0.7757 0.7413 0.1053  0.0157  -0.0586 40 GLN A OE1 
274 N  NE2 . GLN A 43 ? 0.5342 0.7495 0.6908 0.0924  0.0074  -0.0659 40 GLN A NE2 
275 N  N   . ASN A 44 ? 0.4482 0.5362 0.4823 0.0628  0.0744  -0.0667 41 ASN A N   
276 C  CA  . ASN A 44 ? 0.4835 0.5539 0.4904 0.0716  0.0855  -0.0754 41 ASN A CA  
277 C  C   . ASN A 44 ? 0.4916 0.5595 0.4748 0.0555  0.1010  -0.0711 41 ASN A C   
278 O  O   . ASN A 44 ? 0.5382 0.6041 0.4999 0.0620  0.1161  -0.0790 41 ASN A O   
279 C  CB  . ASN A 44 ? 0.5140 0.5394 0.4944 0.0798  0.0697  -0.0770 41 ASN A CB  
280 C  CG  . ASN A 44 ? 0.5262 0.5476 0.5215 0.1018  0.0627  -0.0837 41 ASN A CG  
281 O  OD1 . ASN A 44 ? 0.5593 0.5867 0.5557 0.1191  0.0729  -0.0969 41 ASN A OD1 
282 N  ND2 . ASN A 44 ? 0.5211 0.5378 0.5298 0.1032  0.0475  -0.0742 41 ASN A ND2 
283 N  N   . LEU A 45 ? 0.4887 0.5522 0.4698 0.0372  0.0976  -0.0588 42 LEU A N   
284 C  CA  . LEU A 45 ? 0.5206 0.5757 0.4762 0.0229  0.1122  -0.0508 42 LEU A CA  
285 C  C   . LEU A 45 ? 0.5297 0.6196 0.5149 0.0094  0.1328  -0.0487 42 LEU A C   
286 O  O   . LEU A 45 ? 0.5573 0.6387 0.5216 -0.0030 0.1492  -0.0404 42 LEU A O   
287 C  CB  . LEU A 45 ? 0.5459 0.5716 0.4816 0.0130  0.0969  -0.0389 42 LEU A CB  
288 C  CG  . LEU A 45 ? 0.6589 0.6512 0.5552 0.0190  0.0841  -0.0394 42 LEU A CG  
289 C  CD1 . LEU A 45 ? 0.6989 0.6843 0.5955 0.0334  0.0750  -0.0525 42 LEU A CD1 
290 C  CD2 . LEU A 45 ? 0.6760 0.6520 0.5699 0.0116  0.0667  -0.0295 42 LEU A CD2 
291 N  N   . GLY A 46 ? 0.5228 0.6525 0.5544 0.0127  0.1336  -0.0571 43 GLY A N   
292 C  CA  . GLY A 46 ? 0.5259 0.6955 0.5944 -0.0028 0.1524  -0.0585 43 GLY A CA  
293 C  C   . GLY A 46 ? 0.4971 0.6569 0.5737 -0.0248 0.1460  -0.0490 43 GLY A C   
294 O  O   . GLY A 46 ? 0.4914 0.6643 0.5830 -0.0448 0.1645  -0.0460 43 GLY A O   
295 N  N   . LEU A 47 ? 0.4708 0.6050 0.5364 -0.0221 0.1229  -0.0446 44 LEU A N   
296 C  CA  . LEU A 47 ? 0.4635 0.5818 0.5310 -0.0398 0.1166  -0.0373 44 LEU A CA  
297 C  C   . LEU A 47 ? 0.4259 0.5627 0.5225 -0.0368 0.0960  -0.0444 44 LEU A C   
298 O  O   . LEU A 47 ? 0.4260 0.5847 0.5386 -0.0195 0.0848  -0.0520 44 LEU A O   
299 C  CB  . LEU A 47 ? 0.4732 0.5430 0.4946 -0.0395 0.1105  -0.0246 44 LEU A CB  
300 C  CG  . LEU A 47 ? 0.5447 0.5931 0.5298 -0.0439 0.1298  -0.0153 44 LEU A CG  
301 C  CD1 . LEU A 47 ? 0.6036 0.6121 0.5443 -0.0353 0.1168  -0.0065 44 LEU A CD1 
302 C  CD2 . LEU A 47 ? 0.6172 0.6621 0.6087 -0.0660 0.1494  -0.0074 44 LEU A CD2 
303 N  N   . ASP A 48 ? 0.4338 0.5588 0.5339 -0.0516 0.0911  -0.0419 45 ASP A N   
304 C  CA  . ASP A 48 ? 0.3983 0.5336 0.5148 -0.0488 0.0707  -0.0484 45 ASP A CA  
305 C  C   . ASP A 48 ? 0.4215 0.5219 0.5060 -0.0391 0.0566  -0.0402 45 ASP A C   
306 O  O   . ASP A 48 ? 0.4375 0.5050 0.4925 -0.0402 0.0613  -0.0302 45 ASP A O   
307 C  CB  . ASP A 48 ? 0.4116 0.5553 0.5516 -0.0704 0.0734  -0.0548 45 ASP A CB  
308 C  CG  . ASP A 48 ? 0.4842 0.6717 0.6657 -0.0829 0.0876  -0.0650 45 ASP A CG  
309 O  OD1 . ASP A 48 ? 0.4385 0.6693 0.6497 -0.0716 0.0781  -0.0762 45 ASP A OD1 
310 O  OD2 . ASP A 48 ? 0.4714 0.6504 0.6542 -0.1021 0.1094  -0.0602 45 ASP A OD2 
311 N  N   . LEU A 49 ? 0.3929 0.5033 0.4839 -0.0300 0.0399  -0.0442 46 LEU A N   
312 C  CA  . LEU A 49 ? 0.3426 0.4281 0.4118 -0.0252 0.0284  -0.0382 46 LEU A CA  
313 C  C   . LEU A 49 ? 0.3756 0.4632 0.4539 -0.0357 0.0235  -0.0453 46 LEU A C   
314 O  O   . LEU A 49 ? 0.3685 0.4852 0.4685 -0.0365 0.0163  -0.0562 46 LEU A O   
315 C  CB  . LEU A 49 ? 0.3818 0.4722 0.4458 -0.0082 0.0171  -0.0361 46 LEU A CB  
316 C  CG  . LEU A 49 ? 0.3670 0.4347 0.4101 -0.0045 0.0097  -0.0284 46 LEU A CG  
317 C  CD1 . LEU A 49 ? 0.4161 0.4579 0.4411 -0.0065 0.0148  -0.0211 46 LEU A CD1 
318 C  CD2 . LEU A 49 ? 0.4054 0.4783 0.4447 0.0089  0.0000  -0.0253 46 LEU A CD2 
319 N  N   . VAL A 50 ? 0.3698 0.4273 0.4316 -0.0420 0.0260  -0.0406 47 VAL A N   
320 C  CA  . VAL A 50 ? 0.3702 0.4192 0.4365 -0.0520 0.0232  -0.0489 47 VAL A CA  
321 C  C   . VAL A 50 ? 0.3659 0.3984 0.4132 -0.0415 0.0145  -0.0466 47 VAL A C   
322 O  O   . VAL A 50 ? 0.3989 0.4099 0.4281 -0.0350 0.0165  -0.0357 47 VAL A O   
323 C  CB  . VAL A 50 ? 0.3983 0.4205 0.4621 -0.0676 0.0369  -0.0450 47 VAL A CB  
324 C  CG1 . VAL A 50 ? 0.4377 0.4472 0.5089 -0.0791 0.0340  -0.0564 47 VAL A CG1 
325 C  CG2 . VAL A 50 ? 0.4323 0.4710 0.5123 -0.0787 0.0514  -0.0441 47 VAL A CG2 
326 N  N   . LEU A 51 ? 0.3978 0.4438 0.4488 -0.0390 0.0048  -0.0575 48 LEU A N   
327 C  CA  . LEU A 51 ? 0.3803 0.4157 0.4140 -0.0290 -0.0005 -0.0576 48 LEU A CA  
328 C  C   . LEU A 51 ? 0.3849 0.3901 0.4132 -0.0347 0.0037  -0.0618 48 LEU A C   
329 O  O   . LEU A 51 ? 0.4307 0.4312 0.4674 -0.0452 0.0027  -0.0753 48 LEU A O   
330 C  CB  . LEU A 51 ? 0.4101 0.4695 0.4422 -0.0224 -0.0114 -0.0674 48 LEU A CB  
331 C  CG  . LEU A 51 ? 0.4191 0.4717 0.4309 -0.0118 -0.0133 -0.0681 48 LEU A CG  
332 C  CD1 . LEU A 51 ? 0.4261 0.4734 0.4282 -0.0031 -0.0083 -0.0510 48 LEU A CD1 
333 C  CD2 . LEU A 51 ? 0.4832 0.5587 0.4866 -0.0054 -0.0241 -0.0787 48 LEU A CD2 
334 N  N   . ILE A 52 ? 0.4280 0.4112 0.4431 -0.0273 0.0073  -0.0512 49 ILE A N   
335 C  CA  . ILE A 52 ? 0.4296 0.3787 0.4368 -0.0271 0.0103  -0.0532 49 ILE A CA  
336 C  C   . ILE A 52 ? 0.4455 0.3971 0.4464 -0.0160 0.0055  -0.0643 49 ILE A C   
337 O  O   . ILE A 52 ? 0.4488 0.3798 0.4479 -0.0183 0.0054  -0.0771 49 ILE A O   
338 C  CB  . ILE A 52 ? 0.4617 0.3915 0.4574 -0.0198 0.0136  -0.0370 49 ILE A CB  
339 C  CG1 . ILE A 52 ? 0.4902 0.4174 0.4846 -0.0287 0.0198  -0.0265 49 ILE A CG1 
340 C  CG2 . ILE A 52 ? 0.5193 0.4136 0.5050 -0.0132 0.0144  -0.0373 49 ILE A CG2 
341 C  CD1 . ILE A 52 ? 0.5049 0.4220 0.5081 -0.0469 0.0285  -0.0312 49 ILE A CD1 
342 N  N   . SER A 53 ? 0.4111 0.3849 0.4079 -0.0043 0.0034  -0.0597 50 SER A N   
343 C  CA  . SER A 53 ? 0.4404 0.4213 0.4291 0.0076  0.0029  -0.0685 50 SER A CA  
344 C  C   . SER A 53 ? 0.4383 0.4498 0.4222 0.0125  0.0019  -0.0644 50 SER A C   
345 O  O   . SER A 53 ? 0.4058 0.4266 0.3925 0.0153  0.0045  -0.0505 50 SER A O   
346 C  CB  . SER A 53 ? 0.4655 0.4327 0.4529 0.0205  0.0064  -0.0641 50 SER A CB  
347 O  OG  . SER A 53 ? 0.5018 0.4804 0.4832 0.0327  0.0090  -0.0743 50 SER A OG  
348 N  N   . ALA A 54 ? 0.4486 0.4724 0.4219 0.0147  -0.0017 -0.0767 51 ALA A N   
349 C  CA  . ALA A 54 ? 0.4914 0.5386 0.4508 0.0223  -0.0010 -0.0708 51 ALA A CA  
350 C  C   . ALA A 54 ? 0.4885 0.5394 0.4384 0.0336  0.0083  -0.0723 51 ALA A C   
351 O  O   . ALA A 54 ? 0.5485 0.6167 0.4877 0.0385  0.0142  -0.0624 51 ALA A O   
352 C  CB  . ALA A 54 ? 0.5425 0.6037 0.4901 0.0220  -0.0109 -0.0824 51 ALA A CB  
353 N  N   . SER A 55 ? 0.4645 0.5000 0.4161 0.0388  0.0107  -0.0853 52 SER A N   
354 C  CA  A SER A 55 ? 0.5022 0.5449 0.4485 0.0529  0.0208  -0.0900 52 SER A CA  
355 C  CA  B SER A 55 ? 0.4798 0.5231 0.4257 0.0529  0.0210  -0.0898 52 SER A CA  
356 C  C   . SER A 55 ? 0.4394 0.4945 0.4045 0.0553  0.0281  -0.0728 52 SER A C   
357 O  O   . SER A 55 ? 0.4462 0.5231 0.4113 0.0631  0.0389  -0.0704 52 SER A O   
358 C  CB  A SER A 55 ? 0.5441 0.5613 0.4907 0.0599  0.0201  -0.1080 52 SER A CB  
359 C  CB  B SER A 55 ? 0.5055 0.5249 0.4497 0.0604  0.0204  -0.1090 52 SER A CB  
360 O  OG  A SER A 55 ? 0.6754 0.6815 0.6071 0.0551  0.0125  -0.1275 52 SER A OG  
361 O  OG  B SER A 55 ? 0.5359 0.5680 0.4755 0.0771  0.0314  -0.1156 52 SER A OG  
362 N  N   . ALA A 56 ? 0.4234 0.4651 0.4042 0.0489  0.0225  -0.0635 53 ALA A N   
363 C  CA  . ALA A 56 ? 0.4432 0.4977 0.4428 0.0496  0.0249  -0.0497 53 ALA A CA  
364 C  C   . ALA A 56 ? 0.4203 0.4973 0.4194 0.0422  0.0301  -0.0374 53 ALA A C   
365 O  O   . ALA A 56 ? 0.4213 0.4953 0.4058 0.0360  0.0272  -0.0350 53 ALA A O   
366 C  CB  . ALA A 56 ? 0.4129 0.4470 0.4197 0.0439  0.0164  -0.0426 53 ALA A CB  
367 N  N   . LYS A 57 ? 0.4005 0.4983 0.4173 0.0425  0.0365  -0.0296 54 LYS A N   
368 C  CA  . LYS A 57 ? 0.4342 0.5469 0.4515 0.0327  0.0436  -0.0164 54 LYS A CA  
369 C  C   . LYS A 57 ? 0.4000 0.5175 0.4423 0.0248  0.0391  -0.0086 54 LYS A C   
370 O  O   . LYS A 57 ? 0.4230 0.5588 0.4886 0.0295  0.0401  -0.0118 54 LYS A O   
371 C  CB  . LYS A 57 ? 0.5577 0.6947 0.5696 0.0378  0.0602  -0.0170 54 LYS A CB  
372 C  CG  . LYS A 57 ? 0.6193 0.7494 0.5961 0.0441  0.0622  -0.0236 54 LYS A CG  
373 C  CD  . LYS A 57 ? 0.7768 0.8937 0.7325 0.0363  0.0559  -0.0123 54 LYS A CD  
374 C  CE  . LYS A 57 ? 0.8575 0.9669 0.7823 0.0431  0.0481  -0.0223 54 LYS A CE  
375 N  NZ  . LYS A 57 ? 0.8612 0.9549 0.7945 0.0422  0.0335  -0.0364 54 LYS A NZ  
376 N  N   . PRO A 58 ? 0.4041 0.5063 0.4426 0.0144  0.0322  -0.0008 55 PRO A N   
377 C  CA  . PRO A 58 ? 0.4015 0.4856 0.4173 0.0126  0.0287  0.0013  55 PRO A CA  
378 C  C   . PRO A 58 ? 0.3875 0.4553 0.3958 0.0169  0.0198  -0.0085 55 PRO A C   
379 O  O   . PRO A 58 ? 0.3747 0.4359 0.3920 0.0200  0.0157  -0.0129 55 PRO A O   
380 C  CB  . PRO A 58 ? 0.4611 0.5349 0.4813 0.0025  0.0247  0.0108  55 PRO A CB  
381 C  CG  . PRO A 58 ? 0.4569 0.5357 0.4983 -0.0002 0.0196  0.0083  55 PRO A CG  
382 C  CD  . PRO A 58 ? 0.4778 0.5813 0.5351 0.0054  0.0264  0.0042  55 PRO A CD  
383 N  N   . PRO A 59 ? 0.4012 0.4621 0.3943 0.0166  0.0164  -0.0112 56 PRO A N   
384 C  CA  . PRO A 59 ? 0.3986 0.4468 0.3898 0.0161  0.0100  -0.0213 56 PRO A CA  
385 C  C   . PRO A 59 ? 0.3891 0.4234 0.3889 0.0110  0.0063  -0.0178 56 PRO A C   
386 O  O   . PRO A 59 ? 0.3981 0.4326 0.4014 0.0076  0.0053  -0.0097 56 PRO A O   
387 C  CB  . PRO A 59 ? 0.4056 0.4584 0.3862 0.0152  0.0054  -0.0235 56 PRO A CB  
388 C  CG  . PRO A 59 ? 0.4287 0.4935 0.3954 0.0206  0.0103  -0.0175 56 PRO A CG  
389 C  CD  . PRO A 59 ? 0.4396 0.5067 0.4163 0.0178  0.0185  -0.0059 56 PRO A CD  
390 N  N   . VAL A 60 ? 0.3810 0.4001 0.3810 0.0106  0.0049  -0.0242 57 VAL A N   
391 C  CA  . VAL A 60 ? 0.3781 0.3810 0.3790 0.0068  0.0033  -0.0192 57 VAL A CA  
392 C  C   . VAL A 60 ? 0.3937 0.3929 0.3943 -0.0020 0.0041  -0.0218 57 VAL A C   
393 O  O   . VAL A 60 ? 0.3898 0.3873 0.3919 -0.0058 0.0044  -0.0314 57 VAL A O   
394 C  CB  . VAL A 60 ? 0.3799 0.3638 0.3782 0.0126  0.0030  -0.0207 57 VAL A CB  
395 C  CG1 . VAL A 60 ? 0.4132 0.3768 0.4037 0.0093  0.0024  -0.0134 57 VAL A CG1 
396 C  CG2 . VAL A 60 ? 0.4114 0.4080 0.4171 0.0237  0.0020  -0.0197 57 VAL A CG2 
397 N  N   . CYS A 61 ? 0.3827 0.3833 0.3835 -0.0051 0.0045  -0.0159 58 CYS A N   
398 C  CA  A CYS A 61 ? 0.3846 0.3874 0.3894 -0.0123 0.0077  -0.0185 58 CYS A CA  
399 C  CA  B CYS A 61 ? 0.4191 0.4217 0.4242 -0.0125 0.0078  -0.0186 58 CYS A CA  
400 C  C   . CYS A 61 ? 0.4533 0.4396 0.4497 -0.0153 0.0126  -0.0122 58 CYS A C   
401 O  O   . CYS A 61 ? 0.4239 0.4027 0.4104 -0.0099 0.0092  -0.0061 58 CYS A O   
402 C  CB  A CYS A 61 ? 0.3768 0.3969 0.3865 -0.0093 0.0054  -0.0179 58 CYS A CB  
403 C  CB  B CYS A 61 ? 0.4349 0.4565 0.4457 -0.0096 0.0051  -0.0193 58 CYS A CB  
404 S  SG  A CYS A 61 ? 0.3997 0.4380 0.4107 -0.0038 -0.0008 -0.0227 58 CYS A SG  
405 S  SG  B CYS A 61 ? 0.5115 0.5286 0.5156 -0.0039 0.0033  -0.0102 58 CYS A SG  
406 N  N   . LYS A 62 ? 0.4274 0.4093 0.4262 -0.0240 0.0203  -0.0141 59 LYS A N   
407 C  CA  . LYS A 62 ? 0.4421 0.4082 0.4264 -0.0269 0.0282  -0.0067 59 LYS A CA  
408 C  C   . LYS A 62 ? 0.4325 0.4176 0.4266 -0.0311 0.0359  -0.0101 59 LYS A C   
409 O  O   . LYS A 62 ? 0.4213 0.4272 0.4374 -0.0369 0.0376  -0.0184 59 LYS A O   
410 C  CB  . LYS A 62 ? 0.4794 0.4196 0.4560 -0.0352 0.0359  -0.0031 59 LYS A CB  
411 C  CG  . LYS A 62 ? 0.6049 0.5167 0.5623 -0.0263 0.0304  0.0047  59 LYS A CG  
412 C  CD  . LYS A 62 ? 0.5946 0.4717 0.5391 -0.0338 0.0400  0.0114  59 LYS A CD  
413 C  CE  . LYS A 62 ? 0.6070 0.4631 0.5230 -0.0344 0.0487  0.0255  59 LYS A CE  
414 N  NZ  . LYS A 62 ? 0.6181 0.4336 0.5204 -0.0426 0.0592  0.0342  59 LYS A NZ  
415 N  N   . VAL A 63 ? 0.4332 0.4123 0.4110 -0.0274 0.0402  -0.0055 60 VAL A N   
416 C  CA  . VAL A 63 ? 0.4381 0.4325 0.4206 -0.0287 0.0513  -0.0089 60 VAL A CA  
417 C  C   . VAL A 63 ? 0.4608 0.4414 0.4315 -0.0396 0.0675  -0.0026 60 VAL A C   
418 O  O   . VAL A 63 ? 0.5090 0.4637 0.4484 -0.0371 0.0695  0.0068  60 VAL A O   
419 C  CB  . VAL A 63 ? 0.4668 0.4593 0.4345 -0.0173 0.0473  -0.0098 60 VAL A CB  
420 C  CG1 . VAL A 63 ? 0.5131 0.5198 0.4829 -0.0160 0.0612  -0.0150 60 VAL A CG1 
421 C  CG2 . VAL A 63 ? 0.5047 0.5052 0.4846 -0.0096 0.0337  -0.0135 60 VAL A CG2 
422 N  N   . MSE A 64 ? 0.4640 0.4613 0.4593 -0.0527 0.0787  -0.0073 61 MSE A N   
423 C  CA  . MSE A 64 ? 0.5019 0.4824 0.4886 -0.0679 0.0973  0.0003  61 MSE A CA  
424 C  C   . MSE A 64 ? 0.4973 0.5126 0.5231 -0.0831 0.1108  -0.0094 61 MSE A C   
425 O  O   . MSE A 64 ? 0.4951 0.5459 0.5524 -0.0786 0.1009  -0.0223 61 MSE A O   
426 C  CB  . MSE A 64 ? 0.5458 0.4913 0.5223 -0.0745 0.0933  0.0070  61 MSE A CB  
427 C  CG  . MSE A 64 ? 0.5463 0.5060 0.5543 -0.0808 0.0837  -0.0056 61 MSE A CG  
428 SE SE  . MSE A 64 ? 0.5692 0.4781 0.5612 -0.0842 0.0781  -0.0007 61 MSE A SE  
429 C  CE  . MSE A 64 ? 0.6616 0.5316 0.6347 -0.1041 0.1044  0.0154  61 MSE A CE  
430 N  N   . ASP A 65 ? 0.5569 0.5629 0.5802 -0.1003 0.1326  -0.0026 62 ASP A N   
431 C  CA  . ASP A 65 ? 0.5916 0.6328 0.6587 -0.1208 0.1483  -0.0121 62 ASP A CA  
432 C  C   . ASP A 65 ? 0.5732 0.6068 0.6637 -0.1353 0.1376  -0.0199 62 ASP A C   
433 O  O   . ASP A 65 ? 0.6104 0.5962 0.6778 -0.1443 0.1407  -0.0097 62 ASP A O   
434 C  CB  . ASP A 65 ? 0.6576 0.6885 0.7104 -0.1360 0.1791  0.0000  62 ASP A CB  
435 C  CG  . ASP A 65 ? 0.7496 0.8158 0.8506 -0.1625 0.1996  -0.0081 62 ASP A CG  
436 O  OD1 . ASP A 65 ? 0.7130 0.8236 0.8639 -0.1662 0.1879  -0.0268 62 ASP A OD1 
437 O  OD2 . ASP A 65 ? 0.8850 0.9337 0.9723 -0.1802 0.2272  0.0049  62 ASP A OD2 
438 N  N   . TYR A 66 ? 0.5445 0.6209 0.6754 -0.1350 0.1240  -0.0381 63 TYR A N   
439 C  CA  . TYR A 66 ? 0.5981 0.6736 0.7512 -0.1469 0.1106  -0.0510 63 TYR A CA  
440 C  C   . TYR A 66 ? 0.6365 0.6957 0.8064 -0.1787 0.1294  -0.0513 63 TYR A C   
441 O  O   . TYR A 66 ? 0.6672 0.6921 0.8335 -0.1898 0.1232  -0.0553 63 TYR A O   
442 C  CB  . TYR A 66 ? 0.6142 0.7460 0.8072 -0.1408 0.0935  -0.0709 63 TYR A CB  
443 C  CG  . TYR A 66 ? 0.6658 0.7986 0.8793 -0.1552 0.0803  -0.0871 63 TYR A CG  
444 C  CD1 . TYR A 66 ? 0.6965 0.7888 0.8803 -0.1478 0.0668  -0.0862 63 TYR A CD1 
445 C  CD2 . TYR A 66 ? 0.7545 0.9255 1.0165 -0.1781 0.0834  -0.1047 63 TYR A CD2 
446 C  CE1 . TYR A 66 ? 0.7469 0.8346 0.9441 -0.1601 0.0554  -0.1037 63 TYR A CE1 
447 C  CE2 . TYR A 66 ? 0.7969 0.9642 1.0752 -0.1933 0.0702  -0.1227 63 TYR A CE2 
448 C  CZ  . TYR A 66 ? 0.7963 0.9195 1.0389 -0.1831 0.0559  -0.1225 63 TYR A CZ  
449 O  OH  . TYR A 66 ? 0.8951 1.0105 1.1484 -0.1962 0.0431  -0.1428 63 TYR A OH  
450 N  N   . ASN A 67 ? 0.6721 0.7537 0.8612 -0.1943 0.1537  -0.0481 64 ASN A N   
451 C  CA  . ASN A 67 ? 0.7871 0.8504 0.9929 -0.2291 0.1766  -0.0455 64 ASN A CA  
452 C  C   . ASN A 67 ? 0.8051 0.7886 0.9579 -0.2310 0.1832  -0.0243 64 ASN A C   
453 O  O   . ASN A 67 ? 0.8448 0.7930 1.0044 -0.2535 0.1875  -0.0263 64 ASN A O   
454 C  CB  . ASN A 67 ? 0.8562 0.9609 1.0898 -0.2445 0.2059  -0.0433 64 ASN A CB  
455 C  CG  . ASN A 67 ? 0.8746 1.0606 1.1700 -0.2430 0.1966  -0.0674 64 ASN A CG  
456 O  OD1 . ASN A 67 ? 0.8566 1.0661 1.1900 -0.2530 0.1781  -0.0874 64 ASN A OD1 
457 N  ND2 . ASN A 67 ? 0.9111 1.1402 1.2149 -0.2280 0.2077  -0.0668 64 ASN A ND2 
458 N  N   . LYS A 68 ? 0.8004 0.7555 0.9027 -0.2062 0.1809  -0.0067 65 LYS A N   
459 C  CA  . LYS A 68 ? 0.8458 0.7284 0.8949 -0.2008 0.1829  0.0144  65 LYS A CA  
460 C  C   . LYS A 68 ? 0.8609 0.7162 0.9066 -0.1908 0.1576  0.0051  65 LYS A C   
461 O  O   . LYS A 68 ? 0.8906 0.6885 0.9165 -0.1983 0.1611  0.0135  65 LYS A O   
462 C  CB  . LYS A 68 ? 0.8508 0.7227 0.8518 -0.1757 0.1834  0.0314  65 LYS A CB  
463 C  CG  . LYS A 68 ? 0.9293 0.7352 0.8751 -0.1627 0.1790  0.0520  65 LYS A CG  
464 C  CD  . LYS A 68 ? 0.9777 0.7765 0.8763 -0.1429 0.1820  0.0677  65 LYS A CD  
465 C  CE  . LYS A 68 ? 1.0599 0.8075 0.9105 -0.1216 0.1662  0.0828  65 LYS A CE  
466 N  NZ  . LYS A 68 ? 1.1231 0.8630 0.9242 -0.1045 0.1685  0.0974  65 LYS A NZ  
467 N  N   . PHE A 69 ? 0.7834 0.6760 0.8452 -0.1732 0.1344  -0.0111 66 PHE A N   
468 C  CA  . PHE A 69 ? 0.7761 0.6519 0.8356 -0.1624 0.1122  -0.0223 66 PHE A CA  
469 C  C   . PHE A 69 ? 0.8247 0.6860 0.9111 -0.1884 0.1148  -0.0375 66 PHE A C   
470 O  O   . PHE A 69 ? 0.8282 0.6381 0.8962 -0.1877 0.1107  -0.0370 66 PHE A O   
471 C  CB  . PHE A 69 ? 0.7079 0.6314 0.7817 -0.1433 0.0914  -0.0363 66 PHE A CB  
472 C  CG  . PHE A 69 ? 0.6789 0.5887 0.7463 -0.1315 0.0723  -0.0472 66 PHE A CG  
473 C  CD1 . PHE A 69 ? 0.7066 0.5824 0.7410 -0.1117 0.0657  -0.0363 66 PHE A CD1 
474 C  CD2 . PHE A 69 ? 0.7114 0.6460 0.8056 -0.1388 0.0606  -0.0696 66 PHE A CD2 
475 C  CE1 . PHE A 69 ? 0.7040 0.5712 0.7341 -0.0997 0.0515  -0.0472 66 PHE A CE1 
476 C  CE2 . PHE A 69 ? 0.7449 0.6663 0.8281 -0.1270 0.0455  -0.0805 66 PHE A CE2 
477 C  CZ  . PHE A 69 ? 0.7501 0.6386 0.8019 -0.1073 0.0426  -0.0690 66 PHE A CZ  
478 N  N   . ARG A 70 ? 0.8432 0.7526 0.9745 -0.2088 0.1197  -0.0529 67 ARG A N   
479 C  CA  . ARG A 70 ? 0.9330 0.8473 1.1029 -0.2373 0.1187  -0.0746 67 ARG A CA  
480 C  C   . ARG A 70 ? 1.0052 0.8517 1.1600 -0.2609 0.1392  -0.0619 67 ARG A C   
481 O  O   . ARG A 70 ? 1.0016 0.8105 1.1587 -0.2713 0.1315  -0.0753 67 ARG A O   
482 C  CB  . ARG A 70 ? 0.9473 0.9360 1.1703 -0.2519 0.1218  -0.0898 67 ARG A CB  
483 C  CG  . ARG A 70 ? 1.1090 1.1051 1.3776 -0.2914 0.1326  -0.1059 67 ARG A CG  
484 C  CD  . ARG A 70 ? 1.1332 1.2149 1.4614 -0.3005 0.1270  -0.1273 67 ARG A CD  
485 N  NE  . ARG A 70 ? 1.2202 1.3171 1.5970 -0.3421 0.1476  -0.1359 67 ARG A NE  
486 C  CZ  . ARG A 70 ? 1.2897 1.3543 1.6844 -0.3736 0.1480  -0.1503 67 ARG A CZ  
487 N  NH1 . ARG A 70 ? 1.3116 1.3236 1.6758 -0.3655 0.1287  -0.1586 67 ARG A NH1 
488 N  NH2 . ARG A 70 ? 1.3441 1.4296 1.7892 -0.4143 0.1690  -0.1577 67 ARG A NH2 
489 N  N   . TYR A 71 ? 1.0577 0.8825 1.1906 -0.2662 0.1637  -0.0362 68 TYR A N   
490 C  CA  A TYR A 71 ? 1.1523 0.9072 1.2656 -0.2894 0.1867  -0.0188 68 TYR A CA  
491 C  CA  B TYR A 71 ? 1.1466 0.9019 1.2578 -0.2885 0.1878  -0.0170 68 TYR A CA  
492 C  C   . TYR A 71 ? 1.1862 0.8665 1.2429 -0.2644 0.1777  -0.0018 68 TYR A C   
493 O  O   . TYR A 71 ? 1.2533 0.8684 1.2990 -0.2791 0.1846  0.0019  68 TYR A O   
494 C  CB  A TYR A 71 ? 1.1885 0.9562 1.3040 -0.3087 0.2194  0.0003  68 TYR A CB  
495 C  CB  B TYR A 71 ? 1.1688 0.9354 1.2713 -0.2992 0.2181  0.0056  68 TYR A CB  
496 C  CG  A TYR A 71 ? 1.1776 0.9940 1.3579 -0.3473 0.2338  -0.0186 68 TYR A CG  
497 C  CG  B TYR A 71 ? 1.2224 0.9100 1.2707 -0.3023 0.2394  0.0377  68 TYR A CG  
498 C  CD1 A TYR A 71 ? 1.2462 1.0286 1.4523 -0.3813 0.2389  -0.0302 68 TYR A CD1 
499 C  CD1 B TYR A 71 ? 1.2942 0.9421 1.3501 -0.3395 0.2676  0.0476  68 TYR A CD1 
500 C  CD2 A TYR A 71 ? 1.1375 1.0360 1.3575 -0.3486 0.2401  -0.0279 68 TYR A CD2 
501 C  CD2 B TYR A 71 ? 1.2233 0.8756 1.2122 -0.2681 0.2306  0.0589  68 TYR A CD2 
502 C  CE1 A TYR A 71 ? 1.2585 1.0907 1.5307 -0.4195 0.2504  -0.0502 68 TYR A CE1 
503 C  CE1 B TYR A 71 ? 1.3627 0.9317 1.3621 -0.3405 0.2873  0.0806  68 TYR A CE1 
504 C  CE2 A TYR A 71 ? 1.1486 1.1009 1.4356 -0.3829 0.2515  -0.0472 68 TYR A CE2 
505 C  CE2 B TYR A 71 ? 1.2936 0.8728 1.2277 -0.2666 0.2467  0.0896  68 TYR A CE2 
506 C  CZ  A TYR A 71 ? 1.2062 1.1276 1.5209 -0.4199 0.2565  -0.0587 68 TYR A CZ  
507 C  CZ  B TYR A 71 ? 1.3652 0.9003 1.3015 -0.3018 0.2756  0.1020  68 TYR A CZ  
508 O  OH  A TYR A 71 ? 1.1843 1.1633 1.5709 -0.4563 0.2663  -0.0803 68 TYR A OH  
509 O  OH  B TYR A 71 ? 1.4656 0.9229 1.3414 -0.2988 0.2920  0.1356  68 TYR A OH  
510 N  N   . GLN A 72 ? 1.1408 0.8297 1.1665 -0.2282 0.1617  0.0062  69 GLN A N   
511 C  CA  . GLN A 72 ? 1.2054 0.8354 1.1870 -0.2013 0.1487  0.0174  69 GLN A CA  
512 C  C   . GLN A 72 ? 1.2909 0.8971 1.2889 -0.2046 0.1343  -0.0058 69 GLN A C   
513 O  O   . GLN A 72 ? 1.3285 0.8634 1.3017 -0.2032 0.1370  0.0021  69 GLN A O   
514 C  CB  . GLN A 72 ? 1.1840 0.8437 1.1460 -0.1653 0.1298  0.0208  69 GLN A CB  
515 C  CG  . GLN A 72 ? 1.1734 0.8309 1.0997 -0.1536 0.1397  0.0459  69 GLN A CG  
516 C  CD  . GLN A 72 ? 1.1395 0.8436 1.0620 -0.1278 0.1230  0.0427  69 GLN A CD  
517 O  OE1 . GLN A 72 ? 0.9558 0.6925 0.8997 -0.1168 0.1048  0.0251  69 GLN A OE1 
518 N  NE2 . GLN A 72 ? 1.1586 0.8640 1.0509 -0.1189 0.1302  0.0599  69 GLN A NE2 
519 N  N   . ASN A 73 ? 1.2585 0.9204 1.2933 -0.2070 0.1191  -0.0336 70 ASN A N   
520 C  CA  . ASN A 73 ? 1.2854 0.9364 1.3366 -0.2104 0.1038  -0.0616 70 ASN A CA  
521 C  C   . ASN A 73 ? 1.3339 0.9534 1.4099 -0.2500 0.1177  -0.0720 70 ASN A C   
522 O  O   . ASN A 73 ? 1.3259 0.9802 1.4407 -0.2695 0.1097  -0.1003 70 ASN A O   
523 C  CB  . ASN A 73 ? 1.2130 0.9355 1.2886 -0.1994 0.0838  -0.0848 70 ASN A CB  
524 C  CG  . ASN A 73 ? 1.1822 0.9267 1.2333 -0.1642 0.0729  -0.0729 70 ASN A CG  
525 O  OD1 . ASN A 73 ? 1.2169 0.9436 1.2491 -0.1418 0.0611  -0.0770 70 ASN A OD1 
526 N  ND2 . ASN A 73 ? 1.1769 0.9591 1.2293 -0.1596 0.0782  -0.0589 70 ASN A ND2 
# 
